data_7RZ8
#
_entry.id   7RZ8
#
_cell.length_a   1.00
_cell.length_b   1.00
_cell.length_c   1.00
_cell.angle_alpha   90.00
_cell.angle_beta   90.00
_cell.angle_gamma   90.00
#
_symmetry.space_group_name_H-M   'P 1'
#
loop_
_entity.id
_entity.type
_entity.pdbx_description
1 polymer 'Glutamate receptor 2'
2 non-polymer 1,2-DIOLEOYL-SN-GLYCERO-3-PHOSPHOCHOLINE
3 non-polymer '(S)-2-AMINO-3-(3,5-DIOXO-[1,2,4]OXADIAZOLIDIN-2-YL)-PROPIONIC ACID'
#
_entity_poly.entity_id   1
_entity_poly.type   'polypeptide(L)'
_entity_poly.pdbx_seq_one_letter_code
;NSIQIGGLFPRGADQEYSAFRVGMVQFSTSEFRLTPHIDNLEVANSFAVTNAFCSQFSRGVYAIFGFYDKKSVNTITSFC
GTLHVSFITPSFPTDGTHPFVIQMRPDLKGALLSLIEYYQWDKFAYLYDSDRGLSTLQAVLDSAAEKKWQVTAINVGNIN
NDKKDETYRSLFQDLELKKERRVILDCERDKVNDIVDQVITIGKHVKGYHYIIANLGFTDGDLLKIQFGGAEVSGFQIVD
YDDSLVSKFIERWSTLEEKEYPGAHTATIKYTSALTYDAVQVMTEAFRNLRKQRIEISRRGNAGDCLANPAVPWGQGVEI
ERALKQVQVEGLSGNIKFDQNGKRINYTINIMELKTNGPRKIGYWSEVDKMVLTEDDTSGLEQKTVVVTTILESPYVMMK
KNHEMLEGNERYEGYCVDLAAEIAKHCGFKYKLTIVGDGKYGARDADTKIWNGMVGELVYGKADIAIAPLTITLVREEVI
DFSKPFMSLGISIMIKKPQKSKPGVFSFLDPLAYEIWMCIVFAYIGVSVVLFLVSRFSPYEWHTEEFEDGRETQSSESTN
EFGIFNSLWFSLGAFMQQGCDISPRSLSGRIVGGVWWFFTLIIISSYTANLAAFLTVERMVSPIESAEDLSKQTEIAYGT
LDSGSTKEFFRRSKIAVFDKMWTYMRSAEPSVFVRTTAEGVARVRKSKGKYAYLLESTMNEYIEQRKPCDTMKVGGNLDS
KGYGIATPKGSSLGTPVNLAVLKLSEQGVLDKLKNKWWYDKGECGAKDSGSKEKTSALSLSNVAGVFYILVGGLGLAMLV
ALIEFCYKSRAEAKRMKGTGSACGRKALTLLSSVFAVCGLGLLGIAVSTDYWLYLEEGIILPQNQSTEVKMSLHSGLWRV
CFLAGEERGRCFTIEYVMPMNSQMTSESTVNVLKMIRSATPFPLVSLFFMFIGFILSNIGHIRPHRTILAFVSGIFFILS
GLSLVVGLVLYISSINDEMLNRTKDAETYFNYKYGWSFAFAAISFLLTESAGVMSVYLFMKRYTAETGGLVPRGSAAA
;
_entity_poly.pdbx_strand_id   A,B,C,D
#
loop_
_chem_comp.id
_chem_comp.type
_chem_comp.name
_chem_comp.formula
PCW non-polymer 1,2-DIOLEOYL-SN-GLYCERO-3-PHOSPHOCHOLINE 'C44 H85 N O8 P 1'
QUS non-polymer '(S)-2-AMINO-3-(3,5-DIOXO-[1,2,4]OXADIAZOLIDIN-2-YL)-PROPIONIC ACID' 'C5 H7 N3 O5'
#
# COMPACT_ATOMS: atom_id res chain seq x y z
N THR A 385 -66.93 -9.98 -4.17
CA THR A 385 -65.73 -9.35 -4.70
C THR A 385 -64.74 -9.06 -3.59
N VAL A 386 -63.45 -9.04 -3.93
CA VAL A 386 -62.39 -8.85 -2.96
C VAL A 386 -61.62 -7.59 -3.30
N VAL A 387 -60.70 -7.23 -2.40
CA VAL A 387 -59.88 -6.04 -2.54
C VAL A 387 -58.42 -6.47 -2.52
N VAL A 388 -57.66 -6.04 -3.52
CA VAL A 388 -56.23 -6.34 -3.61
C VAL A 388 -55.45 -5.03 -3.58
N THR A 389 -54.53 -4.92 -2.61
CA THR A 389 -53.71 -3.74 -2.46
C THR A 389 -52.29 -4.01 -2.93
N THR A 390 -51.66 -2.98 -3.50
CA THR A 390 -50.33 -3.08 -4.09
C THR A 390 -49.59 -1.79 -3.82
N ILE A 391 -48.28 -1.83 -4.01
CA ILE A 391 -47.44 -0.64 -4.01
C ILE A 391 -46.85 -0.48 -5.40
N LEU A 392 -46.73 0.77 -5.85
CA LEU A 392 -46.16 1.07 -7.16
C LEU A 392 -44.64 0.95 -7.11
N GLU A 393 -44.17 -0.29 -7.26
CA GLU A 393 -42.75 -0.60 -7.29
C GLU A 393 -42.43 -1.44 -8.52
N SER A 394 -41.41 -1.03 -9.26
CA SER A 394 -40.91 -1.81 -10.37
C SER A 394 -40.17 -3.04 -9.84
N PRO A 395 -40.26 -4.18 -10.55
CA PRO A 395 -41.11 -4.47 -11.71
C PRO A 395 -42.43 -5.10 -11.30
N TYR A 396 -42.74 -5.06 -10.00
CA TYR A 396 -43.88 -5.79 -9.47
C TYR A 396 -45.19 -5.17 -9.92
N VAL A 397 -45.29 -3.85 -9.86
CA VAL A 397 -46.41 -3.11 -10.43
C VAL A 397 -45.83 -2.02 -11.33
N MET A 398 -46.30 -1.97 -12.56
CA MET A 398 -45.80 -1.02 -13.55
C MET A 398 -46.98 -0.20 -14.07
N MET A 399 -46.64 0.88 -14.76
CA MET A 399 -47.67 1.68 -15.41
C MET A 399 -48.04 1.07 -16.76
N LYS A 400 -48.90 1.78 -17.49
CA LYS A 400 -49.42 1.31 -18.77
C LYS A 400 -49.24 2.42 -19.78
N LYS A 401 -49.09 2.03 -21.06
CA LYS A 401 -49.11 3.02 -22.15
C LYS A 401 -50.47 3.71 -22.24
N ASN A 402 -51.54 3.01 -21.85
CA ASN A 402 -52.84 3.63 -21.60
C ASN A 402 -52.97 3.87 -20.09
N HIS A 403 -52.33 4.95 -19.65
CA HIS A 403 -52.30 5.27 -18.22
C HIS A 403 -53.66 5.68 -17.70
N GLU A 404 -54.45 6.35 -18.55
CA GLU A 404 -55.81 6.74 -18.20
C GLU A 404 -56.85 6.22 -19.17
N MET A 405 -56.45 5.72 -20.33
CA MET A 405 -57.41 5.33 -21.37
C MET A 405 -58.07 3.99 -21.06
N LEU A 406 -57.30 3.05 -20.52
CA LEU A 406 -57.77 1.68 -20.37
C LEU A 406 -58.53 1.53 -19.05
N GLU A 407 -59.27 0.43 -18.93
CA GLU A 407 -60.32 0.26 -17.93
C GLU A 407 -59.97 -0.85 -16.94
N GLY A 408 -60.44 -0.67 -15.70
CA GLY A 408 -60.50 -1.72 -14.71
C GLY A 408 -59.16 -2.02 -14.06
N ASN A 409 -59.01 -3.29 -13.67
CA ASN A 409 -57.75 -3.79 -13.14
C ASN A 409 -56.64 -3.78 -14.17
N GLU A 410 -56.99 -3.78 -15.46
CA GLU A 410 -56.06 -3.70 -16.58
C GLU A 410 -55.42 -2.31 -16.71
N ARG A 411 -55.81 -1.35 -15.85
CA ARG A 411 -55.09 -0.08 -15.70
C ARG A 411 -53.61 -0.28 -15.43
N TYR A 412 -53.26 -1.31 -14.66
CA TYR A 412 -51.88 -1.60 -14.33
C TYR A 412 -51.44 -2.91 -14.96
N GLU A 413 -50.14 -3.18 -14.83
CA GLU A 413 -49.53 -4.38 -15.36
C GLU A 413 -48.29 -4.67 -14.52
N GLY A 414 -47.99 -5.95 -14.32
CA GLY A 414 -46.81 -6.28 -13.55
C GLY A 414 -46.70 -7.73 -13.13
N TYR A 415 -45.60 -8.05 -12.44
CA TYR A 415 -45.39 -9.40 -11.92
C TYR A 415 -46.43 -9.77 -10.89
N CYS A 416 -46.72 -8.87 -9.95
CA CYS A 416 -47.74 -9.16 -8.94
C CYS A 416 -49.14 -9.18 -9.56
N VAL A 417 -49.38 -8.32 -10.55
CA VAL A 417 -50.68 -8.30 -11.22
C VAL A 417 -50.90 -9.60 -11.99
N ASP A 418 -49.86 -10.13 -12.61
CA ASP A 418 -49.97 -11.44 -13.24
C ASP A 418 -50.05 -12.54 -12.19
N LEU A 419 -49.36 -12.36 -11.06
CA LEU A 419 -49.48 -13.31 -9.96
C LEU A 419 -50.87 -13.29 -9.34
N ALA A 420 -51.49 -12.10 -9.28
CA ALA A 420 -52.81 -11.97 -8.67
C ALA A 420 -53.87 -12.70 -9.50
N ALA A 421 -53.71 -12.69 -10.83
CA ALA A 421 -54.62 -13.46 -11.68
C ALA A 421 -54.42 -14.96 -11.49
N GLU A 422 -53.18 -15.38 -11.21
CA GLU A 422 -52.92 -16.78 -10.92
C GLU A 422 -53.55 -17.21 -9.61
N ILE A 423 -53.48 -16.34 -8.59
CA ILE A 423 -54.15 -16.64 -7.31
C ILE A 423 -55.66 -16.64 -7.49
N ALA A 424 -56.16 -15.79 -8.40
CA ALA A 424 -57.60 -15.64 -8.60
C ALA A 424 -58.22 -16.88 -9.22
N LYS A 425 -57.63 -17.37 -10.32
CA LYS A 425 -58.28 -18.41 -11.11
C LYS A 425 -58.24 -19.76 -10.43
N HIS A 426 -57.10 -20.10 -9.81
CA HIS A 426 -56.97 -21.40 -9.16
C HIS A 426 -57.84 -21.51 -7.92
N CYS A 427 -58.05 -20.39 -7.22
CA CYS A 427 -58.97 -20.40 -6.09
C CYS A 427 -60.41 -20.21 -6.57
N GLY A 428 -60.67 -19.16 -7.34
CA GLY A 428 -62.00 -18.96 -7.89
C GLY A 428 -62.71 -17.68 -7.49
N PHE A 429 -61.97 -16.61 -7.22
CA PHE A 429 -62.56 -15.35 -6.84
C PHE A 429 -62.05 -14.24 -7.76
N LYS A 430 -62.99 -13.40 -8.22
CA LYS A 430 -62.65 -12.23 -9.01
C LYS A 430 -62.00 -11.17 -8.10
N TYR A 431 -61.08 -10.40 -8.67
CA TYR A 431 -60.30 -9.45 -7.88
C TYR A 431 -60.46 -8.04 -8.41
N LYS A 432 -60.48 -7.08 -7.48
CA LYS A 432 -60.45 -5.65 -7.78
C LYS A 432 -59.18 -5.06 -7.19
N LEU A 433 -58.34 -4.48 -8.03
CA LEU A 433 -57.08 -3.94 -7.55
C LEU A 433 -57.31 -2.59 -6.86
N THR A 434 -56.47 -2.31 -5.88
CA THR A 434 -56.44 -1.01 -5.20
C THR A 434 -54.99 -0.63 -4.96
N ILE A 435 -54.77 0.66 -4.71
CA ILE A 435 -53.45 1.21 -4.50
C ILE A 435 -53.42 1.83 -3.11
N VAL A 436 -52.30 1.66 -2.41
CA VAL A 436 -52.09 2.36 -1.15
C VAL A 436 -51.94 3.86 -1.42
N GLY A 437 -52.50 4.67 -0.53
CA GLY A 437 -52.49 6.11 -0.76
C GLY A 437 -51.13 6.73 -0.57
N ASP A 438 -50.40 6.30 0.46
CA ASP A 438 -49.14 6.93 0.80
C ASP A 438 -48.01 6.48 -0.13
N GLY A 439 -47.91 5.18 -0.36
CA GLY A 439 -46.81 4.65 -1.15
C GLY A 439 -45.65 4.14 -0.35
N LYS A 440 -45.82 3.89 0.94
CA LYS A 440 -44.79 3.30 1.79
C LYS A 440 -45.23 1.90 2.18
N TYR A 441 -44.26 1.03 2.46
CA TYR A 441 -44.55 -0.38 2.67
C TYR A 441 -45.25 -0.61 4.01
N GLY A 442 -44.57 -0.30 5.10
CA GLY A 442 -45.13 -0.50 6.42
C GLY A 442 -44.21 0.00 7.52
N ALA A 443 -44.74 0.76 8.48
CA ALA A 443 -43.92 1.42 9.48
C ALA A 443 -44.45 1.11 10.87
N ARG A 444 -43.55 0.69 11.76
CA ARG A 444 -43.88 0.48 13.17
C ARG A 444 -43.05 1.44 14.00
N ASP A 445 -43.68 2.49 14.51
CA ASP A 445 -43.02 3.51 15.31
C ASP A 445 -43.24 3.25 16.79
N ALA A 446 -42.40 3.86 17.62
CA ALA A 446 -42.66 3.86 19.05
C ALA A 446 -43.84 4.76 19.33
N ASP A 447 -45.04 4.17 19.34
CA ASP A 447 -46.26 4.89 19.06
C ASP A 447 -47.42 3.94 19.37
N THR A 448 -48.65 4.30 18.96
CA THR A 448 -49.74 3.34 18.93
C THR A 448 -49.54 2.25 17.88
N LYS A 449 -48.53 2.40 17.01
CA LYS A 449 -48.02 1.42 16.04
C LYS A 449 -49.09 0.93 15.07
N ILE A 450 -50.05 1.81 14.77
CA ILE A 450 -50.86 1.68 13.56
C ILE A 450 -49.90 1.73 12.39
N TRP A 451 -49.83 0.64 11.63
CA TRP A 451 -48.82 0.54 10.58
C TRP A 451 -49.18 1.45 9.42
N ASN A 452 -48.31 2.41 9.16
CA ASN A 452 -48.53 3.37 8.11
C ASN A 452 -47.96 2.77 6.83
N GLY A 453 -48.85 2.26 5.98
CA GLY A 453 -48.41 1.59 4.77
C GLY A 453 -49.43 0.58 4.31
N MET A 454 -48.95 -0.40 3.54
CA MET A 454 -49.82 -1.46 3.03
C MET A 454 -50.33 -2.36 4.15
N VAL A 455 -49.57 -2.47 5.23
CA VAL A 455 -49.95 -3.37 6.32
C VAL A 455 -51.19 -2.86 7.03
N GLY A 456 -51.24 -1.55 7.31
CA GLY A 456 -52.42 -0.97 7.95
C GLY A 456 -53.64 -0.97 7.04
N GLU A 457 -53.42 -0.93 5.72
CA GLU A 457 -54.51 -1.20 4.78
C GLU A 457 -54.99 -2.64 4.93
N LEU A 458 -54.07 -3.55 5.26
CA LEU A 458 -54.38 -4.98 5.27
C LEU A 458 -54.93 -5.43 6.61
N VAL A 459 -54.43 -4.84 7.71
CA VAL A 459 -54.84 -5.25 9.05
C VAL A 459 -56.26 -4.79 9.36
N TYR A 460 -56.47 -3.47 9.31
CA TYR A 460 -57.65 -2.85 9.94
C TYR A 460 -58.91 -2.98 9.11
N GLY A 461 -58.85 -3.59 7.93
CA GLY A 461 -60.04 -3.95 7.19
C GLY A 461 -60.35 -3.13 5.98
N LYS A 462 -59.42 -2.30 5.50
CA LYS A 462 -59.63 -1.62 4.23
C LYS A 462 -59.50 -2.61 3.07
N ALA A 463 -58.50 -3.48 3.12
CA ALA A 463 -58.22 -4.40 2.04
C ALA A 463 -58.36 -5.84 2.54
N ASP A 464 -58.49 -6.76 1.59
CA ASP A 464 -58.67 -8.17 1.91
C ASP A 464 -57.37 -8.97 1.78
N ILE A 465 -56.79 -8.99 0.58
CA ILE A 465 -55.59 -9.76 0.29
C ILE A 465 -54.56 -8.81 -0.30
N ALA A 466 -53.30 -9.01 0.06
CA ALA A 466 -52.20 -8.22 -0.49
C ALA A 466 -51.38 -9.07 -1.44
N ILE A 467 -51.17 -8.56 -2.65
CA ILE A 467 -50.30 -9.19 -3.63
C ILE A 467 -49.18 -8.20 -3.91
N ALA A 468 -48.10 -8.32 -3.17
CA ALA A 468 -47.09 -7.27 -3.13
C ALA A 468 -45.77 -7.89 -2.70
N PRO A 469 -44.64 -7.22 -2.97
CA PRO A 469 -43.37 -7.68 -2.39
C PRO A 469 -43.21 -7.32 -0.92
N LEU A 470 -44.14 -7.75 -0.08
CA LEU A 470 -44.04 -7.53 1.35
C LEU A 470 -43.07 -8.54 1.97
N THR A 471 -42.17 -8.04 2.80
CA THR A 471 -41.19 -8.90 3.44
C THR A 471 -41.83 -9.61 4.64
N ILE A 472 -41.49 -10.88 4.81
CA ILE A 472 -42.00 -11.69 5.90
C ILE A 472 -41.01 -11.56 7.05
N THR A 473 -41.43 -10.85 8.10
CA THR A 473 -40.64 -10.73 9.32
C THR A 473 -41.50 -11.18 10.49
N LEU A 474 -40.82 -11.43 11.63
CA LEU A 474 -41.51 -11.96 12.79
C LEU A 474 -42.43 -10.94 13.44
N VAL A 475 -42.14 -9.65 13.26
CA VAL A 475 -43.04 -8.60 13.74
C VAL A 475 -44.33 -8.62 12.94
N ARG A 476 -44.22 -8.74 11.61
CA ARG A 476 -45.41 -8.83 10.78
C ARG A 476 -46.07 -10.20 10.90
N GLU A 477 -45.32 -11.22 11.35
CA GLU A 477 -45.85 -12.58 11.43
C GLU A 477 -46.92 -12.69 12.52
N GLU A 478 -46.74 -11.96 13.62
CA GLU A 478 -47.66 -12.10 14.74
C GLU A 478 -48.97 -11.34 14.49
N VAL A 479 -48.94 -10.35 13.59
CA VAL A 479 -50.11 -9.51 13.43
C VAL A 479 -50.98 -9.91 12.24
N ILE A 480 -50.40 -10.54 11.21
CA ILE A 480 -51.18 -11.03 10.08
C ILE A 480 -50.72 -12.43 9.67
N ASP A 481 -51.35 -12.98 8.64
CA ASP A 481 -51.05 -14.31 8.14
C ASP A 481 -50.18 -14.19 6.89
N PHE A 482 -49.17 -15.05 6.80
CA PHE A 482 -48.34 -15.14 5.62
C PHE A 482 -48.37 -16.55 5.06
N SER A 483 -48.29 -16.65 3.75
CA SER A 483 -48.16 -17.94 3.09
C SER A 483 -46.70 -18.38 3.10
N LYS A 484 -46.43 -19.48 2.42
CA LYS A 484 -45.05 -19.89 2.19
C LYS A 484 -44.41 -18.92 1.19
N PRO A 485 -43.11 -18.67 1.32
CA PRO A 485 -42.45 -17.69 0.44
C PRO A 485 -42.42 -18.13 -1.01
N PHE A 486 -42.73 -17.20 -1.91
CA PHE A 486 -42.74 -17.46 -3.34
C PHE A 486 -41.49 -16.93 -4.04
N MET A 487 -40.57 -16.32 -3.29
CA MET A 487 -39.35 -15.78 -3.87
C MET A 487 -38.32 -15.70 -2.74
N SER A 488 -37.04 -15.84 -3.12
CA SER A 488 -35.94 -15.76 -2.19
C SER A 488 -35.09 -14.55 -2.54
N LEU A 489 -34.56 -13.90 -1.51
CA LEU A 489 -34.08 -12.53 -1.64
C LEU A 489 -33.19 -12.19 -0.46
N GLY A 490 -32.47 -11.09 -0.58
CA GLY A 490 -31.65 -10.60 0.51
C GLY A 490 -31.34 -9.13 0.35
N ILE A 491 -30.85 -8.53 1.45
CA ILE A 491 -30.34 -7.17 1.38
C ILE A 491 -29.07 -7.15 0.55
N SER A 492 -29.01 -6.23 -0.41
CA SER A 492 -27.84 -6.11 -1.27
C SER A 492 -27.51 -4.65 -1.48
N ILE A 493 -26.22 -4.33 -1.47
CA ILE A 493 -25.79 -2.96 -1.67
C ILE A 493 -25.83 -2.62 -3.15
N MET A 494 -26.39 -1.47 -3.47
CA MET A 494 -26.29 -0.90 -4.81
C MET A 494 -25.47 0.38 -4.73
N ILE A 495 -24.38 0.42 -5.50
CA ILE A 495 -23.55 1.61 -5.59
C ILE A 495 -23.56 2.07 -7.04
N LYS A 496 -23.00 3.25 -7.26
CA LYS A 496 -22.83 3.74 -8.62
C LYS A 496 -21.74 2.94 -9.31
N LYS A 497 -22.10 2.27 -10.41
CA LYS A 497 -21.07 1.56 -11.15
C LYS A 497 -20.16 2.57 -11.83
N PRO A 498 -18.86 2.54 -11.56
CA PRO A 498 -17.99 3.66 -11.91
C PRO A 498 -17.82 3.81 -13.41
N GLN A 499 -18.29 4.93 -13.94
CA GLN A 499 -18.03 5.32 -15.31
C GLN A 499 -16.56 5.66 -15.40
N LYS A 500 -15.85 5.03 -16.33
CA LYS A 500 -14.48 5.42 -16.56
C LYS A 500 -14.45 6.82 -17.17
N SER A 501 -13.72 7.72 -16.52
CA SER A 501 -13.44 9.02 -17.09
C SER A 501 -12.24 8.83 -18.01
N LYS A 502 -12.50 8.86 -19.32
CA LYS A 502 -11.41 8.86 -20.28
C LYS A 502 -10.57 10.11 -20.04
N PRO A 503 -9.28 9.96 -19.74
CA PRO A 503 -8.49 11.11 -19.28
C PRO A 503 -8.23 12.11 -20.40
N GLY A 504 -7.51 13.17 -20.02
CA GLY A 504 -7.06 14.12 -21.03
C GLY A 504 -6.15 13.46 -22.04
N VAL A 505 -6.18 13.97 -23.27
CA VAL A 505 -5.34 13.47 -24.35
C VAL A 505 -3.87 13.65 -23.98
N PHE A 506 -3.54 14.74 -23.29
CA PHE A 506 -2.19 14.99 -22.81
C PHE A 506 -2.01 14.64 -21.34
N SER A 507 -2.64 13.56 -20.87
CA SER A 507 -2.51 13.15 -19.47
C SER A 507 -1.19 12.45 -19.17
N PHE A 508 -0.33 12.25 -20.16
CA PHE A 508 0.96 11.61 -19.92
C PHE A 508 1.89 12.51 -19.11
N LEU A 509 1.73 13.83 -19.21
CA LEU A 509 2.60 14.79 -18.54
C LEU A 509 2.08 15.18 -17.16
N ASP A 510 1.10 14.46 -16.65
CA ASP A 510 0.58 14.62 -15.29
C ASP A 510 1.55 14.32 -14.13
N PRO A 511 2.52 13.39 -14.21
CA PRO A 511 3.49 13.27 -13.09
C PRO A 511 4.31 14.53 -12.81
N LEU A 512 4.74 15.25 -13.83
CA LEU A 512 5.32 16.55 -13.58
C LEU A 512 4.21 17.60 -13.57
N ALA A 513 4.57 18.81 -13.17
CA ALA A 513 3.63 19.92 -13.22
C ALA A 513 3.85 20.71 -14.51
N TYR A 514 2.84 21.50 -14.88
CA TYR A 514 2.93 22.27 -16.12
C TYR A 514 3.91 23.43 -15.97
N GLU A 515 4.25 23.80 -14.73
CA GLU A 515 5.33 24.77 -14.53
C GLU A 515 6.68 24.14 -14.80
N ILE A 516 6.82 22.83 -14.55
CA ILE A 516 8.09 22.15 -14.78
C ILE A 516 8.39 22.06 -16.27
N TRP A 517 7.40 21.64 -17.07
CA TRP A 517 7.58 21.56 -18.52
C TRP A 517 7.83 22.93 -19.13
N MET A 518 7.30 23.97 -18.51
CA MET A 518 7.64 25.33 -18.89
C MET A 518 9.09 25.66 -18.57
N CYS A 519 9.58 25.20 -17.40
CA CYS A 519 10.95 25.50 -17.01
C CYS A 519 11.96 24.60 -17.72
N ILE A 520 11.54 23.42 -18.19
CA ILE A 520 12.44 22.57 -18.96
C ILE A 520 12.76 23.20 -20.30
N VAL A 521 11.74 23.68 -21.00
CA VAL A 521 11.94 24.32 -22.30
C VAL A 521 12.71 25.63 -22.14
N PHE A 522 12.46 26.36 -21.04
CA PHE A 522 13.25 27.55 -20.74
C PHE A 522 14.70 27.19 -20.45
N ALA A 523 14.93 26.05 -19.80
CA ALA A 523 16.31 25.59 -19.60
C ALA A 523 16.90 25.03 -20.87
N TYR A 524 16.06 24.43 -21.74
CA TYR A 524 16.54 23.88 -23.00
C TYR A 524 17.04 24.98 -23.94
N ILE A 525 16.32 26.10 -23.99
CA ILE A 525 16.76 27.23 -24.79
C ILE A 525 18.05 27.82 -24.23
N GLY A 526 18.14 27.91 -22.90
CA GLY A 526 19.28 28.58 -22.29
C GLY A 526 20.59 27.81 -22.44
N VAL A 527 20.54 26.49 -22.23
CA VAL A 527 21.74 25.67 -22.32
C VAL A 527 22.25 25.60 -23.75
N SER A 528 21.33 25.61 -24.72
CA SER A 528 21.73 25.62 -26.13
C SER A 528 22.42 26.93 -26.51
N VAL A 529 21.94 28.06 -25.97
CA VAL A 529 22.54 29.35 -26.31
C VAL A 529 23.87 29.54 -25.59
N VAL A 530 23.96 29.10 -24.33
CA VAL A 530 25.21 29.21 -23.58
C VAL A 530 26.29 28.33 -24.20
N LEU A 531 25.93 27.13 -24.67
CA LEU A 531 26.88 26.28 -25.36
C LEU A 531 27.28 26.89 -26.71
N PHE A 532 26.38 27.66 -27.32
CA PHE A 532 26.73 28.39 -28.53
C PHE A 532 27.75 29.49 -28.25
N LEU A 533 27.52 30.26 -27.18
CA LEU A 533 28.43 31.36 -26.83
C LEU A 533 29.77 30.83 -26.35
N VAL A 534 29.78 29.68 -25.68
CA VAL A 534 31.03 29.05 -25.27
C VAL A 534 31.81 28.58 -26.49
N SER A 535 31.14 27.87 -27.40
CA SER A 535 31.83 27.29 -28.54
C SER A 535 32.25 28.37 -29.54
N ARG A 536 31.30 29.18 -29.99
CA ARG A 536 31.59 30.26 -30.93
C ARG A 536 32.11 31.50 -30.19
N PHE A 537 33.31 31.36 -29.65
CA PHE A 537 33.98 32.49 -29.03
C PHE A 537 34.89 33.10 -30.10
N SER A 538 35.64 34.14 -29.76
CA SER A 538 36.31 34.92 -30.80
C SER A 538 37.55 34.23 -31.39
N PRO A 539 38.48 33.60 -30.60
CA PRO A 539 39.50 32.77 -31.27
C PRO A 539 39.09 31.32 -31.38
N TYR A 540 37.82 31.04 -31.03
CA TYR A 540 37.19 29.72 -31.05
C TYR A 540 37.95 28.70 -30.19
N SER A 558 39.72 26.05 -33.52
CA SER A 558 39.47 25.69 -34.91
C SER A 558 38.67 24.39 -35.00
N THR A 559 37.88 24.29 -36.08
CA THR A 559 37.00 23.15 -36.38
C THR A 559 36.04 22.88 -35.22
N ASN A 560 35.41 23.95 -34.75
CA ASN A 560 34.39 23.87 -33.71
C ASN A 560 33.03 23.97 -34.37
N GLU A 561 32.39 22.82 -34.58
CA GLU A 561 31.21 22.70 -35.43
C GLU A 561 29.93 23.15 -34.76
N PHE A 562 29.97 23.63 -33.52
CA PHE A 562 28.76 23.96 -32.78
C PHE A 562 28.24 25.33 -33.17
N GLY A 563 27.46 25.35 -34.25
CA GLY A 563 26.59 26.47 -34.53
C GLY A 563 25.34 26.38 -33.66
N ILE A 564 24.46 27.37 -33.83
CA ILE A 564 23.23 27.40 -33.03
C ILE A 564 22.28 26.29 -33.47
N PHE A 565 22.34 25.89 -34.73
CA PHE A 565 21.53 24.76 -35.17
C PHE A 565 22.10 23.44 -34.66
N ASN A 566 23.42 23.37 -34.50
CA ASN A 566 24.03 22.20 -33.87
C ASN A 566 23.82 22.21 -32.37
N SER A 567 23.91 23.39 -31.74
CA SER A 567 23.79 23.47 -30.29
C SER A 567 22.36 23.17 -29.84
N LEU A 568 21.38 23.55 -30.66
CA LEU A 568 20.00 23.11 -30.41
C LEU A 568 19.86 21.60 -30.55
N TRP A 569 20.63 21.00 -31.47
CA TRP A 569 20.48 19.58 -31.73
C TRP A 569 21.22 18.73 -30.70
N PHE A 570 22.32 19.26 -30.14
CA PHE A 570 23.04 18.52 -29.12
C PHE A 570 22.24 18.42 -27.83
N SER A 571 21.64 19.52 -27.39
CA SER A 571 20.94 19.54 -26.12
C SER A 571 19.65 18.73 -26.18
N LEU A 572 19.02 18.67 -27.36
CA LEU A 572 17.83 17.85 -27.52
C LEU A 572 18.20 16.37 -27.51
N GLY A 573 19.34 16.02 -28.09
CA GLY A 573 19.81 14.65 -28.03
C GLY A 573 20.24 14.25 -26.64
N ALA A 574 20.81 15.20 -25.89
CA ALA A 574 21.26 14.91 -24.54
C ALA A 574 20.08 14.81 -23.58
N PHE A 575 19.03 15.59 -23.80
CA PHE A 575 17.88 15.55 -22.91
C PHE A 575 17.08 14.26 -23.09
N MET A 576 17.03 13.73 -24.30
CA MET A 576 16.26 12.52 -24.55
C MET A 576 17.04 11.24 -24.27
N GLN A 577 18.31 11.37 -23.85
CA GLN A 577 19.23 10.28 -23.52
C GLN A 577 19.49 9.31 -24.66
N GLN A 578 19.22 9.73 -25.90
CA GLN A 578 19.35 8.84 -27.05
C GLN A 578 20.72 8.93 -27.71
N GLY A 579 21.71 9.48 -27.02
CA GLY A 579 23.01 9.70 -27.64
C GLY A 579 23.03 10.99 -28.43
N CYS A 580 24.13 11.20 -29.12
CA CYS A 580 24.32 12.44 -29.86
C CYS A 580 25.31 12.18 -30.99
N ASP A 581 25.43 13.19 -31.87
CA ASP A 581 26.38 13.09 -32.98
C ASP A 581 27.81 13.26 -32.47
N ILE A 582 28.13 14.43 -31.91
CA ILE A 582 29.47 14.75 -31.47
C ILE A 582 29.41 15.28 -30.03
N SER A 583 30.58 15.45 -29.44
CA SER A 583 30.75 15.94 -28.09
C SER A 583 31.56 17.24 -28.14
N PRO A 584 31.35 18.14 -27.18
CA PRO A 584 32.09 19.41 -27.18
C PRO A 584 33.57 19.20 -26.88
N ARG A 585 34.42 19.62 -27.80
CA ARG A 585 35.87 19.49 -27.68
C ARG A 585 36.48 20.79 -27.17
N SER A 586 36.09 21.16 -25.94
CA SER A 586 36.57 22.36 -25.25
C SER A 586 36.18 22.24 -23.78
N LEU A 587 36.95 22.84 -22.88
CA LEU A 587 36.75 22.59 -21.45
C LEU A 587 35.46 23.24 -20.95
N SER A 588 35.20 24.48 -21.38
CA SER A 588 33.96 25.13 -20.97
C SER A 588 32.76 24.50 -21.68
N GLY A 589 32.98 23.91 -22.85
CA GLY A 589 31.91 23.20 -23.53
C GLY A 589 31.53 21.91 -22.84
N ARG A 590 32.48 21.28 -22.15
CA ARG A 590 32.17 20.05 -21.42
C ARG A 590 31.45 20.36 -20.11
N ILE A 591 31.65 21.56 -19.56
CA ILE A 591 30.97 21.96 -18.33
C ILE A 591 29.48 22.15 -18.58
N VAL A 592 29.13 22.88 -19.65
CA VAL A 592 27.72 23.11 -19.97
C VAL A 592 27.06 21.81 -20.43
N GLY A 593 27.82 20.92 -21.08
CA GLY A 593 27.31 19.60 -21.36
C GLY A 593 27.21 18.73 -20.12
N GLY A 594 28.07 19.01 -19.13
CA GLY A 594 28.08 18.18 -17.93
C GLY A 594 26.89 18.42 -17.03
N VAL A 595 26.55 19.70 -16.79
CA VAL A 595 25.43 20.01 -15.89
C VAL A 595 24.11 19.68 -16.56
N TRP A 596 24.06 19.77 -17.89
CA TRP A 596 22.85 19.38 -18.61
C TRP A 596 22.64 17.87 -18.58
N TRP A 597 23.74 17.11 -18.58
CA TRP A 597 23.63 15.66 -18.40
C TRP A 597 23.16 15.31 -16.99
N PHE A 598 23.59 16.08 -16.00
CA PHE A 598 23.08 15.85 -14.65
C PHE A 598 21.65 16.34 -14.52
N PHE A 599 21.27 17.33 -15.33
CA PHE A 599 19.88 17.79 -15.35
C PHE A 599 18.95 16.73 -15.90
N THR A 600 19.30 16.14 -17.03
CA THR A 600 18.39 15.21 -17.70
C THR A 600 18.34 13.86 -16.99
N LEU A 601 19.33 13.58 -16.14
CA LEU A 601 19.33 12.34 -15.38
C LEU A 601 18.26 12.38 -14.29
N ILE A 602 18.12 13.51 -13.61
CA ILE A 602 17.21 13.61 -12.48
C ILE A 602 15.76 13.71 -12.96
N ILE A 603 15.53 14.52 -14.00
CA ILE A 603 14.18 14.85 -14.44
C ILE A 603 13.49 13.63 -15.04
N ILE A 604 14.20 12.85 -15.84
CA ILE A 604 13.64 11.63 -16.41
C ILE A 604 13.40 10.60 -15.32
N SER A 605 14.32 10.49 -14.37
CA SER A 605 14.13 9.58 -13.24
C SER A 605 13.00 10.05 -12.34
N SER A 606 12.83 11.37 -12.20
CA SER A 606 11.70 11.89 -11.45
C SER A 606 10.39 11.65 -12.17
N TYR A 607 10.39 11.75 -13.51
CA TYR A 607 9.18 11.50 -14.28
C TYR A 607 8.80 10.03 -14.25
N THR A 608 9.80 9.14 -14.32
CA THR A 608 9.52 7.71 -14.28
C THR A 608 9.02 7.28 -12.91
N ALA A 609 9.58 7.87 -11.84
CA ALA A 609 9.20 7.48 -10.49
C ALA A 609 7.82 8.01 -10.13
N ASN A 610 7.48 9.23 -10.54
CA ASN A 610 6.16 9.76 -10.21
C ASN A 610 5.08 9.13 -11.07
N LEU A 611 5.43 8.66 -12.28
CA LEU A 611 4.47 7.90 -13.07
C LEU A 611 4.25 6.53 -12.45
N ALA A 612 5.29 5.98 -11.82
CA ALA A 612 5.11 4.77 -11.00
C ALA A 612 4.30 5.08 -9.76
N ALA A 613 4.40 6.31 -9.25
CA ALA A 613 3.64 6.68 -8.07
C ALA A 613 2.15 6.79 -8.38
N PHE A 614 1.80 7.22 -9.60
CA PHE A 614 0.39 7.29 -9.98
C PHE A 614 -0.24 5.91 -10.06
N LEU A 615 0.46 4.97 -10.70
CA LEU A 615 -0.16 3.70 -11.03
C LEU A 615 -0.23 2.77 -9.83
N THR A 616 0.67 2.95 -8.85
CA THR A 616 0.57 2.16 -7.62
C THR A 616 -0.59 2.64 -6.75
N VAL A 617 -0.78 3.96 -6.66
CA VAL A 617 -1.87 4.50 -5.84
C VAL A 617 -3.21 4.20 -6.50
N GLU A 618 -3.25 4.13 -7.83
CA GLU A 618 -4.48 3.77 -8.52
C GLU A 618 -4.85 2.31 -8.26
N ARG A 619 -3.85 1.42 -8.16
CA ARG A 619 -4.12 0.02 -7.88
C ARG A 619 -4.45 -0.21 -6.41
N MET A 620 -3.93 0.64 -5.52
CA MET A 620 -4.24 0.48 -4.10
C MET A 620 -5.69 0.83 -3.77
N VAL A 621 -6.33 1.64 -4.62
CA VAL A 621 -7.74 1.95 -4.41
C VAL A 621 -8.58 0.71 -4.66
N SER A 622 -9.32 0.29 -3.65
CA SER A 622 -10.16 -0.89 -3.74
C SER A 622 -11.63 -0.48 -3.66
N PRO A 623 -12.48 -1.00 -4.55
CA PRO A 623 -13.91 -0.69 -4.46
C PRO A 623 -14.55 -1.37 -3.26
N ILE A 624 -15.52 -0.68 -2.67
CA ILE A 624 -16.18 -1.17 -1.46
C ILE A 624 -17.21 -2.23 -1.86
N GLU A 625 -17.00 -3.45 -1.39
CA GLU A 625 -17.94 -4.53 -1.74
C GLU A 625 -18.32 -5.46 -0.60
N SER A 626 -17.49 -5.63 0.44
CA SER A 626 -17.73 -6.69 1.41
C SER A 626 -18.67 -6.26 2.54
N ALA A 627 -19.16 -5.01 2.51
CA ALA A 627 -20.05 -4.33 3.45
C ALA A 627 -19.38 -4.01 4.78
N GLU A 628 -18.17 -4.52 5.00
CA GLU A 628 -17.34 -4.01 6.08
C GLU A 628 -16.54 -2.81 5.60
N ASP A 629 -16.15 -2.81 4.33
CA ASP A 629 -15.59 -1.62 3.69
C ASP A 629 -16.64 -0.53 3.57
N LEU A 630 -17.90 -0.92 3.33
CA LEU A 630 -19.00 0.05 3.29
C LEU A 630 -19.22 0.69 4.66
N SER A 631 -19.00 -0.08 5.74
CA SER A 631 -19.22 0.44 7.08
C SER A 631 -18.12 1.41 7.47
N LYS A 632 -16.87 1.10 7.13
CA LYS A 632 -15.72 1.84 7.62
C LYS A 632 -15.33 3.03 6.76
N GLN A 633 -15.95 3.20 5.60
CA GLN A 633 -15.60 4.29 4.69
C GLN A 633 -16.71 5.35 4.78
N THR A 634 -16.41 6.45 5.47
CA THR A 634 -17.37 7.55 5.58
C THR A 634 -17.39 8.45 4.36
N GLU A 635 -16.49 8.24 3.40
CA GLU A 635 -16.51 9.05 2.18
C GLU A 635 -17.69 8.66 1.30
N ILE A 636 -18.12 7.41 1.36
CA ILE A 636 -19.36 6.97 0.72
C ILE A 636 -20.44 6.87 1.79
N ALA A 637 -21.49 7.67 1.65
CA ALA A 637 -22.61 7.66 2.57
C ALA A 637 -23.62 6.61 2.13
N TYR A 638 -24.22 5.93 3.11
CA TYR A 638 -25.15 4.85 2.82
C TYR A 638 -26.43 5.02 3.63
N GLY A 639 -27.57 4.84 2.97
CA GLY A 639 -28.86 4.91 3.62
C GLY A 639 -29.80 3.88 3.03
N THR A 640 -30.98 3.77 3.64
CA THR A 640 -31.95 2.77 3.24
C THR A 640 -33.26 3.44 2.85
N LEU A 641 -34.12 2.63 2.24
CA LEU A 641 -35.54 2.95 2.17
C LEU A 641 -36.14 2.89 3.57
N ASP A 642 -36.91 3.91 3.94
CA ASP A 642 -37.57 3.86 5.23
C ASP A 642 -38.99 3.31 5.08
N SER A 643 -39.63 3.09 6.24
CA SER A 643 -40.96 2.50 6.36
C SER A 643 -41.04 1.14 5.66
N GLY A 644 -40.01 0.33 5.86
CA GLY A 644 -39.97 -0.99 5.24
C GLY A 644 -39.50 -2.08 6.16
N SER A 645 -38.55 -2.89 5.71
CA SER A 645 -38.04 -4.00 6.51
C SER A 645 -36.53 -3.93 6.59
N THR A 646 -35.92 -3.25 5.62
CA THR A 646 -34.48 -3.00 5.69
C THR A 646 -34.13 -2.10 6.87
N LYS A 647 -34.97 -1.09 7.11
CA LYS A 647 -34.80 -0.23 8.28
C LYS A 647 -35.03 -1.02 9.57
N GLU A 648 -35.97 -1.97 9.54
CA GLU A 648 -36.24 -2.80 10.71
C GLU A 648 -35.10 -3.77 10.98
N PHE A 649 -34.46 -4.29 9.91
CA PHE A 649 -33.45 -5.32 10.08
C PHE A 649 -32.17 -4.76 10.70
N PHE A 650 -31.72 -3.60 10.22
CA PHE A 650 -30.48 -3.04 10.76
C PHE A 650 -30.70 -2.41 12.13
N ARG A 651 -31.95 -2.04 12.46
CA ARG A 651 -32.26 -1.51 13.78
C ARG A 651 -32.01 -2.54 14.88
N ARG A 652 -32.75 -3.64 14.85
CA ARG A 652 -32.54 -4.71 15.82
C ARG A 652 -31.72 -5.82 15.16
N SER A 653 -30.41 -5.58 15.11
CA SER A 653 -29.46 -6.56 14.62
C SER A 653 -28.43 -6.81 15.72
N LYS A 654 -27.83 -7.99 15.70
CA LYS A 654 -26.81 -8.38 16.66
C LYS A 654 -25.57 -8.87 15.94
N ILE A 655 -25.20 -8.14 14.89
CA ILE A 655 -23.90 -8.30 14.22
C ILE A 655 -23.18 -6.97 14.40
N ALA A 656 -21.91 -7.04 14.84
CA ALA A 656 -21.19 -5.84 15.26
C ALA A 656 -20.94 -4.88 14.12
N VAL A 657 -20.76 -5.39 12.89
CA VAL A 657 -20.62 -4.49 11.75
C VAL A 657 -21.98 -3.88 11.39
N PHE A 658 -23.06 -4.63 11.62
CA PHE A 658 -24.40 -4.08 11.38
C PHE A 658 -24.78 -3.05 12.44
N ASP A 659 -24.23 -3.19 13.65
CA ASP A 659 -24.53 -2.26 14.72
C ASP A 659 -23.96 -0.88 14.44
N LYS A 660 -22.77 -0.84 13.84
CA LYS A 660 -22.18 0.44 13.46
C LYS A 660 -22.92 1.07 12.28
N MET A 661 -23.56 0.25 11.45
CA MET A 661 -24.34 0.77 10.33
C MET A 661 -25.55 1.55 10.81
N TRP A 662 -26.34 0.96 11.71
CA TRP A 662 -27.50 1.65 12.25
C TRP A 662 -27.10 2.83 13.11
N THR A 663 -25.96 2.73 13.79
CA THR A 663 -25.40 3.86 14.52
C THR A 663 -25.07 5.01 13.57
N TYR A 664 -24.52 4.68 12.39
CA TYR A 664 -24.24 5.69 11.39
C TYR A 664 -25.52 6.24 10.77
N MET A 665 -26.46 5.36 10.42
CA MET A 665 -27.64 5.79 9.67
C MET A 665 -28.62 6.56 10.55
N ARG A 666 -28.61 6.31 11.85
CA ARG A 666 -29.44 7.09 12.76
C ARG A 666 -28.93 8.52 12.88
N SER A 667 -27.66 8.67 13.28
CA SER A 667 -27.10 9.97 13.57
C SER A 667 -26.55 10.70 12.34
N ALA A 668 -26.85 10.22 11.13
CA ALA A 668 -26.35 10.90 9.94
C ALA A 668 -27.11 12.22 9.71
N GLU A 669 -26.46 13.12 8.99
CA GLU A 669 -27.09 14.37 8.59
C GLU A 669 -26.70 14.66 7.15
N PRO A 670 -27.67 15.02 6.28
CA PRO A 670 -29.12 15.03 6.48
C PRO A 670 -29.73 13.62 6.50
N SER A 671 -31.05 13.53 6.66
CA SER A 671 -31.73 12.24 6.76
C SER A 671 -31.56 11.41 5.49
N VAL A 672 -30.79 10.33 5.60
CA VAL A 672 -30.44 9.53 4.44
C VAL A 672 -31.60 8.65 4.01
N PHE A 673 -32.59 8.47 4.89
CA PHE A 673 -33.74 7.64 4.58
C PHE A 673 -34.61 8.32 3.52
N VAL A 674 -34.98 7.54 2.50
CA VAL A 674 -35.70 8.04 1.32
C VAL A 674 -37.03 7.30 1.23
N ARG A 675 -38.11 8.06 1.01
CA ARG A 675 -39.45 7.50 1.07
C ARG A 675 -39.83 6.65 -0.14
N THR A 676 -39.06 6.69 -1.23
CA THR A 676 -39.35 5.86 -2.39
C THR A 676 -38.04 5.35 -2.99
N THR A 677 -38.14 4.20 -3.65
CA THR A 677 -36.93 3.55 -4.19
C THR A 677 -36.35 4.34 -5.35
N ALA A 678 -37.22 4.94 -6.18
CA ALA A 678 -36.78 5.63 -7.39
C ALA A 678 -35.93 6.86 -7.07
N GLU A 679 -36.31 7.60 -6.03
CA GLU A 679 -35.44 8.69 -5.56
C GLU A 679 -34.20 8.13 -4.89
N GLY A 680 -34.32 6.97 -4.23
CA GLY A 680 -33.16 6.33 -3.62
C GLY A 680 -32.18 5.80 -4.65
N VAL A 681 -32.69 5.38 -5.81
CA VAL A 681 -31.82 5.09 -6.94
C VAL A 681 -31.20 6.39 -7.45
N ALA A 682 -31.99 7.47 -7.46
CA ALA A 682 -31.57 8.72 -8.08
C ALA A 682 -30.48 9.42 -7.27
N ARG A 683 -30.48 9.24 -5.95
CA ARG A 683 -29.42 9.83 -5.13
C ARG A 683 -28.07 9.17 -5.42
N VAL A 684 -28.08 7.88 -5.76
CA VAL A 684 -26.86 7.21 -6.19
C VAL A 684 -26.41 7.76 -7.54
N ARG A 685 -27.37 8.11 -8.41
CA ARG A 685 -27.05 8.62 -9.73
C ARG A 685 -26.44 10.02 -9.66
N LYS A 686 -26.98 10.87 -8.80
CA LYS A 686 -26.54 12.27 -8.74
C LYS A 686 -25.17 12.39 -8.08
N SER A 687 -24.95 11.64 -7.00
CA SER A 687 -23.76 11.78 -6.16
C SER A 687 -22.46 11.34 -6.82
N LYS A 688 -22.57 10.61 -7.94
CA LYS A 688 -21.43 10.11 -8.73
C LYS A 688 -20.51 9.23 -7.88
N GLY A 689 -21.12 8.35 -7.09
CA GLY A 689 -20.38 7.46 -6.22
C GLY A 689 -20.16 7.96 -4.81
N LYS A 690 -20.64 9.16 -4.49
CA LYS A 690 -20.56 9.67 -3.13
C LYS A 690 -21.59 9.03 -2.21
N TYR A 691 -22.67 8.49 -2.76
CA TYR A 691 -23.76 7.93 -1.96
C TYR A 691 -24.05 6.51 -2.40
N ALA A 692 -24.46 5.68 -1.43
CA ALA A 692 -24.82 4.30 -1.68
C ALA A 692 -26.19 4.03 -1.06
N TYR A 693 -26.82 2.95 -1.51
CA TYR A 693 -28.21 2.66 -1.17
C TYR A 693 -28.37 1.19 -0.83
N LEU A 694 -29.14 0.92 0.23
CA LEU A 694 -29.37 -0.44 0.71
C LEU A 694 -30.80 -0.85 0.34
N LEU A 695 -30.93 -1.98 -0.34
CA LEU A 695 -32.24 -2.43 -0.82
C LEU A 695 -32.19 -3.93 -1.03
N GLU A 696 -33.34 -4.48 -1.44
CA GLU A 696 -33.45 -5.91 -1.68
C GLU A 696 -32.69 -6.30 -2.95
N SER A 697 -32.37 -7.60 -3.05
CA SER A 697 -31.56 -8.07 -4.17
C SER A 697 -32.34 -8.08 -5.48
N THR A 698 -33.63 -8.43 -5.41
CA THR A 698 -34.43 -8.59 -6.63
C THR A 698 -34.71 -7.24 -7.27
N MET A 699 -34.94 -6.21 -6.46
CA MET A 699 -35.08 -4.86 -6.98
C MET A 699 -33.77 -4.36 -7.55
N ASN A 700 -32.65 -4.77 -6.94
CA ASN A 700 -31.34 -4.31 -7.40
C ASN A 700 -30.99 -4.90 -8.76
N GLU A 701 -31.44 -6.12 -9.04
CA GLU A 701 -31.13 -6.75 -10.32
C GLU A 701 -31.96 -6.14 -11.45
N TYR A 702 -33.22 -5.81 -11.18
CA TYR A 702 -34.08 -5.28 -12.23
C TYR A 702 -33.67 -3.88 -12.63
N ILE A 703 -33.28 -3.04 -11.67
CA ILE A 703 -32.81 -1.69 -11.98
C ILE A 703 -31.49 -1.75 -12.73
N GLU A 704 -30.68 -2.78 -12.47
CA GLU A 704 -29.44 -2.99 -13.19
C GLU A 704 -29.68 -3.28 -14.67
N GLN A 705 -30.60 -4.21 -14.96
CA GLN A 705 -30.82 -4.61 -16.34
C GLN A 705 -31.68 -3.64 -17.14
N ARG A 706 -32.34 -2.69 -16.51
CA ARG A 706 -32.87 -1.56 -17.25
C ARG A 706 -31.71 -0.68 -17.67
N LYS A 707 -31.88 0.09 -18.76
CA LYS A 707 -30.70 0.63 -19.42
C LYS A 707 -30.50 2.11 -19.14
N PRO A 708 -30.02 2.47 -17.94
CA PRO A 708 -28.95 3.46 -17.90
C PRO A 708 -27.65 2.71 -17.64
N CYS A 709 -27.81 1.49 -17.12
CA CYS A 709 -26.76 0.50 -16.89
C CYS A 709 -25.63 1.01 -16.00
N ASP A 710 -25.94 1.92 -15.08
CA ASP A 710 -24.93 2.59 -14.29
C ASP A 710 -24.94 2.17 -12.82
N THR A 711 -25.67 1.11 -12.48
CA THR A 711 -25.75 0.63 -11.11
C THR A 711 -25.36 -0.84 -11.06
N MET A 712 -24.44 -1.18 -10.16
CA MET A 712 -23.99 -2.55 -10.00
C MET A 712 -24.25 -3.02 -8.57
N LYS A 713 -24.32 -4.33 -8.41
CA LYS A 713 -24.49 -4.96 -7.10
C LYS A 713 -23.13 -5.45 -6.61
N VAL A 714 -22.83 -5.16 -5.35
CA VAL A 714 -21.57 -5.57 -4.74
C VAL A 714 -21.86 -6.47 -3.55
N GLY A 715 -20.94 -7.40 -3.29
CA GLY A 715 -21.11 -8.34 -2.21
C GLY A 715 -22.19 -9.37 -2.50
N GLY A 716 -22.75 -9.91 -1.41
CA GLY A 716 -23.78 -10.91 -1.50
C GLY A 716 -24.98 -10.52 -0.67
N ASN A 717 -25.93 -11.46 -0.57
CA ASN A 717 -27.09 -11.29 0.28
C ASN A 717 -26.68 -11.24 1.75
N LEU A 718 -26.95 -10.09 2.38
CA LEU A 718 -26.55 -9.92 3.78
C LEU A 718 -27.40 -10.78 4.70
N ASP A 719 -28.62 -11.09 4.31
CA ASP A 719 -29.48 -12.07 4.96
C ASP A 719 -30.33 -12.76 3.90
N SER A 720 -31.30 -13.57 4.34
CA SER A 720 -32.25 -14.19 3.42
C SER A 720 -33.66 -14.09 4.00
N LYS A 721 -34.35 -13.00 3.66
CA LYS A 721 -35.76 -12.86 3.99
C LYS A 721 -36.61 -13.43 2.85
N GLY A 722 -37.93 -13.22 2.93
CA GLY A 722 -38.83 -13.74 1.94
C GLY A 722 -39.99 -12.82 1.67
N TYR A 723 -40.54 -12.95 0.46
CA TYR A 723 -41.77 -12.28 0.06
C TYR A 723 -42.91 -13.28 0.15
N GLY A 724 -44.06 -12.82 0.62
CA GLY A 724 -45.21 -13.69 0.76
C GLY A 724 -46.50 -12.93 0.59
N ILE A 725 -47.47 -13.60 -0.04
CA ILE A 725 -48.83 -13.05 -0.10
C ILE A 725 -49.41 -13.05 1.32
N ALA A 726 -50.01 -11.93 1.70
CA ALA A 726 -50.41 -11.74 3.09
C ALA A 726 -51.91 -11.52 3.19
N THR A 727 -52.47 -12.02 4.28
CA THR A 727 -53.87 -11.85 4.63
C THR A 727 -53.92 -11.56 6.12
N PRO A 728 -54.96 -10.87 6.59
CA PRO A 728 -55.05 -10.59 8.04
C PRO A 728 -55.46 -11.83 8.81
N LYS A 729 -55.38 -11.71 10.14
CA LYS A 729 -55.80 -12.78 11.03
C LYS A 729 -57.31 -12.99 10.91
N GLY A 730 -57.71 -14.22 10.62
CA GLY A 730 -59.11 -14.57 10.47
C GLY A 730 -59.61 -14.68 9.06
N SER A 731 -58.74 -14.53 8.06
CA SER A 731 -59.16 -14.65 6.68
C SER A 731 -59.47 -16.09 6.32
N SER A 732 -60.70 -16.33 5.86
CA SER A 732 -61.08 -17.67 5.42
C SER A 732 -60.38 -18.05 4.13
N LEU A 733 -59.98 -17.06 3.34
CA LEU A 733 -59.32 -17.31 2.07
C LEU A 733 -57.84 -17.68 2.21
N GLY A 734 -57.26 -17.46 3.39
CA GLY A 734 -55.80 -17.50 3.52
C GLY A 734 -55.20 -18.88 3.32
N THR A 735 -55.85 -19.90 3.88
CA THR A 735 -55.38 -21.27 3.69
C THR A 735 -55.67 -21.77 2.26
N PRO A 736 -56.80 -21.43 1.60
CA PRO A 736 -56.83 -21.62 0.14
C PRO A 736 -55.81 -20.81 -0.64
N VAL A 737 -55.42 -19.64 -0.14
CA VAL A 737 -54.34 -18.89 -0.78
C VAL A 737 -53.00 -19.60 -0.57
N ASN A 738 -52.77 -20.10 0.65
CA ASN A 738 -51.46 -20.63 1.04
C ASN A 738 -51.12 -21.89 0.26
N LEU A 739 -52.09 -22.78 0.05
CA LEU A 739 -51.83 -23.96 -0.77
C LEU A 739 -51.80 -23.61 -2.25
N ALA A 740 -52.46 -22.52 -2.66
CA ALA A 740 -52.43 -22.13 -4.07
C ALA A 740 -51.06 -21.60 -4.47
N VAL A 741 -50.37 -20.94 -3.55
CA VAL A 741 -49.00 -20.50 -3.80
C VAL A 741 -48.09 -21.70 -3.98
N LEU A 742 -48.24 -22.70 -3.11
CA LEU A 742 -47.48 -23.94 -3.24
C LEU A 742 -47.93 -24.76 -4.44
N LYS A 743 -49.19 -24.61 -4.86
CA LYS A 743 -49.67 -25.26 -6.09
C LYS A 743 -48.96 -24.67 -7.30
N LEU A 744 -48.77 -23.36 -7.31
CA LEU A 744 -48.02 -22.73 -8.41
C LEU A 744 -46.53 -23.03 -8.28
N SER A 745 -46.06 -23.38 -7.08
CA SER A 745 -44.67 -23.76 -6.90
C SER A 745 -44.39 -25.13 -7.52
N GLU A 746 -45.32 -26.08 -7.33
CA GLU A 746 -45.13 -27.46 -7.80
C GLU A 746 -45.37 -27.65 -9.28
N GLN A 747 -45.61 -26.58 -10.05
CA GLN A 747 -45.54 -26.65 -11.49
C GLN A 747 -44.58 -25.61 -12.05
N GLY A 748 -43.92 -24.84 -11.19
CA GLY A 748 -43.04 -23.79 -11.61
C GLY A 748 -43.73 -22.58 -12.19
N VAL A 749 -45.04 -22.43 -11.95
CA VAL A 749 -45.78 -21.30 -12.51
C VAL A 749 -45.38 -20.01 -11.79
N LEU A 750 -45.06 -20.11 -10.49
CA LEU A 750 -44.32 -19.05 -9.82
C LEU A 750 -43.00 -18.77 -10.52
N ASP A 751 -42.27 -19.83 -10.84
CA ASP A 751 -40.92 -19.69 -11.35
C ASP A 751 -40.93 -19.34 -12.84
N LYS A 752 -42.01 -19.70 -13.54
CA LYS A 752 -42.18 -19.30 -14.95
C LYS A 752 -42.39 -17.80 -15.06
N LEU A 753 -43.23 -17.25 -14.19
CA LEU A 753 -43.41 -15.79 -14.15
C LEU A 753 -42.17 -15.10 -13.60
N LYS A 754 -41.44 -15.79 -12.70
CA LYS A 754 -40.22 -15.21 -12.13
C LYS A 754 -39.12 -15.15 -13.18
N ASN A 755 -39.16 -16.03 -14.16
CA ASN A 755 -38.23 -15.91 -15.28
C ASN A 755 -38.64 -14.76 -16.19
N LYS A 756 -39.95 -14.64 -16.44
CA LYS A 756 -40.49 -13.95 -17.62
C LYS A 756 -40.18 -12.46 -17.65
N TRP A 757 -40.53 -11.76 -16.57
CA TRP A 757 -40.25 -10.32 -16.50
C TRP A 757 -38.76 -10.04 -16.37
N TRP A 758 -38.00 -11.04 -15.89
CA TRP A 758 -36.59 -10.81 -15.59
C TRP A 758 -35.69 -11.04 -16.81
N TYR A 759 -36.05 -11.98 -17.70
CA TYR A 759 -35.20 -12.16 -18.88
C TYR A 759 -35.57 -11.18 -19.99
N ASP A 760 -36.84 -10.77 -20.03
CA ASP A 760 -37.33 -9.94 -21.13
C ASP A 760 -36.72 -8.53 -21.12
N LYS A 761 -36.34 -8.02 -19.95
CA LYS A 761 -35.68 -6.72 -19.88
C LYS A 761 -34.16 -6.93 -19.96
N GLY A 762 -33.73 -7.32 -21.15
CA GLY A 762 -32.33 -7.45 -21.45
C GLY A 762 -31.84 -6.25 -22.24
N GLU A 763 -32.50 -5.11 -22.01
CA GLU A 763 -32.22 -3.88 -22.74
C GLU A 763 -30.86 -3.30 -22.39
N CYS A 764 -30.26 -3.70 -21.27
CA CYS A 764 -28.95 -3.21 -20.89
C CYS A 764 -27.84 -3.74 -21.81
N GLY A 765 -28.10 -4.82 -22.54
CA GLY A 765 -27.13 -5.35 -23.48
C GLY A 765 -25.97 -6.07 -22.84
N ALA A 766 -26.13 -6.50 -21.58
CA ALA A 766 -25.12 -7.20 -20.79
C ALA A 766 -23.82 -6.40 -20.70
N LYS A 767 -23.93 -5.22 -20.08
CA LYS A 767 -22.74 -4.39 -19.83
C LYS A 767 -21.81 -5.04 -18.83
N ASP A 768 -22.37 -5.82 -17.90
CA ASP A 768 -21.53 -6.52 -16.92
C ASP A 768 -20.74 -7.66 -17.56
N SER A 769 -21.25 -8.21 -18.67
CA SER A 769 -20.57 -9.33 -19.31
C SER A 769 -19.28 -8.90 -19.99
N GLY A 770 -19.26 -7.70 -20.57
CA GLY A 770 -18.12 -7.24 -21.33
C GLY A 770 -17.24 -6.20 -20.70
N SER A 771 -17.48 -5.81 -19.44
CA SER A 771 -16.73 -4.74 -18.82
C SER A 771 -16.13 -5.14 -17.46
N LYS A 772 -16.02 -6.43 -17.18
CA LYS A 772 -15.42 -6.87 -15.92
C LYS A 772 -14.20 -7.76 -16.16
N GLU A 773 -13.66 -7.74 -17.37
CA GLU A 773 -12.36 -8.36 -17.61
C GLU A 773 -11.32 -7.51 -16.91
N LYS A 774 -10.87 -7.97 -15.73
CA LYS A 774 -10.06 -7.16 -14.85
C LYS A 774 -8.69 -6.90 -15.45
N THR A 775 -8.48 -5.66 -15.86
CA THR A 775 -7.30 -5.30 -16.63
C THR A 775 -6.75 -3.99 -16.10
N SER A 776 -5.47 -3.99 -15.79
CA SER A 776 -4.80 -2.81 -15.27
C SER A 776 -3.70 -2.30 -16.19
N ALA A 777 -3.58 -2.85 -17.39
CA ALA A 777 -2.69 -2.29 -18.40
C ALA A 777 -3.16 -0.91 -18.81
N LEU A 778 -2.22 -0.08 -19.28
CA LEU A 778 -2.59 1.19 -19.87
C LEU A 778 -3.39 0.98 -21.15
N SER A 779 -4.35 1.85 -21.38
CA SER A 779 -5.07 1.91 -22.64
C SER A 779 -4.41 2.91 -23.56
N LEU A 780 -4.93 3.01 -24.78
CA LEU A 780 -4.48 4.06 -25.68
C LEU A 780 -4.97 5.43 -25.22
N SER A 781 -6.02 5.46 -24.39
CA SER A 781 -6.51 6.72 -23.84
C SER A 781 -5.55 7.31 -22.81
N ASN A 782 -4.62 6.50 -22.30
CA ASN A 782 -3.64 6.99 -21.34
C ASN A 782 -2.52 7.76 -22.01
N VAL A 783 -1.98 7.21 -23.11
CA VAL A 783 -0.80 7.76 -23.76
C VAL A 783 -1.15 8.36 -25.12
N ALA A 784 -2.39 8.86 -25.25
CA ALA A 784 -2.92 9.27 -26.55
C ALA A 784 -2.17 10.45 -27.15
N GLY A 785 -1.83 11.44 -26.34
CA GLY A 785 -1.22 12.66 -26.86
C GLY A 785 0.20 12.46 -27.34
N VAL A 786 0.87 11.41 -26.83
CA VAL A 786 2.22 11.11 -27.28
C VAL A 786 2.19 10.66 -28.74
N PHE A 787 1.16 9.92 -29.12
CA PHE A 787 0.91 9.65 -30.53
C PHE A 787 0.52 10.93 -31.27
N TYR A 788 -0.25 11.81 -30.60
CA TYR A 788 -0.72 13.03 -31.25
C TYR A 788 0.42 14.01 -31.48
N ILE A 789 1.37 14.09 -30.54
CA ILE A 789 2.57 14.88 -30.77
C ILE A 789 3.42 14.24 -31.87
N LEU A 790 3.42 12.91 -31.94
CA LEU A 790 4.18 12.20 -32.97
C LEU A 790 3.60 12.44 -34.35
N VAL A 791 2.27 12.44 -34.47
CA VAL A 791 1.62 12.75 -35.75
C VAL A 791 1.86 14.22 -36.12
N GLY A 792 1.74 15.12 -35.15
CA GLY A 792 1.95 16.53 -35.41
C GLY A 792 3.38 16.86 -35.75
N GLY A 793 4.32 16.06 -35.26
CA GLY A 793 5.72 16.26 -35.64
C GLY A 793 6.00 15.87 -37.08
N LEU A 794 5.35 14.80 -37.55
CA LEU A 794 5.62 14.32 -38.91
C LEU A 794 5.04 15.27 -39.96
N GLY A 795 3.81 15.75 -39.74
CA GLY A 795 3.21 16.69 -40.67
C GLY A 795 3.92 18.03 -40.69
N LEU A 796 4.48 18.44 -39.55
CA LEU A 796 5.28 19.65 -39.51
C LEU A 796 6.59 19.46 -40.28
N ALA A 797 7.20 18.28 -40.16
CA ALA A 797 8.48 18.03 -40.82
C ALA A 797 8.32 17.95 -42.33
N MET A 798 7.18 17.46 -42.81
CA MET A 798 6.88 17.54 -44.24
C MET A 798 6.69 18.99 -44.68
N LEU A 799 6.10 19.81 -43.81
CA LEU A 799 5.90 21.22 -44.13
C LEU A 799 7.23 21.96 -44.17
N VAL A 800 8.20 21.55 -43.34
CA VAL A 800 9.53 22.11 -43.43
C VAL A 800 10.24 21.59 -44.68
N ALA A 801 9.91 20.36 -45.09
CA ALA A 801 10.55 19.76 -46.26
C ALA A 801 10.12 20.47 -47.55
N LEU A 802 8.85 20.88 -47.63
CA LEU A 802 8.36 21.56 -48.82
C LEU A 802 8.94 22.96 -48.95
N ILE A 803 9.05 23.69 -47.83
CA ILE A 803 9.58 25.05 -47.91
C ILE A 803 11.08 25.04 -48.12
N GLU A 804 11.76 23.99 -47.65
CA GLU A 804 13.19 23.87 -47.89
C GLU A 804 13.46 23.50 -49.33
N PHE A 805 12.53 22.75 -49.95
CA PHE A 805 12.69 22.38 -51.35
C PHE A 805 12.53 23.60 -52.26
N CYS A 806 11.63 24.51 -51.91
CA CYS A 806 11.41 25.71 -52.73
C CYS A 806 12.52 26.73 -52.50
N TYR A 807 12.94 26.92 -51.25
CA TYR A 807 13.92 27.94 -50.91
C TYR A 807 15.29 27.59 -51.47
N LYS A 808 15.60 26.31 -51.56
CA LYS A 808 16.93 25.90 -52.06
C LYS A 808 17.01 26.07 -53.57
N SER A 809 15.90 25.85 -54.28
CA SER A 809 15.89 26.01 -55.73
C SER A 809 16.04 27.48 -56.13
N ARG A 810 15.44 28.38 -55.35
CA ARG A 810 15.57 29.81 -55.64
C ARG A 810 16.95 30.34 -55.28
N ALA A 811 17.53 29.85 -54.19
CA ALA A 811 18.79 30.39 -53.71
C ALA A 811 19.96 29.94 -54.57
N GLU A 812 19.92 28.70 -55.07
CA GLU A 812 20.99 28.22 -55.94
C GLU A 812 20.89 28.84 -57.32
N ALA A 813 19.69 29.25 -57.73
CA ALA A 813 19.49 29.90 -59.02
C ALA A 813 20.02 31.33 -58.99
N ALA A 822 25.41 40.55 -48.19
CA ALA A 822 24.72 41.83 -48.10
C ALA A 822 23.32 41.65 -47.55
N CYS A 823 22.63 40.61 -48.02
CA CYS A 823 21.28 40.31 -47.54
C CYS A 823 21.31 39.81 -46.10
N GLY A 824 22.38 39.08 -45.74
CA GLY A 824 22.48 38.57 -44.38
C GLY A 824 22.77 39.64 -43.36
N ARG A 825 23.62 40.61 -43.73
CA ARG A 825 24.03 41.64 -42.78
C ARG A 825 22.90 42.64 -42.51
N LYS A 826 22.17 43.03 -43.55
CA LYS A 826 21.18 44.09 -43.40
C LYS A 826 19.95 43.63 -42.62
N ALA A 827 19.43 42.45 -42.97
CA ALA A 827 18.19 41.97 -42.35
C ALA A 827 18.39 41.55 -40.90
N LEU A 828 19.50 40.85 -40.63
CA LEU A 828 19.73 40.32 -39.28
C LEU A 828 20.03 41.43 -38.28
N THR A 829 20.64 42.52 -38.73
CA THR A 829 20.91 43.65 -37.84
C THR A 829 19.61 44.32 -37.41
N LEU A 830 18.68 44.49 -38.35
CA LEU A 830 17.42 45.16 -38.04
C LEU A 830 16.48 44.25 -37.26
N LEU A 831 16.46 42.95 -37.59
CA LEU A 831 15.55 42.02 -36.91
C LEU A 831 15.97 41.81 -35.46
N SER A 832 17.27 41.79 -35.18
CA SER A 832 17.73 41.73 -33.80
C SER A 832 17.42 43.04 -33.06
N SER A 833 17.39 44.15 -33.80
CA SER A 833 17.06 45.44 -33.21
C SER A 833 15.59 45.51 -32.84
N VAL A 834 14.73 44.91 -33.66
CA VAL A 834 13.30 44.85 -33.35
C VAL A 834 13.07 43.92 -32.15
N PHE A 835 13.82 42.82 -32.10
CA PHE A 835 13.65 41.85 -31.01
C PHE A 835 14.15 42.41 -29.69
N ALA A 836 15.10 43.34 -29.75
CA ALA A 836 15.65 43.91 -28.53
C ALA A 836 14.66 44.87 -27.86
N VAL A 837 14.00 45.71 -28.66
CA VAL A 837 13.01 46.65 -28.13
C VAL A 837 11.78 45.91 -27.61
N CYS A 838 11.35 44.87 -28.33
CA CYS A 838 10.20 44.08 -27.91
C CYS A 838 10.52 43.26 -26.66
N GLY A 839 11.77 42.83 -26.51
CA GLY A 839 12.16 42.14 -25.30
C GLY A 839 12.21 43.06 -24.09
N LEU A 840 12.79 44.25 -24.25
CA LEU A 840 12.87 45.19 -23.15
C LEU A 840 11.50 45.77 -22.81
N GLY A 841 10.68 46.02 -23.82
CA GLY A 841 9.41 46.69 -23.59
C GLY A 841 8.38 45.82 -22.90
N LEU A 842 8.32 44.53 -23.30
CA LEU A 842 7.33 43.63 -22.74
C LEU A 842 7.64 43.28 -21.29
N LEU A 843 8.93 43.27 -20.91
CA LEU A 843 9.27 43.07 -19.52
C LEU A 843 9.02 44.32 -18.69
N GLY A 844 9.28 45.49 -19.28
CA GLY A 844 9.05 46.75 -18.57
C GLY A 844 7.58 47.00 -18.31
N ILE A 845 6.71 46.55 -19.23
CA ILE A 845 5.28 46.53 -18.96
C ILE A 845 4.96 45.54 -17.85
N ALA A 846 5.63 44.38 -17.87
CA ALA A 846 5.30 43.29 -16.95
C ALA A 846 5.66 43.63 -15.51
N VAL A 847 6.79 44.31 -15.29
CA VAL A 847 7.16 44.71 -13.94
C VAL A 847 6.21 45.78 -13.43
N SER A 848 5.78 46.69 -14.32
CA SER A 848 4.83 47.74 -13.95
C SER A 848 3.44 47.17 -13.67
N THR A 849 2.98 46.26 -14.52
CA THR A 849 1.65 45.69 -14.40
C THR A 849 1.56 44.82 -13.14
N ASP A 850 0.40 44.88 -12.47
CA ASP A 850 0.17 44.14 -11.24
C ASP A 850 -0.90 43.08 -11.44
N TYR A 851 -0.84 42.40 -12.59
CA TYR A 851 -1.69 41.25 -12.89
C TYR A 851 -0.86 39.98 -13.03
N TRP A 852 0.10 39.78 -12.13
CA TRP A 852 0.99 38.62 -12.22
C TRP A 852 0.25 37.32 -11.88
N LEU A 853 -0.40 37.29 -10.73
CA LEU A 853 -0.98 36.06 -10.21
C LEU A 853 -2.37 36.31 -9.66
N TYR A 854 -3.29 35.39 -9.96
CA TYR A 854 -4.65 35.41 -9.44
C TYR A 854 -4.77 34.42 -8.30
N LEU A 855 -5.64 34.74 -7.34
CA LEU A 855 -6.04 33.80 -6.32
C LEU A 855 -7.55 33.91 -6.11
N GLU A 856 -8.21 32.77 -5.93
CA GLU A 856 -9.63 32.73 -5.57
C GLU A 856 -9.85 31.75 -4.43
N GLU A 857 -9.67 32.23 -3.21
CA GLU A 857 -10.03 31.47 -2.02
C GLU A 857 -11.54 31.40 -1.88
N GLY A 858 -12.05 30.23 -1.51
CA GLY A 858 -13.48 30.09 -1.33
C GLY A 858 -13.81 28.83 -0.56
N ILE A 859 -15.10 28.58 -0.42
CA ILE A 859 -15.62 27.46 0.35
C ILE A 859 -16.50 26.60 -0.56
N ILE A 860 -16.35 25.26 -0.46
CA ILE A 860 -17.12 24.38 -1.32
C ILE A 860 -18.54 24.27 -0.79
N LEU A 861 -19.39 23.67 -1.62
CA LEU A 861 -20.76 23.33 -1.26
C LEU A 861 -21.07 21.95 -1.81
N PRO A 862 -21.55 21.01 -0.98
CA PRO A 862 -21.56 19.60 -1.39
C PRO A 862 -22.63 19.13 -2.38
N GLN A 863 -23.92 19.41 -2.15
CA GLN A 863 -24.99 18.71 -2.86
C GLN A 863 -26.21 19.61 -2.99
N ASN A 864 -26.79 19.65 -4.20
CA ASN A 864 -27.72 20.68 -4.71
C ASN A 864 -27.08 22.05 -4.59
N GLN A 865 -25.77 22.11 -4.75
CA GLN A 865 -24.87 23.09 -4.15
C GLN A 865 -23.49 22.79 -4.73
N SER A 866 -22.82 23.81 -5.27
CA SER A 866 -21.52 23.50 -5.87
C SER A 866 -20.33 24.23 -5.27
N THR A 867 -20.35 25.57 -5.31
CA THR A 867 -19.16 26.38 -5.02
C THR A 867 -19.59 27.77 -4.56
N GLU A 868 -18.72 28.42 -3.79
CA GLU A 868 -18.89 29.83 -3.43
C GLU A 868 -17.53 30.46 -3.23
N VAL A 869 -17.25 31.52 -3.99
CA VAL A 869 -16.03 32.29 -3.76
C VAL A 869 -16.17 33.13 -2.49
N LYS A 870 -15.03 33.49 -1.90
CA LYS A 870 -15.02 34.37 -0.73
C LYS A 870 -14.03 35.51 -0.88
N MET A 871 -12.93 35.33 -1.62
CA MET A 871 -11.89 36.33 -1.70
C MET A 871 -11.24 36.20 -3.07
N SER A 872 -10.71 37.32 -3.57
CA SER A 872 -10.01 37.34 -4.85
C SER A 872 -9.07 38.52 -4.89
N LEU A 873 -7.87 38.31 -5.43
CA LEU A 873 -6.90 39.38 -5.64
C LEU A 873 -5.96 39.01 -6.77
N HIS A 874 -5.79 39.92 -7.72
CA HIS A 874 -4.61 39.85 -8.56
C HIS A 874 -3.45 40.55 -7.86
N SER A 875 -2.23 40.29 -8.33
CA SER A 875 -1.08 40.72 -7.55
C SER A 875 0.06 41.10 -8.48
N GLY A 876 1.01 41.84 -7.91
CA GLY A 876 2.15 42.30 -8.66
C GLY A 876 3.43 42.10 -7.86
N LEU A 877 4.56 42.32 -8.54
CA LEU A 877 5.85 42.16 -7.90
C LEU A 877 6.16 43.34 -6.99
N TRP A 878 5.89 44.56 -7.46
CA TRP A 878 6.05 45.74 -6.61
C TRP A 878 4.97 45.82 -5.54
N ARG A 879 3.70 45.78 -5.96
CA ARG A 879 2.61 46.02 -5.04
C ARG A 879 1.39 45.20 -5.46
N VAL A 880 0.57 44.88 -4.47
CA VAL A 880 -0.66 44.13 -4.67
C VAL A 880 -1.71 45.10 -5.20
N CYS A 881 -2.69 44.60 -5.95
CA CYS A 881 -3.89 45.39 -6.24
C CYS A 881 -5.09 44.47 -6.06
N PHE A 882 -5.83 44.70 -4.98
CA PHE A 882 -6.85 43.78 -4.48
C PHE A 882 -8.08 43.79 -5.40
N LEU A 883 -8.95 42.78 -5.24
CA LEU A 883 -10.00 42.52 -6.22
C LEU A 883 -11.30 42.15 -5.49
N ALA A 884 -12.24 41.50 -6.19
CA ALA A 884 -13.67 41.57 -5.89
C ALA A 884 -14.08 40.91 -4.58
N GLY A 885 -13.15 40.34 -3.83
CA GLY A 885 -13.44 40.01 -2.44
C GLY A 885 -13.75 41.28 -1.68
N GLU A 886 -14.98 41.39 -1.19
CA GLU A 886 -15.65 42.54 -0.55
C GLU A 886 -15.51 43.86 -1.32
N GLU A 887 -15.20 43.81 -2.63
CA GLU A 887 -15.19 44.94 -3.56
C GLU A 887 -14.29 46.10 -3.09
N ARG A 888 -13.17 45.75 -2.46
CA ARG A 888 -12.28 46.77 -1.91
C ARG A 888 -11.13 47.00 -2.89
N GLY A 889 -11.16 48.15 -3.56
CA GLY A 889 -10.13 48.46 -4.53
C GLY A 889 -8.85 49.01 -3.92
N ARG A 890 -8.10 48.14 -3.23
CA ARG A 890 -6.81 48.51 -2.67
C ARG A 890 -5.71 48.11 -3.65
N CYS A 891 -4.97 49.09 -4.16
CA CYS A 891 -3.63 48.83 -4.66
C CYS A 891 -2.61 49.00 -3.53
N PHE A 892 -2.71 48.07 -2.59
CA PHE A 892 -2.09 48.21 -1.29
C PHE A 892 -0.72 47.54 -1.32
N THR A 893 0.31 48.32 -0.99
CA THR A 893 1.71 47.91 -1.17
C THR A 893 2.05 46.73 -0.27
N ILE A 894 3.03 45.92 -0.69
CA ILE A 894 3.39 44.68 0.01
C ILE A 894 3.95 44.98 1.40
N GLU A 895 4.61 46.13 1.55
CA GLU A 895 5.07 46.57 2.87
C GLU A 895 3.89 46.82 3.82
N TYR A 896 2.73 47.19 3.27
CA TYR A 896 1.52 47.43 4.05
C TYR A 896 0.71 46.15 4.13
N VAL A 897 0.64 45.57 5.33
CA VAL A 897 -0.04 44.29 5.53
C VAL A 897 -1.54 44.44 5.33
N MET A 898 -2.13 43.46 4.62
CA MET A 898 -3.56 43.36 4.29
C MET A 898 -4.07 44.56 3.50
N GLU A 907 -3.07 36.59 7.25
CA GLU A 907 -3.48 35.22 6.98
C GLU A 907 -2.55 34.52 6.00
N SER A 908 -3.02 33.41 5.43
CA SER A 908 -2.19 32.64 4.50
C SER A 908 -1.97 33.38 3.19
N THR A 909 -2.93 34.22 2.79
CA THR A 909 -2.83 34.89 1.49
C THR A 909 -1.83 36.04 1.56
N VAL A 910 -1.74 36.72 2.72
CA VAL A 910 -0.70 37.72 2.93
C VAL A 910 0.65 37.03 3.06
N ASN A 911 0.66 35.79 3.60
CA ASN A 911 1.89 35.01 3.68
C ASN A 911 2.38 34.62 2.30
N VAL A 912 1.47 34.47 1.33
CA VAL A 912 1.89 34.36 -0.07
C VAL A 912 2.54 35.65 -0.52
N LEU A 913 1.97 36.79 -0.13
CA LEU A 913 2.38 38.09 -0.67
C LEU A 913 3.76 38.49 -0.16
N LYS A 914 4.11 38.07 1.06
CA LYS A 914 5.49 38.24 1.52
C LYS A 914 6.45 37.36 0.73
N MET A 915 6.01 36.15 0.37
CA MET A 915 6.89 35.22 -0.32
C MET A 915 6.99 35.54 -1.81
N ILE A 916 6.05 36.31 -2.35
CA ILE A 916 6.19 36.84 -3.70
C ILE A 916 7.34 37.83 -3.76
N ARG A 917 7.53 38.60 -2.68
CA ARG A 917 8.59 39.60 -2.60
C ARG A 917 9.99 38.97 -2.58
N SER A 918 10.09 37.67 -2.26
CA SER A 918 11.39 37.01 -2.20
C SER A 918 12.09 36.94 -3.56
N ALA A 919 11.31 36.95 -4.64
CA ALA A 919 11.84 36.87 -5.99
C ALA A 919 11.91 38.23 -6.68
N THR A 920 11.90 39.32 -5.92
CA THR A 920 11.88 40.66 -6.50
C THR A 920 13.10 41.06 -7.34
N PRO A 921 14.38 40.90 -6.90
CA PRO A 921 15.47 41.54 -7.67
C PRO A 921 15.75 40.96 -9.05
N PHE A 922 15.55 39.65 -9.23
CA PHE A 922 15.96 38.97 -10.46
C PHE A 922 15.27 39.47 -11.74
N PRO A 923 13.96 39.82 -11.76
CA PRO A 923 13.46 40.54 -12.95
C PRO A 923 14.04 41.94 -13.08
N LEU A 924 14.25 42.65 -11.97
CA LEU A 924 14.84 43.97 -12.03
C LEU A 924 16.31 43.90 -12.43
N VAL A 925 17.01 42.84 -12.02
CA VAL A 925 18.35 42.56 -12.54
C VAL A 925 18.29 42.28 -14.04
N SER A 926 17.30 41.50 -14.47
CA SER A 926 17.13 41.19 -15.89
C SER A 926 16.72 42.42 -16.68
N LEU A 927 16.00 43.35 -16.04
CA LEU A 927 15.61 44.59 -16.72
C LEU A 927 16.82 45.48 -16.98
N PHE A 928 17.80 45.45 -16.07
CA PHE A 928 18.99 46.27 -16.24
C PHE A 928 19.90 45.73 -17.35
N PHE A 929 19.96 44.41 -17.47
CA PHE A 929 20.92 43.80 -18.40
C PHE A 929 20.46 43.95 -19.85
N MET A 930 19.16 43.98 -20.10
CA MET A 930 18.70 44.35 -21.44
C MET A 930 18.82 45.84 -21.67
N PHE A 931 18.75 46.63 -20.59
CA PHE A 931 18.92 48.07 -20.71
C PHE A 931 20.35 48.42 -21.08
N ILE A 932 21.32 47.73 -20.49
CA ILE A 932 22.70 47.88 -20.93
C ILE A 932 22.92 47.11 -22.24
N GLY A 933 22.02 46.16 -22.53
CA GLY A 933 22.16 45.38 -23.76
C GLY A 933 21.77 46.16 -25.00
N PHE A 934 20.62 46.84 -24.94
CA PHE A 934 20.12 47.55 -26.11
C PHE A 934 20.90 48.84 -26.37
N ILE A 935 21.37 49.51 -25.32
CA ILE A 935 22.13 50.75 -25.48
C ILE A 935 23.49 50.47 -26.10
N LEU A 936 24.15 49.39 -25.67
CA LEU A 936 25.37 48.96 -26.36
C LEU A 936 25.09 48.44 -27.76
N SER A 937 23.87 47.97 -28.02
CA SER A 937 23.48 47.65 -29.39
C SER A 937 23.30 48.91 -30.22
N ASN A 938 22.86 50.02 -29.59
CA ASN A 938 22.69 51.27 -30.31
C ASN A 938 24.03 51.86 -30.75
N ILE A 939 25.10 51.59 -30.00
CA ILE A 939 26.40 52.18 -30.31
C ILE A 939 26.96 51.59 -31.60
N GLY A 940 26.83 50.27 -31.77
CA GLY A 940 27.37 49.63 -32.96
C GLY A 940 26.57 49.93 -34.21
N HIS A 941 25.32 50.38 -34.05
CA HIS A 941 24.48 50.68 -35.20
C HIS A 941 24.94 51.94 -35.93
N ILE A 942 25.53 52.88 -35.20
CA ILE A 942 26.05 54.09 -35.80
C ILE A 942 27.40 53.79 -36.45
N ARG A 943 28.36 53.33 -35.66
CA ARG A 943 29.71 53.06 -36.15
C ARG A 943 30.01 51.57 -36.11
N PRO A 944 30.10 50.89 -37.26
CA PRO A 944 30.33 49.45 -37.23
C PRO A 944 31.75 49.04 -36.88
N HIS A 945 32.72 49.92 -37.10
CA HIS A 945 34.13 49.55 -36.99
C HIS A 945 34.53 49.30 -35.54
N ARG A 946 35.64 48.56 -35.37
CA ARG A 946 36.20 48.12 -34.08
C ARG A 946 35.16 47.31 -33.32
N THR A 947 34.85 46.13 -33.84
CA THR A 947 33.59 45.44 -33.68
C THR A 947 33.44 44.68 -32.37
N ILE A 948 34.25 44.99 -31.36
CA ILE A 948 34.29 44.21 -30.12
C ILE A 948 32.99 44.39 -29.32
N LEU A 949 32.41 45.59 -29.36
CA LEU A 949 31.31 45.93 -28.45
C LEU A 949 30.02 45.17 -28.75
N ALA A 950 29.83 44.76 -30.01
CA ALA A 950 28.64 43.99 -30.36
C ALA A 950 28.67 42.60 -29.71
N PHE A 951 29.84 41.97 -29.67
CA PHE A 951 29.97 40.67 -29.02
C PHE A 951 29.80 40.80 -27.52
N VAL A 952 30.26 41.92 -26.95
CA VAL A 952 30.08 42.16 -25.52
C VAL A 952 28.61 42.37 -25.19
N SER A 953 27.90 43.11 -26.06
CA SER A 953 26.49 43.39 -25.84
C SER A 953 25.64 42.12 -25.92
N GLY A 954 26.02 41.21 -26.82
CA GLY A 954 25.30 39.95 -26.94
C GLY A 954 25.41 39.07 -25.71
N ILE A 955 26.54 39.16 -25.00
CA ILE A 955 26.70 38.44 -23.74
C ILE A 955 25.73 38.98 -22.70
N PHE A 956 25.50 40.30 -22.70
CA PHE A 956 24.55 40.87 -21.76
C PHE A 956 23.11 40.48 -22.08
N PHE A 957 22.81 40.19 -23.36
CA PHE A 957 21.50 39.62 -23.67
C PHE A 957 21.37 38.21 -23.15
N ILE A 958 22.40 37.38 -23.36
CA ILE A 958 22.33 35.97 -22.99
C ILE A 958 22.32 35.81 -21.46
N LEU A 959 23.09 36.65 -20.76
CA LEU A 959 23.12 36.57 -19.31
C LEU A 959 21.84 37.13 -18.69
N SER A 960 21.13 38.00 -19.44
CA SER A 960 19.87 38.57 -18.95
C SER A 960 18.78 37.51 -18.84
N GLY A 961 18.66 36.64 -19.85
CA GLY A 961 17.63 35.62 -19.82
C GLY A 961 17.90 34.56 -18.78
N LEU A 962 19.18 34.30 -18.49
CA LEU A 962 19.54 33.33 -17.46
C LEU A 962 19.11 33.81 -16.09
N SER A 963 19.20 35.12 -15.84
CA SER A 963 18.72 35.68 -14.59
C SER A 963 17.20 35.60 -14.51
N LEU A 964 16.51 35.76 -15.64
CA LEU A 964 15.05 35.68 -15.62
C LEU A 964 14.58 34.23 -15.50
N VAL A 965 15.40 33.26 -15.92
CA VAL A 965 15.12 31.86 -15.61
C VAL A 965 15.17 31.65 -14.10
N VAL A 966 16.20 32.20 -13.45
CA VAL A 966 16.29 32.18 -12.00
C VAL A 966 15.13 32.97 -11.39
N GLY A 967 14.71 34.05 -12.06
CA GLY A 967 13.59 34.84 -11.57
C GLY A 967 12.27 34.10 -11.58
N LEU A 968 12.02 33.33 -12.65
CA LEU A 968 10.77 32.57 -12.71
C LEU A 968 10.81 31.36 -11.77
N VAL A 969 11.96 30.68 -11.69
CA VAL A 969 12.08 29.51 -10.82
C VAL A 969 11.98 29.92 -9.35
N LEU A 970 12.56 31.06 -9.00
CA LEU A 970 12.32 31.63 -7.66
C LEU A 970 10.86 31.98 -7.44
N TYR A 971 10.20 32.52 -8.47
CA TYR A 971 8.82 32.94 -8.31
C TYR A 971 7.88 31.76 -8.18
N ILE A 972 8.02 30.77 -9.07
CA ILE A 972 7.09 29.64 -9.13
C ILE A 972 7.21 28.75 -7.91
N SER A 973 8.45 28.50 -7.46
CA SER A 973 8.67 27.69 -6.25
C SER A 973 8.14 28.39 -5.02
N SER A 974 8.20 29.73 -5.00
CA SER A 974 7.69 30.48 -3.85
C SER A 974 6.16 30.51 -3.84
N ILE A 975 5.52 30.16 -4.95
CA ILE A 975 4.07 30.03 -4.96
C ILE A 975 3.66 28.62 -4.53
N ASN A 976 4.39 27.61 -5.01
CA ASN A 976 3.97 26.21 -4.84
C ASN A 976 4.06 25.75 -3.38
N ASP A 977 5.06 26.24 -2.64
CA ASP A 977 5.14 25.89 -1.23
C ASP A 977 4.05 26.56 -0.41
N GLU A 978 3.67 27.79 -0.80
CA GLU A 978 2.58 28.48 -0.12
C GLU A 978 1.23 27.88 -0.48
N MET A 979 1.12 27.32 -1.68
CA MET A 979 0.01 26.41 -1.99
C MET A 979 0.01 25.22 -1.05
N LEU A 980 1.19 24.65 -0.80
CA LEU A 980 1.30 23.49 0.08
C LEU A 980 1.14 23.91 1.54
N ASN A 981 1.46 25.17 1.86
CA ASN A 981 1.44 25.64 3.24
C ASN A 981 0.03 25.80 3.80
N ARG A 982 -1.00 25.75 2.96
CA ARG A 982 -2.37 25.77 3.45
C ARG A 982 -2.69 24.51 4.24
N THR A 983 -3.33 24.69 5.39
CA THR A 983 -3.90 23.54 6.08
C THR A 983 -5.03 22.95 5.25
N LYS A 984 -4.88 21.69 4.88
CA LYS A 984 -5.70 21.07 3.85
C LYS A 984 -7.05 20.71 4.43
N ASP A 985 -8.02 21.59 4.23
CA ASP A 985 -9.42 21.31 4.53
C ASP A 985 -10.13 21.09 3.22
N ALA A 986 -10.96 20.04 3.16
CA ALA A 986 -11.68 19.74 1.93
C ALA A 986 -12.74 20.79 1.62
N GLU A 987 -13.24 21.46 2.66
CA GLU A 987 -14.31 22.42 2.44
C GLU A 987 -13.80 23.73 1.85
N THR A 988 -12.52 24.05 2.02
CA THR A 988 -11.98 25.33 1.54
C THR A 988 -11.17 25.10 0.26
N TYR A 989 -11.85 25.22 -0.88
CA TYR A 989 -11.17 25.02 -2.14
C TYR A 989 -10.30 26.22 -2.48
N PHE A 990 -9.42 26.03 -3.46
CA PHE A 990 -8.41 27.01 -3.79
C PHE A 990 -8.22 27.09 -5.29
N ASN A 991 -7.82 28.27 -5.77
CA ASN A 991 -7.46 28.46 -7.16
C ASN A 991 -6.26 29.39 -7.24
N TYR A 992 -5.41 29.15 -8.24
CA TYR A 992 -4.34 30.08 -8.55
C TYR A 992 -4.03 29.96 -10.04
N LYS A 993 -3.51 31.05 -10.59
CA LYS A 993 -3.30 31.15 -12.03
C LYS A 993 -2.32 32.29 -12.27
N TYR A 994 -1.46 32.10 -13.26
CA TYR A 994 -0.53 33.14 -13.67
C TYR A 994 -1.26 34.10 -14.61
N GLY A 995 -0.65 35.26 -14.88
CA GLY A 995 -1.33 36.34 -15.54
C GLY A 995 -0.66 36.74 -16.85
N TRP A 996 -1.17 37.84 -17.42
CA TRP A 996 -0.66 38.33 -18.68
C TRP A 996 0.77 38.84 -18.56
N SER A 997 1.11 39.44 -17.43
CA SER A 997 2.49 39.93 -17.22
C SER A 997 3.45 38.77 -17.06
N PHE A 998 2.98 37.65 -16.51
CA PHE A 998 3.79 36.42 -16.49
C PHE A 998 4.07 35.95 -17.91
N ALA A 999 3.07 36.06 -18.79
CA ALA A 999 3.29 35.76 -20.20
C ALA A 999 4.18 36.82 -20.84
N PHE A 1000 4.08 38.07 -20.38
CA PHE A 1000 4.92 39.14 -20.91
C PHE A 1000 6.38 38.92 -20.58
N ALA A 1001 6.65 38.37 -19.39
CA ALA A 1001 8.02 38.06 -19.01
C ALA A 1001 8.52 36.82 -19.75
N ALA A 1002 7.64 35.83 -19.94
CA ALA A 1002 8.06 34.58 -20.57
C ALA A 1002 8.34 34.76 -22.06
N ILE A 1003 7.54 35.59 -22.73
CA ILE A 1003 7.82 35.95 -24.12
C ILE A 1003 9.11 36.76 -24.22
N SER A 1004 9.36 37.62 -23.24
CA SER A 1004 10.57 38.46 -23.24
C SER A 1004 11.84 37.65 -23.07
N PHE A 1005 11.73 36.47 -22.46
CA PHE A 1005 12.86 35.55 -22.40
C PHE A 1005 13.23 35.02 -23.78
N LEU A 1006 12.23 34.74 -24.61
CA LEU A 1006 12.49 34.18 -25.94
C LEU A 1006 13.14 35.22 -26.86
N LEU A 1007 12.68 36.47 -26.79
CA LEU A 1007 13.25 37.51 -27.64
C LEU A 1007 14.65 37.91 -27.19
N THR A 1008 14.94 37.78 -25.88
CA THR A 1008 16.23 38.22 -25.38
C THR A 1008 17.34 37.24 -25.76
N GLU A 1009 17.07 35.94 -25.63
CA GLU A 1009 18.06 34.94 -25.99
C GLU A 1009 18.27 34.88 -27.50
N SER A 1010 17.21 35.09 -28.27
CA SER A 1010 17.33 35.08 -29.73
C SER A 1010 18.13 36.28 -30.22
N ALA A 1011 17.94 37.44 -29.59
CA ALA A 1011 18.78 38.60 -29.90
C ALA A 1011 20.21 38.39 -29.42
N GLY A 1012 20.39 37.58 -28.39
CA GLY A 1012 21.74 37.22 -27.97
C GLY A 1012 22.46 36.36 -28.99
N VAL A 1013 21.71 35.48 -29.67
CA VAL A 1013 22.30 34.65 -30.72
C VAL A 1013 22.63 35.51 -31.94
N MET A 1014 21.71 36.41 -32.31
CA MET A 1014 21.88 37.20 -33.54
C MET A 1014 23.00 38.22 -33.41
N SER A 1015 23.19 38.77 -32.20
CA SER A 1015 24.28 39.72 -32.00
C SER A 1015 25.65 39.05 -32.01
N VAL A 1016 25.73 37.75 -31.73
CA VAL A 1016 26.98 37.02 -31.93
C VAL A 1016 27.20 36.79 -33.42
N TYR A 1017 26.14 36.47 -34.15
CA TYR A 1017 26.23 36.38 -35.61
C TYR A 1017 26.48 37.73 -36.24
N LEU A 1018 26.04 38.81 -35.59
CA LEU A 1018 26.43 40.15 -36.03
C LEU A 1018 27.93 40.36 -35.84
N PHE A 1019 28.49 39.80 -34.76
CA PHE A 1019 29.93 39.87 -34.56
C PHE A 1019 30.69 38.97 -35.52
N MET A 1020 30.12 37.79 -35.83
CA MET A 1020 30.80 36.85 -36.72
C MET A 1020 30.89 37.39 -38.14
N LYS A 1021 29.83 38.06 -38.59
CA LYS A 1021 29.85 38.66 -39.93
C LYS A 1021 30.78 39.86 -39.98
N ARG A 1022 30.79 40.67 -38.93
CA ARG A 1022 31.49 41.95 -39.00
C ARG A 1022 32.96 41.83 -38.61
N TYR A 1023 33.36 40.78 -37.90
CA TYR A 1023 34.78 40.49 -37.74
C TYR A 1023 35.37 40.00 -39.05
N THR A 1024 34.57 39.32 -39.87
CA THR A 1024 35.00 38.96 -41.22
C THR A 1024 35.11 40.20 -42.10
N ALA A 1025 34.27 41.21 -41.83
CA ALA A 1025 34.35 42.48 -42.56
C ALA A 1025 35.64 43.23 -42.23
N GLU A 1026 36.18 43.02 -41.03
CA GLU A 1026 37.47 43.59 -40.67
C GLU A 1026 38.61 42.84 -41.36
N THR B 385 -32.11 21.53 46.78
CA THR B 385 -31.33 20.38 47.25
C THR B 385 -29.84 20.58 46.98
N VAL B 386 -29.36 20.15 45.83
CA VAL B 386 -27.95 20.27 45.48
C VAL B 386 -27.83 21.25 44.32
N VAL B 387 -26.76 22.03 44.32
CA VAL B 387 -26.44 22.96 43.24
C VAL B 387 -25.13 22.52 42.61
N VAL B 388 -25.18 22.18 41.32
CA VAL B 388 -24.03 21.63 40.62
C VAL B 388 -23.17 22.77 40.11
N THR B 389 -21.99 22.96 40.70
CA THR B 389 -21.03 23.91 40.18
C THR B 389 -20.05 23.20 39.24
N THR B 390 -19.99 23.66 38.01
CA THR B 390 -19.21 22.99 36.97
C THR B 390 -18.94 23.98 35.85
N ILE B 391 -18.20 23.52 34.84
CA ILE B 391 -17.91 24.27 33.64
C ILE B 391 -18.23 23.38 32.44
N LEU B 392 -18.60 23.98 31.33
CA LEU B 392 -18.82 23.25 30.10
C LEU B 392 -17.52 23.18 29.31
N GLU B 393 -17.05 21.96 29.06
CA GLU B 393 -15.92 21.68 28.19
C GLU B 393 -16.27 20.44 27.39
N SER B 394 -16.02 20.48 26.09
CA SER B 394 -16.29 19.32 25.27
C SER B 394 -15.30 18.20 25.60
N PRO B 395 -15.77 16.97 25.86
CA PRO B 395 -17.18 16.52 25.82
C PRO B 395 -17.82 16.35 27.19
N TYR B 396 -17.31 17.03 28.22
CA TYR B 396 -17.84 16.83 29.57
C TYR B 396 -19.26 17.37 29.68
N VAL B 397 -19.41 18.70 29.53
CA VAL B 397 -20.71 19.34 29.46
C VAL B 397 -20.71 20.16 28.18
N MET B 398 -21.80 20.06 27.42
CA MET B 398 -21.88 20.71 26.13
C MET B 398 -23.17 21.50 26.05
N MET B 399 -23.19 22.47 25.13
CA MET B 399 -24.38 23.29 24.89
C MET B 399 -25.14 22.72 23.70
N LYS B 400 -26.37 22.29 23.94
CA LYS B 400 -27.17 21.68 22.89
C LYS B 400 -27.70 22.75 21.95
N LYS B 401 -28.00 22.34 20.71
CA LYS B 401 -28.66 23.23 19.76
C LYS B 401 -30.08 23.59 20.20
N ASN B 402 -30.69 22.75 21.04
CA ASN B 402 -32.02 23.02 21.60
C ASN B 402 -31.89 23.90 22.86
N HIS B 403 -31.36 25.10 22.65
CA HIS B 403 -31.15 26.02 23.76
C HIS B 403 -32.43 26.77 24.10
N GLU B 404 -32.95 27.54 23.15
CA GLU B 404 -34.21 28.25 23.38
C GLU B 404 -35.42 27.35 23.20
N MET B 405 -35.26 26.25 22.47
CA MET B 405 -36.39 25.37 22.20
C MET B 405 -36.71 24.48 23.39
N LEU B 406 -35.73 23.73 23.89
CA LEU B 406 -35.92 22.82 25.00
C LEU B 406 -35.60 23.55 26.29
N GLU B 407 -36.61 23.70 27.14
CA GLU B 407 -36.43 24.29 28.45
C GLU B 407 -36.32 23.19 29.51
N GLY B 408 -36.05 23.60 30.73
CA GLY B 408 -35.76 22.66 31.78
C GLY B 408 -34.26 22.49 31.98
N ASN B 409 -33.89 21.34 32.55
CA ASN B 409 -32.51 21.06 32.92
C ASN B 409 -31.78 20.15 31.93
N GLU B 410 -32.39 19.82 30.79
CA GLU B 410 -31.74 19.00 29.78
C GLU B 410 -31.19 19.86 28.64
N ARG B 411 -31.03 21.17 28.86
CA ARG B 411 -30.48 22.04 27.84
C ARG B 411 -28.97 21.87 27.69
N TYR B 412 -28.29 21.30 28.68
CA TYR B 412 -26.88 20.97 28.59
C TYR B 412 -26.71 19.45 28.70
N GLU B 413 -25.77 18.90 27.92
CA GLU B 413 -25.60 17.46 27.81
C GLU B 413 -24.12 17.14 27.79
N GLY B 414 -23.80 15.87 28.00
CA GLY B 414 -22.42 15.44 27.90
C GLY B 414 -22.14 14.26 28.80
N TYR B 415 -20.87 13.84 28.76
CA TYR B 415 -20.38 12.77 29.62
C TYR B 415 -20.51 13.12 31.10
N CYS B 416 -20.16 14.36 31.45
CA CYS B 416 -20.25 14.78 32.84
C CYS B 416 -21.70 14.95 33.27
N VAL B 417 -22.59 15.22 32.32
CA VAL B 417 -24.01 15.43 32.64
C VAL B 417 -24.68 14.11 33.00
N ASP B 418 -24.35 13.04 32.27
CA ASP B 418 -24.89 11.72 32.62
C ASP B 418 -24.36 11.24 33.96
N LEU B 419 -23.05 11.39 34.19
CA LEU B 419 -22.45 10.89 35.42
C LEU B 419 -22.90 11.70 36.63
N ALA B 420 -23.22 12.99 36.43
CA ALA B 420 -23.91 13.76 37.46
C ALA B 420 -25.32 13.24 37.68
N ALA B 421 -26.01 12.88 36.59
CA ALA B 421 -27.35 12.34 36.72
C ALA B 421 -27.33 10.93 37.31
N GLU B 422 -26.26 10.17 37.06
CA GLU B 422 -26.15 8.84 37.66
C GLU B 422 -25.87 8.95 39.15
N ILE B 423 -24.99 9.87 39.55
CA ILE B 423 -24.57 9.95 40.94
C ILE B 423 -25.68 10.55 41.80
N ALA B 424 -26.55 11.35 41.19
CA ALA B 424 -27.61 12.01 41.96
C ALA B 424 -28.78 11.06 42.20
N LYS B 425 -29.16 10.27 41.21
CA LYS B 425 -30.35 9.43 41.34
C LYS B 425 -30.10 8.19 42.18
N HIS B 426 -28.88 7.63 42.10
CA HIS B 426 -28.54 6.51 42.98
C HIS B 426 -28.41 6.97 44.42
N CYS B 427 -28.02 8.23 44.64
CA CYS B 427 -28.07 8.78 45.99
C CYS B 427 -29.48 9.26 46.35
N GLY B 428 -30.23 9.78 45.39
CA GLY B 428 -31.63 10.13 45.57
C GLY B 428 -31.95 11.58 45.25
N PHE B 429 -30.97 12.46 45.35
CA PHE B 429 -31.21 13.89 45.15
C PHE B 429 -31.29 14.23 43.67
N LYS B 430 -31.70 15.47 43.40
CA LYS B 430 -31.88 15.95 42.03
C LYS B 430 -31.09 17.24 41.84
N TYR B 431 -30.64 17.43 40.59
CA TYR B 431 -29.53 18.32 40.26
C TYR B 431 -30.03 19.70 39.84
N LYS B 432 -29.29 20.74 40.24
CA LYS B 432 -29.48 22.08 39.69
C LYS B 432 -28.15 22.56 39.08
N LEU B 433 -27.99 22.27 37.78
CA LEU B 433 -26.79 22.72 37.06
C LEU B 433 -26.79 24.22 36.85
N THR B 434 -25.65 24.83 37.14
CA THR B 434 -25.39 26.23 36.87
C THR B 434 -23.88 26.38 36.70
N ILE B 435 -23.49 27.07 35.63
CA ILE B 435 -22.08 27.23 35.27
C ILE B 435 -21.70 28.68 35.50
N VAL B 436 -20.85 28.92 36.50
CA VAL B 436 -20.29 30.26 36.68
C VAL B 436 -19.32 30.52 35.55
N GLY B 437 -19.66 31.47 34.69
CA GLY B 437 -19.01 31.67 33.41
C GLY B 437 -17.70 32.41 33.41
N ASP B 438 -17.05 32.56 34.57
CA ASP B 438 -15.73 33.18 34.60
C ASP B 438 -14.68 32.32 33.92
N GLY B 439 -14.88 31.00 33.89
CA GLY B 439 -14.03 30.11 33.12
C GLY B 439 -12.87 29.52 33.87
N LYS B 440 -12.54 30.03 35.05
CA LYS B 440 -11.36 29.60 35.78
C LYS B 440 -11.62 28.28 36.50
N TYR B 441 -10.74 27.30 36.25
CA TYR B 441 -10.73 26.09 37.08
C TYR B 441 -10.40 26.43 38.52
N GLY B 442 -9.37 27.24 38.71
CA GLY B 442 -9.10 27.85 40.00
C GLY B 442 -8.08 27.09 40.82
N ALA B 443 -7.16 27.86 41.40
CA ALA B 443 -6.25 27.41 42.43
C ALA B 443 -6.20 28.49 43.49
N ARG B 444 -5.67 28.15 44.66
CA ARG B 444 -5.51 29.15 45.70
C ARG B 444 -4.42 30.13 45.30
N ASP B 445 -4.82 31.38 45.06
CA ASP B 445 -4.03 32.30 44.24
C ASP B 445 -2.79 32.80 44.98
N ALA B 446 -1.92 33.46 44.22
CA ALA B 446 -0.72 34.08 44.75
C ALA B 446 -1.08 35.42 45.37
N ASP B 447 -0.55 35.68 46.56
CA ASP B 447 -0.53 36.96 47.28
C ASP B 447 -1.91 37.35 47.85
N THR B 448 -2.96 36.61 47.50
CA THR B 448 -4.30 36.88 48.02
C THR B 448 -5.03 35.62 48.46
N LYS B 449 -4.68 34.46 47.91
CA LYS B 449 -5.21 33.13 48.28
C LYS B 449 -6.72 33.05 48.11
N ILE B 450 -7.19 33.39 46.91
CA ILE B 450 -8.61 33.34 46.57
C ILE B 450 -8.84 32.15 45.65
N TRP B 451 -9.83 31.32 45.99
CA TRP B 451 -10.27 30.26 45.09
C TRP B 451 -11.11 30.86 43.97
N ASN B 452 -10.65 30.72 42.73
CA ASN B 452 -11.13 31.52 41.61
C ASN B 452 -12.55 31.22 41.15
N GLY B 453 -12.78 30.01 40.65
CA GLY B 453 -13.99 29.73 39.90
C GLY B 453 -14.92 28.72 40.51
N MET B 454 -14.86 27.48 39.99
CA MET B 454 -15.67 26.40 40.52
C MET B 454 -15.30 26.07 41.96
N VAL B 455 -14.00 26.19 42.28
CA VAL B 455 -13.54 25.97 43.65
C VAL B 455 -14.04 27.08 44.56
N GLY B 456 -14.18 28.30 44.03
CA GLY B 456 -14.67 29.41 44.85
C GLY B 456 -16.12 29.24 45.25
N GLU B 457 -16.93 28.70 44.35
CA GLU B 457 -18.30 28.37 44.70
C GLU B 457 -18.35 27.19 45.68
N LEU B 458 -17.37 26.29 45.56
CA LEU B 458 -17.39 25.08 46.38
C LEU B 458 -16.80 25.33 47.77
N VAL B 459 -15.83 26.25 47.88
CA VAL B 459 -15.26 26.59 49.17
C VAL B 459 -16.22 27.47 49.96
N TYR B 460 -16.68 28.56 49.35
CA TYR B 460 -17.52 29.53 50.05
C TYR B 460 -18.97 29.06 50.21
N GLY B 461 -19.29 27.84 49.77
CA GLY B 461 -20.55 27.19 50.12
C GLY B 461 -21.78 27.69 49.41
N LYS B 462 -21.63 28.48 48.34
CA LYS B 462 -22.80 28.90 47.58
C LYS B 462 -23.33 27.81 46.66
N ALA B 463 -22.56 26.75 46.44
CA ALA B 463 -23.02 25.55 45.76
C ALA B 463 -22.61 24.33 46.59
N ASP B 464 -23.25 23.20 46.33
CA ASP B 464 -23.07 22.06 47.23
C ASP B 464 -22.29 20.94 46.55
N ILE B 465 -22.79 20.42 45.43
CA ILE B 465 -22.11 19.32 44.76
C ILE B 465 -21.37 19.85 43.54
N ALA B 466 -20.23 19.21 43.22
CA ALA B 466 -19.41 19.63 42.10
C ALA B 466 -19.00 18.40 41.29
N ILE B 467 -19.81 18.07 40.29
CA ILE B 467 -19.44 17.08 39.30
C ILE B 467 -18.83 17.85 38.14
N ALA B 468 -17.49 17.78 38.02
CA ALA B 468 -16.76 18.61 37.08
C ALA B 468 -15.43 17.93 36.80
N PRO B 469 -14.82 18.21 35.62
CA PRO B 469 -13.45 17.71 35.38
C PRO B 469 -12.41 18.48 36.20
N LEU B 470 -12.35 18.18 37.49
CA LEU B 470 -11.53 18.91 38.44
C LEU B 470 -10.49 17.97 39.03
N THR B 471 -9.25 18.46 39.15
CA THR B 471 -8.13 17.65 39.57
C THR B 471 -8.02 17.60 41.10
N ILE B 472 -7.74 16.40 41.63
CA ILE B 472 -7.51 16.19 43.05
C ILE B 472 -6.03 16.37 43.31
N THR B 473 -5.68 17.34 44.16
CA THR B 473 -4.31 17.64 44.52
C THR B 473 -4.28 17.87 46.03
N LEU B 474 -3.10 18.13 46.59
CA LEU B 474 -2.95 18.31 48.04
C LEU B 474 -3.67 19.57 48.53
N VAL B 475 -3.37 20.71 47.89
CA VAL B 475 -3.97 21.98 48.31
C VAL B 475 -5.46 22.00 47.99
N ARG B 476 -5.88 21.19 47.02
CA ARG B 476 -7.30 21.01 46.76
C ARG B 476 -7.97 20.17 47.84
N GLU B 477 -7.26 19.15 48.32
CA GLU B 477 -7.84 18.19 49.28
C GLU B 477 -8.04 18.81 50.65
N GLU B 478 -7.13 19.71 51.06
CA GLU B 478 -7.12 20.22 52.43
C GLU B 478 -8.34 21.09 52.72
N VAL B 479 -8.77 21.90 51.76
CA VAL B 479 -9.92 22.76 51.99
C VAL B 479 -11.24 22.00 51.90
N ILE B 480 -11.37 21.04 50.98
CA ILE B 480 -12.65 20.37 50.73
C ILE B 480 -12.42 18.93 50.30
N ASP B 481 -13.39 18.06 50.59
CA ASP B 481 -13.28 16.63 50.35
C ASP B 481 -13.43 16.30 48.87
N PHE B 482 -12.85 15.18 48.45
CA PHE B 482 -12.95 14.70 47.08
C PHE B 482 -13.43 13.26 47.04
N SER B 483 -13.96 12.88 45.89
CA SER B 483 -14.39 11.52 45.63
C SER B 483 -13.23 10.71 45.04
N LYS B 484 -13.53 9.52 44.58
CA LYS B 484 -12.57 8.68 43.88
C LYS B 484 -12.53 9.10 42.42
N PRO B 485 -11.41 8.86 41.71
CA PRO B 485 -11.27 9.43 40.36
C PRO B 485 -12.20 8.79 39.33
N PHE B 486 -12.68 9.63 38.41
CA PHE B 486 -13.44 9.12 37.26
C PHE B 486 -12.56 8.22 36.41
N MET B 487 -11.48 8.77 35.89
CA MET B 487 -10.58 8.07 35.00
C MET B 487 -9.17 8.57 35.29
N SER B 488 -8.20 7.90 34.68
CA SER B 488 -6.80 8.21 34.93
C SER B 488 -6.21 8.90 33.70
N LEU B 489 -5.55 10.04 33.94
CA LEU B 489 -5.04 10.90 32.89
C LEU B 489 -3.62 11.34 33.22
N GLY B 490 -3.09 12.21 32.36
CA GLY B 490 -1.81 12.83 32.61
C GLY B 490 -1.70 14.14 31.86
N ILE B 491 -0.62 14.87 32.13
CA ILE B 491 -0.30 16.04 31.33
C ILE B 491 0.15 15.57 29.95
N SER B 492 -0.52 16.05 28.91
CA SER B 492 -0.36 15.49 27.56
C SER B 492 0.03 16.59 26.59
N ILE B 493 1.06 16.33 25.79
CA ILE B 493 1.55 17.32 24.84
C ILE B 493 0.71 17.25 23.57
N MET B 494 0.29 18.42 23.09
CA MET B 494 -0.57 18.52 21.91
C MET B 494 0.12 19.39 20.87
N ILE B 495 0.21 18.86 19.64
CA ILE B 495 0.87 19.55 18.55
C ILE B 495 -0.03 19.56 17.33
N LYS B 496 0.37 20.35 16.35
CA LYS B 496 -0.20 20.29 15.01
C LYS B 496 0.11 18.93 14.41
N LYS B 497 -0.86 18.34 13.71
CA LYS B 497 -0.61 17.12 12.95
C LYS B 497 0.46 17.39 11.90
N PRO B 498 1.47 16.52 11.78
CA PRO B 498 2.50 16.73 10.76
C PRO B 498 1.92 16.63 9.36
N GLN B 499 2.42 17.49 8.49
CA GLN B 499 1.95 17.58 7.12
C GLN B 499 3.08 17.16 6.19
N LYS B 500 2.87 17.39 4.89
CA LYS B 500 3.99 17.34 3.96
C LYS B 500 4.98 18.44 4.32
N SER B 501 6.26 18.07 4.44
CA SER B 501 7.28 19.04 4.79
C SER B 501 7.57 19.94 3.60
N LYS B 502 8.20 21.07 3.89
CA LYS B 502 8.78 21.90 2.84
C LYS B 502 9.88 21.12 2.13
N PRO B 503 9.80 20.94 0.82
CA PRO B 503 10.88 20.24 0.10
C PRO B 503 12.12 21.11 0.08
N GLY B 504 13.26 20.53 0.46
CA GLY B 504 14.51 21.25 0.43
C GLY B 504 14.96 21.51 -1.00
N VAL B 505 15.84 22.49 -1.14
CA VAL B 505 16.43 22.81 -2.43
C VAL B 505 17.20 21.60 -2.96
N PHE B 506 17.99 20.96 -2.10
CA PHE B 506 18.78 19.80 -2.49
C PHE B 506 18.14 18.50 -2.06
N SER B 507 16.81 18.45 -2.01
CA SER B 507 16.10 17.27 -1.56
C SER B 507 16.01 16.18 -2.64
N PHE B 508 16.51 16.44 -3.85
CA PHE B 508 16.47 15.41 -4.90
C PHE B 508 17.42 14.26 -4.60
N LEU B 509 18.50 14.52 -3.86
CA LEU B 509 19.49 13.49 -3.53
C LEU B 509 19.19 12.81 -2.20
N ASP B 510 17.96 12.91 -1.73
CA ASP B 510 17.44 12.18 -0.57
C ASP B 510 17.46 10.65 -0.70
N PRO B 511 17.15 10.00 -1.85
CA PRO B 511 17.19 8.51 -1.88
C PRO B 511 18.55 7.86 -1.62
N LEU B 512 19.64 8.58 -1.80
CA LEU B 512 20.96 8.02 -1.52
C LEU B 512 21.63 8.81 -0.42
N ALA B 513 22.26 8.11 0.52
CA ALA B 513 22.79 8.75 1.71
C ALA B 513 24.07 9.53 1.41
N TYR B 514 24.58 10.22 2.43
CA TYR B 514 25.74 11.07 2.27
C TYR B 514 27.00 10.28 1.93
N GLU B 515 27.12 9.07 2.48
CA GLU B 515 28.33 8.28 2.25
C GLU B 515 28.37 7.74 0.83
N ILE B 516 27.22 7.50 0.21
CA ILE B 516 27.23 6.98 -1.15
C ILE B 516 27.63 8.07 -2.14
N TRP B 517 27.05 9.28 -2.00
CA TRP B 517 27.36 10.38 -2.91
C TRP B 517 28.83 10.80 -2.82
N MET B 518 29.44 10.63 -1.65
CA MET B 518 30.88 10.80 -1.57
C MET B 518 31.60 9.66 -2.28
N CYS B 519 31.16 8.42 -2.07
CA CYS B 519 31.84 7.28 -2.66
C CYS B 519 31.56 7.16 -4.15
N ILE B 520 30.49 7.79 -4.65
CA ILE B 520 30.31 7.88 -6.09
C ILE B 520 31.33 8.82 -6.70
N VAL B 521 31.51 10.00 -6.11
CA VAL B 521 32.46 10.99 -6.63
C VAL B 521 33.89 10.51 -6.43
N PHE B 522 34.15 9.82 -5.31
CA PHE B 522 35.48 9.26 -5.07
C PHE B 522 35.82 8.16 -6.07
N ALA B 523 34.85 7.31 -6.40
CA ALA B 523 35.09 6.27 -7.39
C ALA B 523 35.06 6.84 -8.80
N TYR B 524 34.36 7.96 -9.01
CA TYR B 524 34.41 8.65 -10.30
C TYR B 524 35.83 9.11 -10.62
N ILE B 525 36.52 9.67 -9.63
CA ILE B 525 37.90 10.09 -9.82
C ILE B 525 38.80 8.87 -9.97
N GLY B 526 38.52 7.82 -9.18
CA GLY B 526 39.42 6.66 -9.17
C GLY B 526 39.40 5.85 -10.44
N VAL B 527 38.20 5.59 -10.97
CA VAL B 527 38.07 4.81 -12.20
C VAL B 527 38.62 5.60 -13.39
N SER B 528 38.53 6.93 -13.34
CA SER B 528 39.10 7.76 -14.39
C SER B 528 40.62 7.71 -14.37
N VAL B 529 41.22 7.67 -13.18
CA VAL B 529 42.68 7.62 -13.06
C VAL B 529 43.20 6.27 -13.51
N VAL B 530 42.52 5.19 -13.13
CA VAL B 530 42.93 3.84 -13.54
C VAL B 530 42.80 3.67 -15.04
N LEU B 531 41.76 4.24 -15.64
CA LEU B 531 41.62 4.19 -17.10
C LEU B 531 42.69 5.05 -17.77
N PHE B 532 43.12 6.13 -17.12
CA PHE B 532 44.19 6.96 -17.66
C PHE B 532 45.53 6.25 -17.62
N LEU B 533 45.84 5.61 -16.49
CA LEU B 533 47.15 4.98 -16.31
C LEU B 533 47.27 3.74 -17.19
N VAL B 534 46.16 3.07 -17.46
CA VAL B 534 46.17 1.89 -18.32
C VAL B 534 46.49 2.27 -19.76
N SER B 535 45.87 3.33 -20.27
CA SER B 535 45.96 3.65 -21.69
C SER B 535 47.31 4.23 -22.10
N ARG B 536 48.16 4.63 -21.14
CA ARG B 536 49.47 5.15 -21.48
C ARG B 536 50.42 4.05 -21.95
N PHE B 537 50.37 2.89 -21.30
CA PHE B 537 51.39 1.87 -21.53
C PHE B 537 51.22 1.16 -22.87
N SER B 538 49.98 1.02 -23.34
CA SER B 538 49.69 0.11 -24.45
C SER B 538 49.38 0.90 -25.72
N PRO B 539 50.24 0.88 -26.74
CA PRO B 539 49.84 1.44 -28.04
C PRO B 539 48.84 0.56 -28.77
N TYR B 540 49.05 -0.75 -28.79
CA TYR B 540 48.15 -1.68 -29.45
C TYR B 540 47.15 -2.27 -28.45
N SER B 558 50.10 5.37 -32.36
CA SER B 558 50.63 6.73 -32.31
C SER B 558 49.56 7.73 -31.91
N THR B 559 48.33 7.23 -31.71
CA THR B 559 47.17 8.06 -31.35
C THR B 559 46.58 7.52 -30.06
N ASN B 560 47.12 7.99 -28.93
CA ASN B 560 46.54 7.71 -27.62
C ASN B 560 45.54 8.82 -27.30
N GLU B 561 44.26 8.54 -27.51
CA GLU B 561 43.21 9.55 -27.38
C GLU B 561 42.77 9.77 -25.94
N PHE B 562 43.25 8.96 -25.00
CA PHE B 562 42.86 9.07 -23.60
C PHE B 562 43.88 9.91 -22.85
N GLY B 563 43.56 11.20 -22.66
CA GLY B 563 44.22 12.02 -21.69
C GLY B 563 43.49 11.91 -20.36
N ILE B 564 44.03 12.60 -19.35
CA ILE B 564 43.37 12.62 -18.04
C ILE B 564 42.10 13.45 -18.12
N PHE B 565 42.07 14.43 -19.03
CA PHE B 565 40.89 15.26 -19.21
C PHE B 565 39.78 14.51 -19.93
N ASN B 566 40.15 13.69 -20.91
CA ASN B 566 39.15 12.92 -21.65
C ASN B 566 38.67 11.71 -20.84
N SER B 567 39.53 11.16 -19.98
CA SER B 567 39.14 10.00 -19.19
C SER B 567 38.11 10.39 -18.13
N LEU B 568 38.20 11.60 -17.60
CA LEU B 568 37.12 12.14 -16.79
C LEU B 568 35.84 12.28 -17.59
N TRP B 569 35.97 12.68 -18.87
CA TRP B 569 34.80 12.90 -19.70
C TRP B 569 34.15 11.59 -20.12
N PHE B 570 34.95 10.54 -20.32
CA PHE B 570 34.40 9.24 -20.70
C PHE B 570 33.59 8.63 -19.56
N SER B 571 34.13 8.70 -18.34
CA SER B 571 33.45 8.11 -17.20
C SER B 571 32.25 8.95 -16.76
N LEU B 572 32.29 10.26 -17.01
CA LEU B 572 31.15 11.11 -16.67
C LEU B 572 29.95 10.84 -17.57
N GLY B 573 30.21 10.69 -18.88
CA GLY B 573 29.14 10.34 -19.80
C GLY B 573 28.60 8.94 -19.56
N ALA B 574 29.46 8.05 -19.06
CA ALA B 574 29.01 6.72 -18.68
C ALA B 574 28.14 6.76 -17.44
N PHE B 575 28.37 7.74 -16.56
CA PHE B 575 27.56 7.84 -15.36
C PHE B 575 26.20 8.44 -15.66
N MET B 576 26.14 9.38 -16.60
CA MET B 576 24.91 10.09 -16.92
C MET B 576 24.08 9.41 -17.99
N GLN B 577 24.34 8.12 -18.26
CA GLN B 577 23.62 7.27 -19.21
C GLN B 577 23.76 7.74 -20.66
N GLN B 578 24.67 8.67 -20.92
CA GLN B 578 24.87 9.20 -22.25
C GLN B 578 25.91 8.36 -23.01
N GLY B 579 25.94 8.55 -24.31
CA GLY B 579 26.90 7.86 -25.16
C GLY B 579 28.12 8.73 -25.40
N CYS B 580 29.30 8.14 -25.22
CA CYS B 580 30.55 8.83 -25.46
C CYS B 580 31.17 8.36 -26.76
N ASP B 581 31.80 9.30 -27.47
CA ASP B 581 32.36 9.01 -28.79
C ASP B 581 33.59 8.12 -28.69
N ILE B 582 34.43 8.31 -27.67
CA ILE B 582 35.65 7.54 -27.54
C ILE B 582 35.29 6.19 -26.92
N SER B 583 36.04 5.15 -27.24
CA SER B 583 35.88 3.82 -26.66
C SER B 583 37.26 3.26 -26.34
N PRO B 584 37.37 2.43 -25.30
CA PRO B 584 38.66 1.80 -25.00
C PRO B 584 39.04 0.78 -26.07
N ARG B 585 40.34 0.69 -26.34
CA ARG B 585 40.86 -0.12 -27.43
C ARG B 585 41.97 -1.03 -26.92
N SER B 586 41.73 -1.66 -25.77
CA SER B 586 42.64 -2.63 -25.20
C SER B 586 41.85 -3.50 -24.23
N LEU B 587 42.33 -4.72 -24.01
CA LEU B 587 41.69 -5.62 -23.05
C LEU B 587 41.79 -5.08 -21.65
N SER B 588 42.91 -4.46 -21.31
CA SER B 588 43.05 -3.83 -19.99
C SER B 588 42.19 -2.58 -19.88
N GLY B 589 41.94 -1.89 -21.00
CA GLY B 589 41.10 -0.72 -20.95
C GLY B 589 39.62 -1.05 -20.90
N ARG B 590 39.20 -2.07 -21.66
CA ARG B 590 37.77 -2.34 -21.80
C ARG B 590 37.18 -2.98 -20.55
N ILE B 591 38.02 -3.58 -19.71
CA ILE B 591 37.56 -4.08 -18.42
C ILE B 591 37.17 -2.92 -17.52
N VAL B 592 37.91 -1.80 -17.59
CA VAL B 592 37.56 -0.60 -16.84
C VAL B 592 36.23 -0.05 -17.32
N GLY B 593 36.02 -0.02 -18.63
CA GLY B 593 34.72 0.36 -19.16
C GLY B 593 33.65 -0.68 -18.87
N GLY B 594 34.05 -1.93 -18.66
CA GLY B 594 33.08 -2.97 -18.36
C GLY B 594 32.49 -2.84 -16.97
N VAL B 595 33.34 -2.71 -15.95
CA VAL B 595 32.84 -2.72 -14.58
C VAL B 595 32.26 -1.37 -14.21
N TRP B 596 32.71 -0.29 -14.85
CA TRP B 596 32.13 1.02 -14.57
C TRP B 596 30.72 1.14 -15.14
N TRP B 597 30.49 0.53 -16.31
CA TRP B 597 29.14 0.51 -16.86
C TRP B 597 28.19 -0.32 -16.00
N PHE B 598 28.70 -1.40 -15.40
CA PHE B 598 27.88 -2.17 -14.48
C PHE B 598 27.69 -1.43 -13.17
N PHE B 599 28.62 -0.53 -12.83
CA PHE B 599 28.45 0.30 -11.63
C PHE B 599 27.28 1.27 -11.80
N THR B 600 27.16 1.88 -12.98
CA THR B 600 26.13 2.88 -13.18
C THR B 600 24.75 2.26 -13.28
N LEU B 601 24.66 1.07 -13.88
CA LEU B 601 23.36 0.45 -14.14
C LEU B 601 22.65 0.07 -12.85
N ILE B 602 23.41 -0.25 -11.81
CA ILE B 602 22.80 -0.55 -10.52
C ILE B 602 22.38 0.74 -9.81
N ILE B 603 23.29 1.73 -9.80
CA ILE B 603 23.09 2.93 -8.98
C ILE B 603 21.98 3.81 -9.54
N ILE B 604 21.94 4.00 -10.87
CA ILE B 604 20.88 4.80 -11.48
C ILE B 604 19.53 4.10 -11.32
N SER B 605 19.50 2.77 -11.40
CA SER B 605 18.28 2.04 -11.09
C SER B 605 17.95 2.12 -9.61
N SER B 606 18.99 2.18 -8.76
CA SER B 606 18.74 2.31 -7.32
C SER B 606 18.15 3.68 -6.97
N TYR B 607 18.59 4.72 -7.68
CA TYR B 607 18.05 6.05 -7.45
C TYR B 607 16.61 6.16 -7.91
N THR B 608 16.30 5.50 -9.03
CA THR B 608 14.93 5.52 -9.56
C THR B 608 14.01 4.70 -8.66
N ALA B 609 14.52 3.64 -8.07
CA ALA B 609 13.69 2.74 -7.27
C ALA B 609 13.28 3.38 -5.95
N ASN B 610 14.24 3.98 -5.23
CA ASN B 610 13.91 4.58 -3.95
C ASN B 610 13.10 5.87 -4.10
N LEU B 611 13.30 6.61 -5.19
CA LEU B 611 12.52 7.83 -5.39
C LEU B 611 11.08 7.48 -5.70
N ALA B 612 10.86 6.35 -6.36
CA ALA B 612 9.52 5.79 -6.48
C ALA B 612 9.00 5.34 -5.12
N ALA B 613 9.90 4.81 -4.27
CA ALA B 613 9.48 4.39 -2.94
C ALA B 613 9.13 5.57 -2.06
N PHE B 614 9.79 6.71 -2.26
CA PHE B 614 9.47 7.91 -1.50
C PHE B 614 8.09 8.46 -1.88
N LEU B 615 7.78 8.49 -3.18
CA LEU B 615 6.54 9.12 -3.60
C LEU B 615 5.33 8.23 -3.35
N THR B 616 5.50 6.91 -3.49
CA THR B 616 4.42 5.97 -3.21
C THR B 616 4.04 5.97 -1.74
N VAL B 617 4.97 5.58 -0.87
CA VAL B 617 4.70 5.55 0.55
C VAL B 617 5.13 6.87 1.18
N GLU B 618 4.18 7.55 1.80
CA GLU B 618 4.48 8.80 2.49
C GLU B 618 4.67 8.49 3.97
N ARG B 619 5.72 9.07 4.56
CA ARG B 619 6.02 8.86 5.97
C ARG B 619 6.42 10.20 6.56
N MET B 620 5.65 10.68 7.52
CA MET B 620 5.80 12.01 8.08
C MET B 620 6.47 11.93 9.44
N VAL B 621 7.34 12.90 9.73
CA VAL B 621 8.15 12.85 10.94
C VAL B 621 7.29 13.14 12.17
N SER B 622 7.61 12.45 13.26
CA SER B 622 7.14 12.87 14.57
C SER B 622 8.21 13.80 15.14
N PRO B 623 7.93 15.11 15.21
CA PRO B 623 9.02 16.06 15.52
C PRO B 623 9.54 15.96 16.95
N ILE B 624 8.67 15.69 17.90
CA ILE B 624 9.00 15.71 19.32
C ILE B 624 8.29 14.55 20.01
N GLU B 625 9.07 13.67 20.64
CA GLU B 625 8.58 12.39 21.14
C GLU B 625 8.94 12.18 22.61
N SER B 626 7.92 12.11 23.46
CA SER B 626 7.96 11.53 24.81
C SER B 626 8.91 12.28 25.74
N ALA B 627 8.90 13.61 25.59
CA ALA B 627 9.36 14.60 26.57
C ALA B 627 10.86 14.60 26.87
N GLU B 628 11.62 13.67 26.32
CA GLU B 628 13.08 13.84 26.30
C GLU B 628 13.49 14.58 25.04
N ASP B 629 12.77 14.34 23.95
CA ASP B 629 12.98 15.10 22.73
C ASP B 629 12.46 16.53 22.89
N LEU B 630 11.50 16.75 23.78
CA LEU B 630 11.13 18.10 24.17
C LEU B 630 12.28 18.81 24.86
N SER B 631 12.99 18.09 25.75
CA SER B 631 14.02 18.70 26.59
C SER B 631 15.22 19.16 25.77
N LYS B 632 15.45 18.56 24.61
CA LYS B 632 16.57 18.97 23.76
C LYS B 632 16.17 19.97 22.69
N GLN B 633 15.03 19.76 22.04
CA GLN B 633 14.55 20.70 21.03
C GLN B 633 14.07 21.99 21.68
N THR B 634 14.64 23.12 21.25
CA THR B 634 14.31 24.42 21.81
C THR B 634 14.04 25.41 20.68
N GLU B 635 13.21 24.99 19.72
CA GLU B 635 12.61 25.88 18.74
C GLU B 635 11.12 25.99 18.98
N ILE B 636 10.55 25.09 19.76
CA ILE B 636 9.15 25.05 20.09
C ILE B 636 8.93 25.77 21.41
N ALA B 637 7.73 26.33 21.57
CA ALA B 637 7.34 27.01 22.80
C ALA B 637 6.31 26.16 23.51
N TYR B 638 6.60 25.73 24.74
CA TYR B 638 5.64 24.95 25.48
C TYR B 638 4.53 25.85 25.99
N GLY B 639 3.34 25.28 26.16
CA GLY B 639 2.21 26.05 26.64
C GLY B 639 1.33 25.24 27.55
N THR B 640 0.84 25.91 28.59
CA THR B 640 -0.08 25.32 29.55
C THR B 640 -1.14 26.36 29.89
N LEU B 641 -2.15 25.92 30.63
CA LEU B 641 -3.20 26.82 31.09
C LEU B 641 -2.87 27.35 32.48
N ASP B 642 -3.22 28.62 32.72
CA ASP B 642 -3.08 29.18 34.05
C ASP B 642 -4.29 28.84 34.89
N SER B 643 -4.22 29.17 36.19
CA SER B 643 -5.28 28.97 37.18
C SER B 643 -5.74 27.50 37.23
N GLY B 644 -4.76 26.60 37.22
CA GLY B 644 -5.06 25.19 37.10
C GLY B 644 -3.89 24.33 37.55
N SER B 645 -4.10 23.01 37.43
CA SER B 645 -3.15 22.05 37.98
C SER B 645 -1.87 21.97 37.15
N THR B 646 -2.00 22.11 35.83
CA THR B 646 -0.83 22.00 34.96
C THR B 646 0.14 23.15 35.18
N LYS B 647 -0.37 24.31 35.62
CA LYS B 647 0.50 25.39 36.04
C LYS B 647 1.31 25.01 37.27
N GLU B 648 0.65 24.48 38.31
CA GLU B 648 1.29 24.34 39.60
C GLU B 648 2.19 23.11 39.67
N PHE B 649 1.90 22.09 38.85
CA PHE B 649 2.73 20.88 38.88
C PHE B 649 4.11 21.14 38.30
N PHE B 650 4.20 21.92 37.23
CA PHE B 650 5.51 22.31 36.73
C PHE B 650 6.17 23.34 37.62
N ARG B 651 5.38 24.08 38.42
CA ARG B 651 5.96 24.90 39.47
C ARG B 651 6.57 24.02 40.56
N ARG B 652 5.99 22.84 40.78
CA ARG B 652 6.47 21.81 41.69
C ARG B 652 7.47 20.83 40.99
N SER B 653 8.22 21.31 40.01
CA SER B 653 9.19 20.47 39.31
C SER B 653 10.36 20.12 40.20
N LYS B 654 10.67 18.83 40.28
CA LYS B 654 11.85 18.31 40.96
C LYS B 654 12.67 17.38 40.10
N ILE B 655 12.04 16.69 39.14
CA ILE B 655 12.79 15.87 38.18
C ILE B 655 13.60 16.80 37.28
N ALA B 656 14.80 16.35 36.90
CA ALA B 656 15.72 17.16 36.10
C ALA B 656 15.15 17.48 34.72
N VAL B 657 14.43 16.53 34.12
CA VAL B 657 13.78 16.80 32.84
C VAL B 657 12.60 17.74 33.03
N PHE B 658 11.97 17.71 34.20
CA PHE B 658 10.89 18.67 34.49
C PHE B 658 11.44 20.02 34.90
N ASP B 659 12.66 20.05 35.48
CA ASP B 659 13.28 21.31 35.87
C ASP B 659 13.70 22.11 34.64
N LYS B 660 14.00 21.42 33.53
CA LYS B 660 14.30 22.09 32.27
C LYS B 660 13.08 22.83 31.75
N MET B 661 11.89 22.32 32.02
CA MET B 661 10.67 22.88 31.46
C MET B 661 10.30 24.20 32.10
N TRP B 662 10.25 24.24 33.43
CA TRP B 662 9.70 25.38 34.15
C TRP B 662 10.59 26.61 34.04
N THR B 663 11.89 26.41 33.82
CA THR B 663 12.77 27.53 33.48
C THR B 663 12.35 28.16 32.16
N TYR B 664 12.03 27.34 31.15
CA TYR B 664 11.61 27.89 29.87
C TYR B 664 10.17 28.38 29.92
N MET B 665 9.34 27.78 30.78
CA MET B 665 7.94 28.17 30.89
C MET B 665 7.79 29.57 31.47
N ARG B 666 8.65 29.92 32.43
CA ARG B 666 8.66 31.30 32.92
C ARG B 666 9.37 32.22 31.93
N SER B 667 10.58 31.87 31.51
CA SER B 667 11.37 32.70 30.62
C SER B 667 10.97 32.38 29.18
N ALA B 668 9.96 33.08 28.68
CA ALA B 668 9.50 32.91 27.31
C ALA B 668 8.76 34.15 26.85
N GLU B 669 8.30 34.16 25.61
CA GLU B 669 7.57 35.30 25.07
C GLU B 669 6.70 34.82 23.91
N PRO B 670 5.41 35.19 23.89
CA PRO B 670 4.69 35.84 25.00
C PRO B 670 3.86 34.85 25.82
N SER B 671 3.67 33.64 25.29
CA SER B 671 2.75 32.67 25.88
C SER B 671 3.39 31.92 27.05
N VAL B 672 3.51 32.64 28.17
CA VAL B 672 3.78 31.98 29.43
C VAL B 672 2.59 31.10 29.81
N PHE B 673 1.38 31.64 29.68
CA PHE B 673 0.14 30.87 29.79
C PHE B 673 -0.88 31.45 28.82
N VAL B 674 -1.97 30.72 28.63
CA VAL B 674 -3.12 31.22 27.89
C VAL B 674 -4.34 31.07 28.79
N ARG B 675 -5.52 31.44 28.31
CA ARG B 675 -6.69 31.56 29.18
C ARG B 675 -7.84 30.60 28.86
N THR B 676 -7.83 29.93 27.72
CA THR B 676 -8.86 28.96 27.39
C THR B 676 -8.23 27.79 26.65
N THR B 677 -8.73 26.57 26.93
CA THR B 677 -8.31 25.40 26.18
C THR B 677 -8.69 25.52 24.70
N ALA B 678 -9.88 26.06 24.42
CA ALA B 678 -10.28 26.31 23.04
C ALA B 678 -9.41 27.38 22.39
N GLU B 679 -8.94 28.34 23.20
CA GLU B 679 -7.90 29.25 22.72
C GLU B 679 -6.59 28.50 22.50
N GLY B 680 -6.29 27.54 23.39
CA GLY B 680 -5.08 26.76 23.22
C GLY B 680 -5.16 25.80 22.05
N VAL B 681 -6.35 25.27 21.77
CA VAL B 681 -6.56 24.49 20.56
C VAL B 681 -6.36 25.36 19.33
N ALA B 682 -6.89 26.59 19.35
CA ALA B 682 -6.76 27.49 18.22
C ALA B 682 -5.33 27.99 18.05
N ARG B 683 -4.60 28.15 19.15
CA ARG B 683 -3.22 28.62 19.07
C ARG B 683 -2.30 27.57 18.46
N VAL B 684 -2.58 26.28 18.71
CA VAL B 684 -1.85 25.20 18.05
C VAL B 684 -2.12 25.21 16.56
N ARG B 685 -3.39 25.41 16.18
CA ARG B 685 -3.76 25.37 14.77
C ARG B 685 -3.26 26.58 14.00
N LYS B 686 -2.90 27.68 14.68
CA LYS B 686 -2.22 28.79 14.05
C LYS B 686 -0.71 28.68 14.13
N SER B 687 -0.19 27.69 14.88
CA SER B 687 1.24 27.63 15.13
C SER B 687 2.01 27.08 13.96
N LYS B 688 1.47 26.02 13.33
CA LYS B 688 2.10 25.28 12.23
C LYS B 688 3.49 24.75 12.60
N GLY B 689 3.61 24.25 13.83
CA GLY B 689 4.83 23.63 14.31
C GLY B 689 5.66 24.46 15.27
N LYS B 690 5.31 25.73 15.49
CA LYS B 690 6.11 26.59 16.35
C LYS B 690 5.80 26.37 17.82
N TYR B 691 4.61 25.87 18.13
CA TYR B 691 4.09 25.96 19.49
C TYR B 691 3.34 24.67 19.85
N ALA B 692 3.46 24.28 21.11
CA ALA B 692 2.75 23.12 21.65
C ALA B 692 2.01 23.53 22.92
N TYR B 693 0.87 22.89 23.16
CA TYR B 693 0.00 23.21 24.30
C TYR B 693 -0.20 21.97 25.15
N LEU B 694 0.45 21.93 26.30
CA LEU B 694 0.31 20.81 27.22
C LEU B 694 -1.02 20.94 27.96
N LEU B 695 -1.75 19.83 28.08
CA LEU B 695 -3.10 19.88 28.63
C LEU B 695 -3.49 18.51 29.17
N GLU B 696 -4.74 18.43 29.63
CA GLU B 696 -5.33 17.19 30.14
C GLU B 696 -5.38 16.15 29.03
N SER B 697 -5.18 14.88 29.41
CA SER B 697 -5.02 13.81 28.42
C SER B 697 -6.34 13.46 27.74
N THR B 698 -7.39 13.27 28.52
CA THR B 698 -8.68 12.91 27.94
C THR B 698 -9.30 14.10 27.20
N MET B 699 -8.92 15.33 27.57
CA MET B 699 -9.24 16.47 26.71
C MET B 699 -8.46 16.39 25.39
N ASN B 700 -7.19 15.96 25.46
CA ASN B 700 -6.36 15.88 24.26
C ASN B 700 -6.85 14.78 23.34
N GLU B 701 -7.38 13.69 23.91
CA GLU B 701 -7.86 12.58 23.10
C GLU B 701 -9.11 12.96 22.32
N TYR B 702 -9.96 13.81 22.92
CA TYR B 702 -11.23 14.17 22.29
C TYR B 702 -11.04 15.05 21.06
N ILE B 703 -10.14 16.02 21.15
CA ILE B 703 -9.96 16.99 20.06
C ILE B 703 -9.34 16.31 18.84
N GLU B 704 -8.54 15.27 19.08
CA GLU B 704 -7.98 14.46 18.01
C GLU B 704 -9.04 13.58 17.33
N GLN B 705 -10.18 13.35 17.99
CA GLN B 705 -11.24 12.53 17.40
C GLN B 705 -12.33 13.37 16.74
N ARG B 706 -12.64 14.54 17.30
CA ARG B 706 -13.46 15.53 16.61
C ARG B 706 -12.68 16.01 15.39
N LYS B 707 -13.36 16.31 14.28
CA LYS B 707 -12.64 16.24 13.01
C LYS B 707 -12.35 17.58 12.33
N PRO B 708 -11.52 18.45 12.94
CA PRO B 708 -10.67 19.24 12.05
C PRO B 708 -9.42 18.44 11.69
N CYS B 709 -9.09 17.45 12.53
CA CYS B 709 -8.11 16.37 12.32
C CYS B 709 -6.66 16.84 12.31
N ASP B 710 -6.38 18.09 12.62
CA ASP B 710 -5.04 18.63 12.53
C ASP B 710 -4.28 18.63 13.85
N THR B 711 -4.70 17.82 14.82
CA THR B 711 -4.04 17.72 16.10
C THR B 711 -3.57 16.29 16.34
N MET B 712 -2.48 16.15 17.09
CA MET B 712 -1.92 14.84 17.39
C MET B 712 -1.35 14.78 18.80
N LYS B 713 -1.87 13.86 19.61
CA LYS B 713 -1.25 13.52 20.88
C LYS B 713 0.03 12.73 20.64
N VAL B 714 1.11 13.13 21.31
CA VAL B 714 2.42 12.53 21.10
C VAL B 714 2.88 11.82 22.37
N GLY B 715 3.53 10.67 22.18
CA GLY B 715 4.15 9.95 23.28
C GLY B 715 3.13 9.37 24.25
N GLY B 716 3.26 9.75 25.51
CA GLY B 716 2.38 9.28 26.56
C GLY B 716 2.22 10.34 27.62
N ASN B 717 1.49 9.98 28.67
CA ASN B 717 1.25 10.88 29.78
C ASN B 717 2.54 11.14 30.56
N LEU B 718 2.69 12.38 31.04
CA LEU B 718 3.86 12.76 31.83
C LEU B 718 3.55 12.91 33.30
N ASP B 719 2.32 12.59 33.72
CA ASP B 719 1.92 12.70 35.11
C ASP B 719 0.74 11.75 35.32
N SER B 720 0.23 11.71 36.55
CA SER B 720 -1.02 11.04 36.86
C SER B 720 -1.87 11.94 37.73
N LYS B 721 -3.09 12.17 37.29
CA LYS B 721 -4.04 13.02 38.00
C LYS B 721 -5.42 12.40 37.88
N GLY B 722 -6.34 12.87 38.71
CA GLY B 722 -7.67 12.27 38.81
C GLY B 722 -8.79 13.27 38.81
N TYR B 723 -9.81 12.98 38.02
CA TYR B 723 -11.06 13.74 38.04
C TYR B 723 -12.04 13.12 39.02
N GLY B 724 -12.36 13.85 40.08
CA GLY B 724 -13.31 13.38 41.06
C GLY B 724 -14.39 14.41 41.31
N ILE B 725 -15.54 13.93 41.78
CA ILE B 725 -16.60 14.82 42.23
C ILE B 725 -16.13 15.57 43.46
N ALA B 726 -16.01 16.89 43.33
CA ALA B 726 -15.65 17.68 44.48
C ALA B 726 -16.86 17.88 45.39
N THR B 727 -16.59 17.85 46.69
CA THR B 727 -17.60 17.88 47.74
C THR B 727 -17.09 18.83 48.82
N PRO B 728 -17.97 19.41 49.63
CA PRO B 728 -17.48 20.19 50.77
C PRO B 728 -16.85 19.29 51.82
N LYS B 729 -15.98 19.89 52.64
CA LYS B 729 -15.28 19.14 53.67
C LYS B 729 -16.26 18.68 54.74
N GLY B 730 -16.40 17.35 54.85
CA GLY B 730 -17.48 16.79 55.63
C GLY B 730 -18.81 17.04 54.94
N SER B 731 -18.97 16.49 53.74
CA SER B 731 -20.11 16.82 52.89
C SER B 731 -21.40 16.21 53.43
N SER B 732 -22.51 16.83 53.03
CA SER B 732 -23.84 16.25 53.30
C SER B 732 -24.08 15.02 52.46
N LEU B 733 -23.33 14.86 51.36
CA LEU B 733 -23.59 13.83 50.37
C LEU B 733 -22.35 13.00 50.01
N GLY B 734 -21.21 13.29 50.63
CA GLY B 734 -19.94 12.83 50.08
C GLY B 734 -19.74 11.32 50.15
N THR B 735 -19.93 10.73 51.32
CA THR B 735 -19.80 9.29 51.51
C THR B 735 -20.86 8.49 50.75
N PRO B 736 -22.14 8.93 50.60
CA PRO B 736 -22.99 8.27 49.59
C PRO B 736 -22.51 8.43 48.16
N VAL B 737 -21.90 9.56 47.82
CA VAL B 737 -21.29 9.72 46.49
C VAL B 737 -20.07 8.82 46.37
N ASN B 738 -19.28 8.70 47.45
CA ASN B 738 -18.01 7.96 47.43
C ASN B 738 -18.23 6.48 47.11
N LEU B 739 -19.24 5.86 47.72
CA LEU B 739 -19.53 4.47 47.42
C LEU B 739 -20.16 4.31 46.05
N ALA B 740 -21.01 5.26 45.66
CA ALA B 740 -21.73 5.12 44.40
C ALA B 740 -20.86 5.45 43.18
N VAL B 741 -19.82 6.26 43.37
CA VAL B 741 -18.77 6.37 42.35
C VAL B 741 -18.06 5.03 42.19
N LEU B 742 -17.70 4.40 43.31
CA LEU B 742 -17.08 3.08 43.26
C LEU B 742 -18.06 2.02 42.77
N LYS B 743 -19.36 2.23 43.00
CA LYS B 743 -20.35 1.27 42.53
C LYS B 743 -20.49 1.31 41.01
N LEU B 744 -20.45 2.51 40.42
CA LEU B 744 -20.53 2.61 38.97
C LEU B 744 -19.26 2.10 38.30
N SER B 745 -18.13 2.18 38.99
CA SER B 745 -16.87 1.70 38.43
C SER B 745 -16.82 0.17 38.45
N GLU B 746 -17.24 -0.44 39.57
CA GLU B 746 -17.07 -1.88 39.75
C GLU B 746 -17.98 -2.72 38.87
N GLN B 747 -19.07 -2.14 38.35
CA GLN B 747 -19.93 -2.83 37.40
C GLN B 747 -19.79 -2.28 35.99
N GLY B 748 -18.78 -1.44 35.75
CA GLY B 748 -18.45 -0.93 34.43
C GLY B 748 -19.48 -0.05 33.75
N VAL B 749 -20.38 0.56 34.52
CA VAL B 749 -21.29 1.55 33.95
C VAL B 749 -20.52 2.81 33.55
N LEU B 750 -19.57 3.21 34.40
CA LEU B 750 -18.74 4.39 34.13
C LEU B 750 -17.87 4.18 32.89
N ASP B 751 -17.24 3.01 32.77
CA ASP B 751 -16.45 2.71 31.60
C ASP B 751 -17.32 2.56 30.36
N LYS B 752 -18.58 2.14 30.55
CA LYS B 752 -19.53 2.15 29.44
C LYS B 752 -19.86 3.59 29.04
N LEU B 753 -19.96 4.50 30.03
CA LEU B 753 -20.15 5.90 29.71
C LEU B 753 -18.92 6.50 29.04
N LYS B 754 -17.74 5.98 29.39
CA LYS B 754 -16.51 6.37 28.68
C LYS B 754 -16.52 5.84 27.25
N ASN B 755 -17.06 4.63 27.07
CA ASN B 755 -17.22 4.09 25.72
C ASN B 755 -18.27 4.88 24.93
N LYS B 756 -19.29 5.38 25.62
CA LYS B 756 -20.40 6.06 24.97
C LYS B 756 -19.98 7.36 24.30
N TRP B 757 -19.47 8.31 25.10
CA TRP B 757 -19.43 9.70 24.65
C TRP B 757 -18.29 9.97 23.67
N TRP B 758 -17.14 9.34 23.87
CA TRP B 758 -16.00 9.63 23.00
C TRP B 758 -16.12 8.90 21.66
N TYR B 759 -16.81 7.77 21.63
CA TYR B 759 -16.90 7.02 20.37
C TYR B 759 -17.98 7.58 19.45
N ASP B 760 -19.06 8.12 20.03
CA ASP B 760 -20.24 8.45 19.23
C ASP B 760 -20.06 9.73 18.43
N LYS B 761 -19.08 10.56 18.79
CA LYS B 761 -18.87 11.85 18.13
C LYS B 761 -18.36 11.73 16.70
N GLY B 762 -17.92 10.54 16.31
CA GLY B 762 -17.22 10.36 15.05
C GLY B 762 -15.71 10.35 15.24
N GLU B 763 -15.05 9.66 14.32
CA GLU B 763 -13.63 9.40 14.46
C GLU B 763 -12.88 10.00 13.28
N CYS B 764 -11.58 10.19 13.49
CA CYS B 764 -10.65 10.63 12.45
C CYS B 764 -9.40 9.77 12.65
N GLY B 765 -9.39 8.61 12.01
CA GLY B 765 -8.38 7.60 12.25
C GLY B 765 -7.81 7.02 10.97
N ALA B 766 -7.96 5.70 10.80
CA ALA B 766 -7.53 5.05 9.57
C ALA B 766 -8.50 5.32 8.42
N LYS B 767 -9.62 5.96 8.69
CA LYS B 767 -10.65 6.16 7.66
C LYS B 767 -10.22 7.17 6.60
N ASP B 768 -9.56 8.26 7.01
CA ASP B 768 -9.11 9.23 6.01
C ASP B 768 -7.70 8.91 5.52
N SER B 769 -6.89 8.28 6.35
CA SER B 769 -5.55 7.87 5.91
C SER B 769 -5.63 6.70 4.93
N GLY B 770 -6.75 5.97 4.93
CA GLY B 770 -6.87 4.81 4.06
C GLY B 770 -7.03 5.16 2.60
N SER B 771 -8.05 5.96 2.26
CA SER B 771 -8.42 6.16 0.87
C SER B 771 -8.73 7.61 0.51
N LYS B 772 -8.29 8.57 1.31
CA LYS B 772 -8.37 9.98 0.92
C LYS B 772 -7.00 10.51 0.48
N GLU B 773 -6.25 9.68 -0.25
CA GLU B 773 -5.00 10.15 -0.84
C GLU B 773 -5.07 9.97 -2.34
N LYS B 774 -4.71 11.02 -3.06
CA LYS B 774 -4.18 10.90 -4.41
C LYS B 774 -2.78 11.46 -4.35
N THR B 775 -1.82 10.76 -4.94
CA THR B 775 -0.47 11.27 -4.91
C THR B 775 -0.33 12.43 -5.89
N SER B 776 0.30 13.49 -5.43
CA SER B 776 0.34 14.72 -6.20
C SER B 776 1.40 14.63 -7.28
N ALA B 777 1.28 15.52 -8.25
CA ALA B 777 2.38 15.74 -9.17
C ALA B 777 3.55 16.38 -8.43
N LEU B 778 4.75 16.16 -8.95
CA LEU B 778 5.90 16.88 -8.41
C LEU B 778 5.74 18.36 -8.67
N SER B 779 6.06 19.16 -7.67
CA SER B 779 6.08 20.60 -7.81
C SER B 779 7.44 21.01 -8.35
N LEU B 780 7.61 22.31 -8.58
CA LEU B 780 8.93 22.79 -8.95
C LEU B 780 9.89 22.71 -7.77
N SER B 781 9.36 22.77 -6.54
CA SER B 781 10.19 22.78 -5.34
C SER B 781 10.89 21.43 -5.14
N ASN B 782 10.24 20.34 -5.56
CA ASN B 782 10.78 18.99 -5.35
C ASN B 782 12.05 18.76 -6.17
N VAL B 783 12.19 19.44 -7.31
CA VAL B 783 13.33 19.28 -8.19
C VAL B 783 13.97 20.64 -8.45
N ALA B 784 13.87 21.55 -7.47
CA ALA B 784 14.31 22.93 -7.67
C ALA B 784 15.82 23.04 -7.78
N GLY B 785 16.57 22.30 -6.95
CA GLY B 785 18.01 22.45 -6.90
C GLY B 785 18.71 21.96 -8.15
N VAL B 786 18.05 21.08 -8.90
CA VAL B 786 18.61 20.62 -10.17
C VAL B 786 18.65 21.77 -11.17
N PHE B 787 17.66 22.68 -11.10
CA PHE B 787 17.71 23.90 -11.89
C PHE B 787 18.82 24.84 -11.41
N TYR B 788 19.04 24.92 -10.09
CA TYR B 788 20.07 25.82 -9.58
C TYR B 788 21.46 25.32 -9.91
N ILE B 789 21.68 24.00 -9.85
CA ILE B 789 22.95 23.42 -10.28
C ILE B 789 23.15 23.63 -11.77
N LEU B 790 22.06 23.58 -12.54
CA LEU B 790 22.13 23.78 -13.98
C LEU B 790 22.54 25.21 -14.33
N VAL B 791 21.79 26.20 -13.83
CA VAL B 791 22.10 27.59 -14.15
C VAL B 791 23.38 28.03 -13.45
N GLY B 792 23.66 27.46 -12.27
CA GLY B 792 24.96 27.65 -11.66
C GLY B 792 26.09 27.05 -12.48
N GLY B 793 25.82 25.95 -13.17
CA GLY B 793 26.76 25.44 -14.14
C GLY B 793 26.83 26.31 -15.38
N LEU B 794 25.71 26.96 -15.73
CA LEU B 794 25.70 27.84 -16.90
C LEU B 794 26.56 29.07 -16.69
N GLY B 795 26.51 29.65 -15.49
CA GLY B 795 27.36 30.78 -15.18
C GLY B 795 28.81 30.40 -15.03
N LEU B 796 29.08 29.23 -14.42
CA LEU B 796 30.45 28.80 -14.19
C LEU B 796 31.14 28.43 -15.49
N ALA B 797 30.38 27.94 -16.48
CA ALA B 797 30.94 27.66 -17.79
C ALA B 797 31.37 28.94 -18.49
N MET B 798 30.61 30.02 -18.30
CA MET B 798 30.97 31.31 -18.91
C MET B 798 32.20 31.91 -18.24
N LEU B 799 32.42 31.61 -16.96
CA LEU B 799 33.61 32.10 -16.27
C LEU B 799 34.87 31.42 -16.80
N VAL B 800 34.80 30.12 -17.09
CA VAL B 800 35.98 29.40 -17.59
C VAL B 800 36.21 29.77 -19.05
N ALA B 801 35.16 30.24 -19.74
CA ALA B 801 35.32 30.76 -21.09
C ALA B 801 36.19 32.02 -21.10
N LEU B 802 36.09 32.84 -20.05
CA LEU B 802 36.93 34.03 -19.98
C LEU B 802 38.37 33.69 -19.62
N ILE B 803 38.57 32.72 -18.72
CA ILE B 803 39.93 32.35 -18.32
C ILE B 803 40.62 31.58 -19.45
N GLU B 804 39.84 30.99 -20.37
CA GLU B 804 40.43 30.41 -21.57
C GLU B 804 40.96 31.50 -22.49
N PHE B 805 40.26 32.64 -22.56
CA PHE B 805 40.67 33.74 -23.42
C PHE B 805 41.97 34.36 -22.94
N CYS B 806 42.21 34.32 -21.63
CA CYS B 806 43.48 34.82 -21.09
C CYS B 806 44.63 33.93 -21.50
N TYR B 807 44.49 32.62 -21.30
CA TYR B 807 45.58 31.70 -21.60
C TYR B 807 45.80 31.53 -23.10
N LYS B 808 44.75 31.73 -23.90
CA LYS B 808 44.90 31.64 -25.35
C LYS B 808 45.63 32.87 -25.88
N SER B 809 45.34 34.05 -25.33
CA SER B 809 46.00 35.26 -25.78
C SER B 809 47.45 35.34 -25.32
N ARG B 810 47.83 34.61 -24.29
CA ARG B 810 49.22 34.56 -23.84
C ARG B 810 50.01 33.43 -24.51
N ALA B 811 49.51 33.13 -25.70
CA ALA B 811 50.33 32.28 -26.56
C ALA B 811 51.25 33.34 -27.13
N GLU B 812 50.93 34.62 -26.81
CA GLU B 812 51.55 35.84 -27.40
C GLU B 812 53.07 35.76 -27.26
N ALA B 813 53.80 36.53 -28.06
CA ALA B 813 55.26 36.39 -28.09
C ALA B 813 55.51 34.92 -28.38
N LYS B 814 54.94 34.43 -29.49
CA LYS B 814 55.10 33.00 -29.86
C LYS B 814 56.28 32.87 -30.82
N THR C 385 10.39 -5.14 66.74
CA THR C 385 10.90 -5.33 65.39
C THR C 385 9.75 -5.65 64.42
N VAL C 386 9.93 -5.27 63.16
CA VAL C 386 8.89 -5.43 62.15
C VAL C 386 9.41 -6.36 61.06
N VAL C 387 8.51 -6.70 60.14
CA VAL C 387 8.79 -7.60 59.03
C VAL C 387 8.49 -6.85 57.73
N VAL C 388 9.46 -6.84 56.83
CA VAL C 388 9.31 -6.19 55.52
C VAL C 388 9.46 -7.24 54.43
N THR C 389 8.44 -7.37 53.58
CA THR C 389 8.45 -8.33 52.49
C THR C 389 8.67 -7.62 51.17
N THR C 390 9.36 -8.30 50.26
CA THR C 390 9.75 -7.76 48.97
C THR C 390 9.68 -8.87 47.94
N ILE C 391 9.68 -8.47 46.67
CA ILE C 391 9.84 -9.40 45.55
C ILE C 391 11.16 -9.08 44.85
N LEU C 392 11.84 -10.12 44.38
CA LEU C 392 13.12 -9.95 43.67
C LEU C 392 12.85 -9.48 42.24
N GLU C 393 12.67 -8.17 42.11
CA GLU C 393 12.45 -7.54 40.81
C GLU C 393 13.41 -6.38 40.63
N SER C 394 14.10 -6.34 39.49
CA SER C 394 14.94 -5.21 39.14
C SER C 394 14.07 -4.01 38.77
N PRO C 395 14.52 -2.80 39.11
CA PRO C 395 15.68 -2.44 39.93
C PRO C 395 15.31 -2.25 41.39
N TYR C 396 14.10 -2.68 41.76
CA TYR C 396 13.57 -2.39 43.09
C TYR C 396 14.30 -3.17 44.16
N VAL C 397 14.55 -4.46 43.92
CA VAL C 397 15.40 -5.27 44.77
C VAL C 397 16.43 -5.94 43.88
N MET C 398 17.70 -5.81 44.24
CA MET C 398 18.79 -6.34 43.45
C MET C 398 19.62 -7.26 44.34
N MET C 399 20.49 -8.04 43.69
CA MET C 399 21.42 -8.88 44.44
C MET C 399 22.64 -8.06 44.85
N LYS C 400 23.60 -8.74 45.45
CA LYS C 400 24.80 -8.13 45.99
C LYS C 400 26.02 -8.89 45.47
N LYS C 401 27.14 -8.17 45.34
CA LYS C 401 28.41 -8.84 45.03
C LYS C 401 28.82 -9.79 46.16
N ASN C 402 28.43 -9.48 47.40
CA ASN C 402 28.47 -10.42 48.51
C ASN C 402 27.09 -11.05 48.67
N HIS C 403 26.81 -12.02 47.80
CA HIS C 403 25.50 -12.65 47.78
C HIS C 403 25.26 -13.49 49.03
N GLU C 404 26.32 -14.10 49.56
CA GLU C 404 26.23 -14.87 50.79
C GLU C 404 27.19 -14.40 51.87
N MET C 405 28.15 -13.54 51.54
CA MET C 405 29.19 -13.16 52.49
C MET C 405 28.68 -12.13 53.49
N LEU C 406 27.86 -11.19 53.03
CA LEU C 406 27.48 -10.04 53.84
C LEU C 406 26.26 -10.40 54.71
N GLU C 407 25.99 -9.56 55.71
CA GLU C 407 25.12 -9.89 56.82
C GLU C 407 23.88 -9.02 56.85
N GLY C 408 22.78 -9.60 57.33
CA GLY C 408 21.59 -8.85 57.72
C GLY C 408 20.74 -8.42 56.55
N ASN C 409 20.06 -7.28 56.76
CA ASN C 409 19.28 -6.65 55.70
C ASN C 409 20.15 -6.13 54.56
N GLU C 410 21.44 -5.90 54.82
CA GLU C 410 22.42 -5.49 53.82
C GLU C 410 22.76 -6.62 52.84
N ARG C 411 22.20 -7.83 53.03
CA ARG C 411 22.24 -8.89 52.02
C ARG C 411 21.75 -8.42 50.65
N TYR C 412 20.74 -7.56 50.64
CA TYR C 412 20.17 -7.04 49.41
C TYR C 412 20.44 -5.55 49.27
N GLU C 413 20.11 -5.02 48.10
CA GLU C 413 20.28 -3.61 47.78
C GLU C 413 19.26 -3.26 46.71
N GLY C 414 18.74 -2.04 46.77
CA GLY C 414 17.78 -1.62 45.77
C GLY C 414 17.04 -0.34 46.07
N TYR C 415 16.16 0.04 45.14
CA TYR C 415 15.35 1.25 45.30
C TYR C 415 14.39 1.11 46.48
N CYS C 416 13.71 -0.04 46.60
CA CYS C 416 12.80 -0.25 47.71
C CYS C 416 13.56 -0.41 49.02
N VAL C 417 14.74 -1.03 48.97
CA VAL C 417 15.56 -1.20 50.17
C VAL C 417 16.04 0.15 50.67
N ASP C 418 16.41 1.06 49.76
CA ASP C 418 16.74 2.42 50.17
C ASP C 418 15.50 3.17 50.60
N LEU C 419 14.35 2.90 49.96
CA LEU C 419 13.10 3.50 50.39
C LEU C 419 12.68 2.99 51.77
N ALA C 420 12.94 1.71 52.06
CA ALA C 420 12.56 1.14 53.34
C ALA C 420 13.33 1.77 54.50
N ALA C 421 14.59 2.13 54.26
CA ALA C 421 15.37 2.84 55.27
C ALA C 421 14.84 4.25 55.48
N GLU C 422 14.31 4.87 54.41
CA GLU C 422 13.70 6.19 54.54
C GLU C 422 12.41 6.12 55.34
N ILE C 423 11.61 5.08 55.13
CA ILE C 423 10.39 4.89 55.92
C ILE C 423 10.75 4.57 57.37
N ALA C 424 11.87 3.88 57.57
CA ALA C 424 12.27 3.45 58.90
C ALA C 424 12.69 4.62 59.78
N LYS C 425 13.57 5.48 59.28
CA LYS C 425 14.20 6.50 60.12
C LYS C 425 13.23 7.62 60.47
N HIS C 426 12.41 8.06 59.50
CA HIS C 426 11.49 9.16 59.75
C HIS C 426 10.37 8.75 60.70
N CYS C 427 9.96 7.48 60.65
CA CYS C 427 8.98 6.99 61.62
C CYS C 427 9.66 6.60 62.93
N GLY C 428 10.67 5.73 62.86
CA GLY C 428 11.42 5.37 64.05
C GLY C 428 11.39 3.90 64.44
N PHE C 429 11.27 3.01 63.46
CA PHE C 429 11.26 1.58 63.74
C PHE C 429 12.33 0.87 62.90
N LYS C 430 13.07 -0.02 63.55
CA LYS C 430 14.04 -0.85 62.87
C LYS C 430 13.32 -1.91 62.03
N TYR C 431 13.92 -2.29 60.91
CA TYR C 431 13.26 -3.19 59.96
C TYR C 431 14.11 -4.43 59.72
N LYS C 432 13.42 -5.56 59.54
CA LYS C 432 14.02 -6.82 59.14
C LYS C 432 13.42 -7.23 57.80
N LEU C 433 14.26 -7.36 56.79
CA LEU C 433 13.75 -7.70 55.47
C LEU C 433 13.41 -9.19 55.38
N THR C 434 12.42 -9.50 54.56
CA THR C 434 12.04 -10.87 54.24
C THR C 434 11.71 -10.94 52.77
N ILE C 435 11.73 -12.17 52.24
CA ILE C 435 11.48 -12.44 50.83
C ILE C 435 10.26 -13.34 50.74
N VAL C 436 9.41 -13.09 49.75
CA VAL C 436 8.31 -14.00 49.44
C VAL C 436 8.89 -15.31 48.90
N GLY C 437 8.27 -16.42 49.29
CA GLY C 437 8.81 -17.72 48.91
C GLY C 437 8.59 -18.04 47.44
N ASP C 438 7.41 -17.71 46.92
CA ASP C 438 7.05 -18.09 45.55
C ASP C 438 7.73 -17.17 44.53
N GLY C 439 7.64 -15.87 44.74
CA GLY C 439 8.15 -14.92 43.78
C GLY C 439 7.12 -14.36 42.83
N LYS C 440 5.84 -14.48 43.15
CA LYS C 440 4.77 -13.89 42.37
C LYS C 440 4.14 -12.77 43.18
N TYR C 441 3.56 -11.78 42.48
CA TYR C 441 3.08 -10.58 43.14
C TYR C 441 1.82 -10.85 43.95
N GLY C 442 0.74 -11.25 43.30
CA GLY C 442 -0.51 -11.52 43.98
C GLY C 442 -1.58 -12.03 43.03
N ALA C 443 -2.26 -13.10 43.40
CA ALA C 443 -3.19 -13.77 42.51
C ALA C 443 -4.54 -13.94 43.19
N ARG C 444 -5.61 -13.56 42.50
CA ARG C 444 -6.97 -13.78 42.96
C ARG C 444 -7.67 -14.69 41.95
N ASP C 445 -7.86 -15.94 42.34
CA ASP C 445 -8.49 -16.94 41.49
C ASP C 445 -9.96 -17.11 41.87
N ALA C 446 -10.73 -17.70 40.95
CA ALA C 446 -12.09 -18.09 41.29
C ALA C 446 -12.01 -19.30 42.22
N ASP C 447 -12.00 -19.01 43.52
CA ASP C 447 -11.42 -19.92 44.51
C ASP C 447 -11.78 -19.38 45.88
N THR C 448 -11.16 -19.89 46.95
CA THR C 448 -11.21 -19.24 48.25
C THR C 448 -10.45 -17.91 48.27
N LYS C 449 -9.70 -17.61 47.19
CA LYS C 449 -9.03 -16.33 46.89
C LYS C 449 -8.07 -15.88 47.99
N ILE C 450 -7.48 -16.86 48.68
CA ILE C 450 -6.23 -16.64 49.41
C ILE C 450 -5.20 -16.18 48.38
N TRP C 451 -4.72 -14.95 48.55
CA TRP C 451 -3.85 -14.37 47.54
C TRP C 451 -2.48 -15.02 47.57
N ASN C 452 -2.12 -15.67 46.47
CA ASN C 452 -0.87 -16.38 46.36
C ASN C 452 0.17 -15.36 45.90
N GLY C 453 0.99 -14.88 46.82
CA GLY C 453 1.96 -13.86 46.48
C GLY C 453 2.31 -13.03 47.71
N MET C 454 2.78 -11.81 47.44
CA MET C 454 3.15 -10.90 48.52
C MET C 454 1.94 -10.44 49.31
N VAL C 455 0.77 -10.41 48.69
CA VAL C 455 -0.43 -9.92 49.35
C VAL C 455 -0.86 -10.87 50.46
N GLY C 456 -0.83 -12.18 50.19
CA GLY C 456 -1.17 -13.16 51.22
C GLY C 456 -0.15 -13.21 52.33
N GLU C 457 1.11 -12.88 52.04
CA GLU C 457 2.09 -12.66 53.08
C GLU C 457 1.70 -11.46 53.94
N LEU C 458 1.07 -10.46 53.31
CA LEU C 458 0.79 -9.19 53.97
C LEU C 458 -0.55 -9.23 54.70
N VAL C 459 -1.54 -9.92 54.14
CA VAL C 459 -2.88 -9.96 54.73
C VAL C 459 -2.90 -10.81 56.00
N TYR C 460 -2.54 -12.08 55.86
CA TYR C 460 -2.86 -13.09 56.88
C TYR C 460 -1.93 -13.07 58.07
N GLY C 461 -0.94 -12.19 58.09
CA GLY C 461 -0.16 -11.95 59.28
C GLY C 461 1.24 -12.51 59.30
N LYS C 462 1.76 -12.96 58.15
CA LYS C 462 3.17 -13.34 58.10
C LYS C 462 4.06 -12.09 58.16
N ALA C 463 3.69 -11.05 57.41
CA ALA C 463 4.51 -9.85 57.32
C ALA C 463 3.73 -8.65 57.85
N ASP C 464 4.47 -7.58 58.15
CA ASP C 464 3.87 -6.38 58.70
C ASP C 464 3.66 -5.29 57.66
N ILE C 465 4.75 -4.85 57.02
CA ILE C 465 4.71 -3.76 56.04
C ILE C 465 5.36 -4.28 54.77
N ALA C 466 4.81 -3.87 53.62
CA ALA C 466 5.38 -4.23 52.33
C ALA C 466 6.01 -3.01 51.70
N ILE C 467 7.27 -3.16 51.28
CA ILE C 467 7.97 -2.11 50.54
C ILE C 467 8.32 -2.72 49.18
N ALA C 468 7.44 -2.53 48.21
CA ALA C 468 7.51 -3.30 46.98
C ALA C 468 6.79 -2.50 45.90
N PRO C 469 7.07 -2.79 44.62
CA PRO C 469 6.24 -2.20 43.55
C PRO C 469 4.88 -2.86 43.40
N LEU C 470 4.09 -2.88 44.46
CA LEU C 470 2.73 -3.40 44.40
C LEU C 470 1.80 -2.39 43.77
N THR C 471 0.99 -2.85 42.82
CA THR C 471 0.06 -1.95 42.15
C THR C 471 -1.17 -1.73 43.02
N ILE C 472 -1.66 -0.49 43.03
CA ILE C 472 -2.83 -0.12 43.80
C ILE C 472 -4.04 -0.28 42.90
N THR C 473 -4.85 -1.30 43.18
CA THR C 473 -6.09 -1.52 42.47
C THR C 473 -7.22 -1.60 43.49
N LEU C 474 -8.45 -1.47 42.97
CA LEU C 474 -9.63 -1.42 43.85
C LEU C 474 -9.90 -2.75 44.52
N VAL C 475 -9.49 -3.85 43.89
CA VAL C 475 -9.61 -5.17 44.52
C VAL C 475 -8.68 -5.27 45.72
N ARG C 476 -7.44 -4.81 45.55
CA ARG C 476 -6.51 -4.79 46.67
C ARG C 476 -6.84 -3.68 47.67
N GLU C 477 -7.60 -2.66 47.24
CA GLU C 477 -7.89 -1.53 48.12
C GLU C 477 -8.85 -1.93 49.24
N GLU C 478 -9.77 -2.84 48.95
CA GLU C 478 -10.77 -3.20 49.95
C GLU C 478 -10.21 -4.16 50.99
N VAL C 479 -9.12 -4.87 50.64
CA VAL C 479 -8.64 -5.90 51.56
C VAL C 479 -7.47 -5.44 52.42
N ILE C 480 -6.68 -4.46 51.96
CA ILE C 480 -5.59 -3.91 52.76
C ILE C 480 -5.56 -2.38 52.65
N ASP C 481 -4.61 -1.77 53.33
CA ASP C 481 -4.45 -0.32 53.35
C ASP C 481 -3.32 0.07 52.41
N PHE C 482 -3.55 1.13 51.64
CA PHE C 482 -2.52 1.71 50.78
C PHE C 482 -2.29 3.16 51.14
N SER C 483 -1.05 3.59 51.00
CA SER C 483 -0.70 4.99 51.16
C SER C 483 -1.00 5.75 49.87
N LYS C 484 -0.62 7.03 49.86
CA LYS C 484 -0.64 7.78 48.62
C LYS C 484 0.45 7.26 47.68
N PRO C 485 0.21 7.30 46.36
CA PRO C 485 1.20 6.75 45.42
C PRO C 485 2.50 7.52 45.41
N PHE C 486 3.61 6.79 45.42
CA PHE C 486 4.95 7.38 45.39
C PHE C 486 5.58 7.34 44.01
N MET C 487 4.88 6.80 43.02
CA MET C 487 5.40 6.72 41.66
C MET C 487 4.21 6.62 40.72
N SER C 488 4.38 7.13 39.51
CA SER C 488 3.36 7.10 38.47
C SER C 488 3.86 6.25 37.32
N LEU C 489 2.94 5.50 36.72
CA LEU C 489 3.30 4.37 35.89
C LEU C 489 2.13 3.97 35.03
N GLY C 490 2.39 3.12 34.04
CA GLY C 490 1.35 2.59 33.19
C GLY C 490 1.78 1.32 32.50
N ILE C 491 0.79 0.61 31.95
CA ILE C 491 1.09 -0.54 31.11
C ILE C 491 1.74 -0.06 29.81
N SER C 492 2.86 -0.68 29.45
CA SER C 492 3.57 -0.30 28.24
C SER C 492 4.06 -1.56 27.54
N ILE C 493 3.95 -1.55 26.21
CA ILE C 493 4.39 -2.70 25.42
C ILE C 493 5.90 -2.66 25.27
N MET C 494 6.54 -3.81 25.52
CA MET C 494 7.94 -3.99 25.17
C MET C 494 8.04 -5.02 24.06
N ILE C 495 8.66 -4.62 22.95
CA ILE C 495 8.91 -5.52 21.83
C ILE C 495 10.41 -5.60 21.64
N LYS C 496 10.81 -6.53 20.77
CA LYS C 496 12.21 -6.63 20.41
C LYS C 496 12.57 -5.45 19.51
N LYS C 497 13.53 -4.63 19.95
CA LYS C 497 13.97 -3.54 19.10
C LYS C 497 14.74 -4.11 17.92
N PRO C 498 14.30 -3.84 16.68
CA PRO C 498 14.78 -4.62 15.53
C PRO C 498 16.25 -4.34 15.23
N GLN C 499 17.06 -5.39 15.38
CA GLN C 499 18.44 -5.36 14.92
C GLN C 499 18.42 -5.32 13.41
N LYS C 500 19.09 -4.32 12.83
CA LYS C 500 19.23 -4.32 11.39
C LYS C 500 20.12 -5.48 10.96
N SER C 501 19.60 -6.32 10.07
CA SER C 501 20.40 -7.33 9.43
C SER C 501 21.11 -6.65 8.26
N LYS C 502 22.41 -6.42 8.42
CA LYS C 502 23.21 -5.93 7.30
C LYS C 502 23.14 -6.97 6.19
N PRO C 503 22.66 -6.60 5.01
CA PRO C 503 22.37 -7.61 3.97
C PRO C 503 23.63 -8.22 3.39
N GLY C 504 23.42 -9.13 2.46
CA GLY C 504 24.53 -9.69 1.71
C GLY C 504 25.26 -8.60 0.93
N VAL C 505 26.57 -8.79 0.76
CA VAL C 505 27.40 -7.86 0.00
C VAL C 505 26.89 -7.77 -1.43
N PHE C 506 26.42 -8.90 -1.99
CA PHE C 506 25.85 -8.92 -3.32
C PHE C 506 24.33 -8.91 -3.31
N SER C 507 23.71 -8.15 -2.40
CA SER C 507 22.25 -8.08 -2.33
C SER C 507 21.64 -7.18 -3.39
N PHE C 508 22.45 -6.54 -4.24
CA PHE C 508 21.92 -5.71 -5.31
C PHE C 508 21.22 -6.53 -6.38
N LEU C 509 21.62 -7.78 -6.57
CA LEU C 509 21.08 -8.64 -7.61
C LEU C 509 19.89 -9.46 -7.13
N ASP C 510 19.36 -9.15 -5.96
CA ASP C 510 18.14 -9.75 -5.41
C ASP C 510 16.83 -9.52 -6.18
N PRO C 511 16.59 -8.40 -6.90
CA PRO C 511 15.36 -8.33 -7.73
C PRO C 511 15.26 -9.39 -8.81
N LEU C 512 16.36 -9.71 -9.48
CA LEU C 512 16.33 -10.86 -10.37
C LEU C 512 16.68 -12.11 -9.57
N ALA C 513 16.51 -13.27 -10.19
CA ALA C 513 16.92 -14.53 -9.58
C ALA C 513 18.31 -14.90 -10.08
N TYR C 514 18.97 -15.79 -9.33
CA TYR C 514 20.32 -16.19 -9.71
C TYR C 514 20.31 -17.09 -10.93
N GLU C 515 19.16 -17.66 -11.27
CA GLU C 515 19.03 -18.36 -12.54
C GLU C 515 18.99 -17.39 -13.71
N ILE C 516 18.45 -16.19 -13.48
CA ILE C 516 18.37 -15.19 -14.56
C ILE C 516 19.75 -14.67 -14.92
N TRP C 517 20.55 -14.32 -13.91
CA TRP C 517 21.92 -13.84 -14.15
C TRP C 517 22.77 -14.93 -14.78
N MET C 518 22.46 -16.20 -14.51
CA MET C 518 23.09 -17.31 -15.21
C MET C 518 22.67 -17.33 -16.67
N CYS C 519 21.38 -17.07 -16.94
CA CYS C 519 20.89 -17.13 -18.32
C CYS C 519 21.26 -15.88 -19.11
N ILE C 520 21.50 -14.76 -18.44
CA ILE C 520 21.96 -13.55 -19.13
C ILE C 520 23.35 -13.74 -19.70
N VAL C 521 24.27 -14.28 -18.87
CA VAL C 521 25.63 -14.52 -19.31
C VAL C 521 25.67 -15.59 -20.39
N PHE C 522 24.79 -16.61 -20.26
CA PHE C 522 24.66 -17.62 -21.30
C PHE C 522 24.12 -17.02 -22.60
N ALA C 523 23.22 -16.04 -22.49
CA ALA C 523 22.76 -15.34 -23.67
C ALA C 523 23.80 -14.36 -24.18
N TYR C 524 24.61 -13.79 -23.28
CA TYR C 524 25.64 -12.84 -23.69
C TYR C 524 26.73 -13.54 -24.51
N ILE C 525 27.11 -14.76 -24.11
CA ILE C 525 28.09 -15.52 -24.87
C ILE C 525 27.51 -15.90 -26.23
N GLY C 526 26.23 -16.29 -26.27
CA GLY C 526 25.65 -16.79 -27.50
C GLY C 526 25.45 -15.73 -28.56
N VAL C 527 24.97 -14.55 -28.16
CA VAL C 527 24.73 -13.47 -29.11
C VAL C 527 26.04 -12.94 -29.68
N SER C 528 27.10 -12.94 -28.87
CA SER C 528 28.42 -12.51 -29.34
C SER C 528 28.99 -13.49 -30.36
N VAL C 529 28.77 -14.80 -30.17
CA VAL C 529 29.31 -15.79 -31.10
C VAL C 529 28.48 -15.82 -32.38
N VAL C 530 27.16 -15.69 -32.27
CA VAL C 530 26.29 -15.68 -33.45
C VAL C 530 26.57 -14.45 -34.31
N LEU C 531 26.81 -13.30 -33.68
CA LEU C 531 27.17 -12.10 -34.43
C LEU C 531 28.56 -12.25 -35.05
N PHE C 532 29.43 -13.05 -34.43
CA PHE C 532 30.73 -13.36 -35.04
C PHE C 532 30.56 -14.23 -36.27
N LEU C 533 29.73 -15.26 -36.18
CA LEU C 533 29.51 -16.17 -37.31
C LEU C 533 28.77 -15.47 -38.45
N VAL C 534 27.87 -14.54 -38.11
CA VAL C 534 27.17 -13.76 -39.13
C VAL C 534 28.15 -12.83 -39.84
N SER C 535 28.96 -12.11 -39.08
CA SER C 535 29.86 -11.12 -39.67
C SER C 535 31.01 -11.80 -40.42
N ARG C 536 31.73 -12.68 -39.73
CA ARG C 536 32.85 -13.39 -40.36
C ARG C 536 32.34 -14.62 -41.13
N PHE C 537 31.63 -14.33 -42.21
CA PHE C 537 31.19 -15.38 -43.11
C PHE C 537 32.25 -15.50 -44.21
N SER C 538 32.06 -16.38 -45.18
CA SER C 538 33.15 -16.70 -46.09
C SER C 538 33.42 -15.63 -47.15
N PRO C 539 32.40 -15.00 -47.84
CA PRO C 539 32.74 -13.82 -48.65
C PRO C 539 32.58 -12.52 -47.88
N TYR C 540 32.33 -12.64 -46.57
CA TYR C 540 32.15 -11.53 -45.62
C TYR C 540 31.00 -10.61 -46.03
N SER C 558 33.43 -6.89 -47.27
CA SER C 558 34.73 -6.27 -47.03
C SER C 558 34.63 -5.22 -45.93
N THR C 559 35.75 -5.05 -45.22
CA THR C 559 35.91 -4.10 -44.11
C THR C 559 34.84 -4.37 -43.03
N ASN C 560 34.71 -5.63 -42.66
CA ASN C 560 33.80 -6.04 -41.60
C ASN C 560 34.63 -6.29 -40.35
N GLU C 561 34.65 -5.31 -39.45
CA GLU C 561 35.60 -5.27 -38.35
C GLU C 561 35.21 -6.17 -37.18
N PHE C 562 34.10 -6.91 -37.26
CA PHE C 562 33.61 -7.68 -36.12
C PHE C 562 34.36 -9.00 -36.00
N GLY C 563 35.50 -8.94 -35.33
CA GLY C 563 36.12 -10.14 -34.79
C GLY C 563 35.43 -10.56 -33.51
N ILE C 564 35.92 -11.65 -32.92
CA ILE C 564 35.30 -12.16 -31.71
C ILE C 564 35.58 -11.24 -30.53
N PHE C 565 36.72 -10.52 -30.57
CA PHE C 565 37.00 -9.55 -29.52
C PHE C 565 36.15 -8.31 -29.69
N ASN C 566 35.82 -7.95 -30.95
CA ASN C 566 34.88 -6.87 -31.19
C ASN C 566 33.44 -7.30 -30.88
N SER C 567 33.09 -8.53 -31.24
CA SER C 567 31.71 -8.99 -31.05
C SER C 567 31.39 -9.17 -29.56
N LEU C 568 32.38 -9.54 -28.76
CA LEU C 568 32.22 -9.51 -27.31
C LEU C 568 32.05 -8.09 -26.80
N TRP C 569 32.72 -7.13 -27.44
CA TRP C 569 32.67 -5.76 -26.95
C TRP C 569 31.40 -5.03 -27.38
N PHE C 570 30.83 -5.41 -28.54
CA PHE C 570 29.59 -4.79 -28.97
C PHE C 570 28.42 -5.19 -28.10
N SER C 571 28.32 -6.48 -27.76
CA SER C 571 27.17 -6.97 -27.02
C SER C 571 27.22 -6.49 -25.56
N LEU C 572 28.42 -6.30 -25.02
CA LEU C 572 28.55 -5.76 -23.67
C LEU C 572 28.17 -4.30 -23.64
N GLY C 573 28.52 -3.55 -24.69
CA GLY C 573 28.10 -2.17 -24.79
C GLY C 573 26.61 -2.04 -25.01
N ALA C 574 26.03 -2.97 -25.75
CA ALA C 574 24.60 -2.92 -26.03
C ALA C 574 23.79 -3.33 -24.80
N PHE C 575 24.30 -4.27 -24.01
CA PHE C 575 23.58 -4.70 -22.82
C PHE C 575 23.56 -3.64 -21.74
N MET C 576 24.63 -2.86 -21.62
CA MET C 576 24.70 -1.84 -20.59
C MET C 576 24.05 -0.53 -21.00
N GLN C 577 23.51 -0.44 -22.22
CA GLN C 577 22.84 0.71 -22.81
C GLN C 577 23.72 1.96 -22.89
N GLN C 578 25.03 1.81 -22.81
CA GLN C 578 25.93 2.95 -22.79
C GLN C 578 26.42 3.34 -24.18
N GLY C 579 25.76 2.90 -25.23
CA GLY C 579 26.24 3.14 -26.57
C GLY C 579 27.28 2.13 -26.97
N CYS C 580 27.86 2.36 -28.14
CA CYS C 580 28.83 1.42 -28.70
C CYS C 580 29.75 2.17 -29.65
N ASP C 581 30.80 1.47 -30.09
CA ASP C 581 31.72 2.04 -31.05
C ASP C 581 31.10 2.10 -32.44
N ILE C 582 30.77 0.94 -33.00
CA ILE C 582 30.25 0.84 -34.36
C ILE C 582 28.98 -0.02 -34.33
N SER C 583 28.30 -0.05 -35.47
CA SER C 583 27.08 -0.80 -35.68
C SER C 583 27.30 -1.82 -36.78
N PRO C 584 26.60 -2.95 -36.76
CA PRO C 584 26.79 -3.96 -37.80
C PRO C 584 26.26 -3.49 -39.15
N ARG C 585 27.15 -3.48 -40.14
CA ARG C 585 26.82 -3.03 -41.50
C ARG C 585 26.53 -4.25 -42.38
N SER C 586 25.47 -4.97 -42.03
CA SER C 586 25.01 -6.16 -42.75
C SER C 586 23.61 -6.50 -42.24
N LEU C 587 22.77 -7.10 -43.09
CA LEU C 587 21.36 -7.26 -42.73
C LEU C 587 21.17 -8.29 -41.63
N SER C 588 21.89 -9.41 -41.72
CA SER C 588 21.79 -10.41 -40.67
C SER C 588 22.49 -9.94 -39.40
N GLY C 589 23.46 -9.05 -39.54
CA GLY C 589 24.10 -8.47 -38.36
C GLY C 589 23.20 -7.51 -37.61
N ARG C 590 22.28 -6.86 -38.33
CA ARG C 590 21.34 -5.96 -37.66
C ARG C 590 20.23 -6.73 -36.96
N ILE C 591 19.95 -7.95 -37.43
CA ILE C 591 18.92 -8.77 -36.79
C ILE C 591 19.39 -9.24 -35.42
N VAL C 592 20.62 -9.76 -35.34
CA VAL C 592 21.16 -10.23 -34.06
C VAL C 592 21.40 -9.05 -33.13
N GLY C 593 21.74 -7.88 -33.67
CA GLY C 593 21.79 -6.68 -32.86
C GLY C 593 20.41 -6.19 -32.46
N GLY C 594 19.41 -6.49 -33.29
CA GLY C 594 18.07 -6.00 -33.02
C GLY C 594 17.40 -6.72 -31.86
N VAL C 595 17.48 -8.06 -31.85
CA VAL C 595 16.82 -8.82 -30.79
C VAL C 595 17.56 -8.68 -29.48
N TRP C 596 18.87 -8.44 -29.54
CA TRP C 596 19.64 -8.20 -28.32
C TRP C 596 19.30 -6.83 -27.74
N TRP C 597 18.99 -5.85 -28.59
CA TRP C 597 18.52 -4.56 -28.10
C TRP C 597 17.14 -4.67 -27.47
N PHE C 598 16.29 -5.54 -28.01
CA PHE C 598 15.00 -5.78 -27.37
C PHE C 598 15.16 -6.61 -26.11
N PHE C 599 16.21 -7.43 -26.05
CA PHE C 599 16.49 -8.19 -24.84
C PHE C 599 16.91 -7.27 -23.70
N THR C 600 17.83 -6.35 -23.96
CA THR C 600 18.39 -5.53 -22.89
C THR C 600 17.42 -4.45 -22.45
N LEU C 601 16.42 -4.15 -23.28
CA LEU C 601 15.40 -3.18 -22.90
C LEU C 601 14.49 -3.73 -21.81
N ILE C 602 14.10 -5.00 -21.93
CA ILE C 602 13.14 -5.57 -20.99
C ILE C 602 13.81 -5.89 -19.66
N ILE C 603 15.02 -6.46 -19.71
CA ILE C 603 15.68 -6.98 -18.52
C ILE C 603 16.08 -5.84 -17.57
N ILE C 604 16.61 -4.75 -18.13
CA ILE C 604 16.96 -3.59 -17.30
C ILE C 604 15.70 -2.94 -16.73
N SER C 605 14.64 -2.85 -17.54
CA SER C 605 13.38 -2.31 -17.04
C SER C 605 12.75 -3.24 -16.01
N SER C 606 12.93 -4.56 -16.19
CA SER C 606 12.45 -5.50 -15.18
C SER C 606 13.26 -5.40 -13.89
N TYR C 607 14.57 -5.17 -14.01
CA TYR C 607 15.41 -5.03 -12.83
C TYR C 607 15.12 -3.75 -12.08
N THR C 608 14.86 -2.66 -12.82
CA THR C 608 14.55 -1.38 -12.19
C THR C 608 13.19 -1.44 -11.51
N ALA C 609 12.22 -2.11 -12.12
CA ALA C 609 10.87 -2.17 -11.57
C ALA C 609 10.81 -3.06 -10.34
N ASN C 610 11.52 -4.19 -10.36
CA ASN C 610 11.47 -5.08 -9.21
C ASN C 610 12.31 -4.54 -8.05
N LEU C 611 13.33 -3.73 -8.35
CA LEU C 611 14.04 -3.04 -7.28
C LEU C 611 13.17 -1.95 -6.68
N ALA C 612 12.31 -1.35 -7.50
CA ALA C 612 11.29 -0.46 -6.97
C ALA C 612 10.24 -1.23 -6.18
N ALA C 613 10.01 -2.49 -6.56
CA ALA C 613 9.04 -3.31 -5.84
C ALA C 613 9.55 -3.68 -4.45
N PHE C 614 10.87 -3.87 -4.31
CA PHE C 614 11.43 -4.18 -2.99
C PHE C 614 11.29 -3.01 -2.04
N LEU C 615 11.61 -1.80 -2.51
CA LEU C 615 11.74 -0.67 -1.61
C LEU C 615 10.37 -0.11 -1.22
N THR C 616 9.35 -0.30 -2.07
CA THR C 616 8.01 0.12 -1.69
C THR C 616 7.41 -0.82 -0.64
N VAL C 617 7.63 -2.12 -0.79
CA VAL C 617 7.10 -3.09 0.17
C VAL C 617 7.83 -2.96 1.51
N GLU C 618 9.10 -2.59 1.48
CA GLU C 618 9.85 -2.36 2.71
C GLU C 618 9.32 -1.13 3.46
N ARG C 619 8.92 -0.09 2.73
CA ARG C 619 8.37 1.09 3.37
C ARG C 619 6.94 0.88 3.84
N MET C 620 6.18 -0.02 3.18
CA MET C 620 4.82 -0.28 3.61
C MET C 620 4.76 -1.04 4.93
N VAL C 621 5.84 -1.74 5.30
CA VAL C 621 5.88 -2.42 6.59
C VAL C 621 5.97 -1.38 7.71
N SER C 622 4.97 -1.40 8.59
CA SER C 622 4.90 -0.48 9.70
C SER C 622 5.11 -1.21 11.01
N PRO C 623 5.95 -0.71 11.90
CA PRO C 623 6.12 -1.37 13.21
C PRO C 623 4.89 -1.17 14.09
N ILE C 624 4.59 -2.18 14.88
CA ILE C 624 3.40 -2.17 15.72
C ILE C 624 3.67 -1.33 16.96
N GLU C 625 2.93 -0.22 17.11
CA GLU C 625 3.15 0.65 18.26
C GLU C 625 1.88 1.16 18.94
N SER C 626 0.75 1.27 18.26
CA SER C 626 -0.40 1.96 18.83
C SER C 626 -1.28 1.07 19.69
N ALA C 627 -0.92 -0.21 19.83
CA ALA C 627 -1.58 -1.29 20.60
C ALA C 627 -2.87 -1.76 19.95
N GLU C 628 -3.35 -1.05 18.92
CA GLU C 628 -4.38 -1.60 18.06
C GLU C 628 -3.76 -2.43 16.96
N ASP C 629 -2.57 -2.02 16.49
CA ASP C 629 -1.77 -2.85 15.60
C ASP C 629 -1.28 -4.10 16.33
N LEU C 630 -0.99 -3.97 17.62
CA LEU C 630 -0.60 -5.13 18.43
C LEU C 630 -1.75 -6.11 18.58
N SER C 631 -2.98 -5.60 18.63
CA SER C 631 -4.14 -6.47 18.80
C SER C 631 -4.45 -7.23 17.51
N LYS C 632 -4.35 -6.55 16.37
CA LYS C 632 -4.81 -7.10 15.10
C LYS C 632 -3.75 -7.92 14.36
N GLN C 633 -2.52 -7.94 14.83
CA GLN C 633 -1.44 -8.67 14.16
C GLN C 633 -1.16 -9.94 14.95
N THR C 634 -1.63 -11.08 14.44
CA THR C 634 -1.38 -12.36 15.09
C THR C 634 0.00 -12.92 14.79
N GLU C 635 0.78 -12.27 13.92
CA GLU C 635 2.13 -12.75 13.64
C GLU C 635 3.05 -12.45 14.83
N ILE C 636 2.77 -11.39 15.57
CA ILE C 636 3.44 -11.11 16.83
C ILE C 636 2.53 -11.53 17.97
N ALA C 637 2.97 -12.50 18.77
CA ALA C 637 2.21 -12.98 19.92
C ALA C 637 2.53 -12.11 21.12
N TYR C 638 1.51 -11.84 21.94
CA TYR C 638 1.67 -10.99 23.10
C TYR C 638 1.08 -11.64 24.34
N GLY C 639 1.83 -11.58 25.44
CA GLY C 639 1.37 -12.11 26.71
C GLY C 639 1.82 -11.22 27.84
N THR C 640 1.36 -11.54 29.05
CA THR C 640 1.66 -10.73 30.21
C THR C 640 2.34 -11.56 31.29
N LEU C 641 2.87 -10.86 32.28
CA LEU C 641 3.17 -11.48 33.57
C LEU C 641 1.88 -11.90 34.25
N ASP C 642 1.84 -13.13 34.75
CA ASP C 642 0.66 -13.55 35.48
C ASP C 642 0.86 -13.34 36.98
N SER C 643 -0.23 -13.56 37.73
CA SER C 643 -0.30 -13.34 39.19
C SER C 643 0.09 -11.91 39.56
N GLY C 644 -0.42 -10.95 38.79
CA GLY C 644 -0.10 -9.56 39.04
C GLY C 644 -1.30 -8.64 38.94
N SER C 645 -1.15 -7.54 38.20
CA SER C 645 -2.22 -6.58 38.05
C SER C 645 -2.48 -6.30 36.58
N THR C 646 -1.47 -6.57 35.75
CA THR C 646 -1.66 -6.48 34.30
C THR C 646 -2.64 -7.53 33.82
N LYS C 647 -2.56 -8.74 34.37
CA LYS C 647 -3.52 -9.78 34.08
C LYS C 647 -4.91 -9.41 34.57
N GLU C 648 -4.98 -8.73 35.73
CA GLU C 648 -6.26 -8.30 36.27
C GLU C 648 -6.88 -7.18 35.44
N PHE C 649 -6.03 -6.30 34.90
CA PHE C 649 -6.54 -5.12 34.19
C PHE C 649 -7.18 -5.49 32.86
N PHE C 650 -6.52 -6.37 32.09
CA PHE C 650 -7.07 -6.74 30.80
C PHE C 650 -8.24 -7.71 30.93
N ARG C 651 -8.32 -8.42 32.06
CA ARG C 651 -9.45 -9.33 32.31
C ARG C 651 -10.75 -8.57 32.40
N ARG C 652 -10.89 -7.69 33.40
CA ARG C 652 -12.07 -6.86 33.54
C ARG C 652 -11.79 -5.47 32.98
N SER C 653 -11.85 -5.38 31.66
CA SER C 653 -11.71 -4.12 30.96
C SER C 653 -12.95 -3.91 30.11
N LYS C 654 -13.26 -2.64 29.84
CA LYS C 654 -14.40 -2.27 29.01
C LYS C 654 -13.97 -1.34 27.89
N ILE C 655 -12.84 -1.68 27.28
CA ILE C 655 -12.39 -1.08 26.03
C ILE C 655 -12.36 -2.20 25.00
N ALA C 656 -12.95 -1.93 23.82
CA ALA C 656 -13.19 -2.99 22.85
C ALA C 656 -11.90 -3.58 22.28
N VAL C 657 -10.86 -2.76 22.16
CA VAL C 657 -9.58 -3.29 21.72
C VAL C 657 -8.92 -4.09 22.85
N PHE C 658 -9.16 -3.70 24.11
CA PHE C 658 -8.66 -4.47 25.24
C PHE C 658 -9.41 -5.79 25.41
N ASP C 659 -10.67 -5.82 24.99
CA ASP C 659 -11.48 -7.03 25.11
C ASP C 659 -10.97 -8.13 24.19
N LYS C 660 -10.52 -7.75 22.99
CA LYS C 660 -9.95 -8.72 22.06
C LYS C 660 -8.59 -9.19 22.54
N MET C 661 -7.89 -8.37 23.32
CA MET C 661 -6.58 -8.77 23.86
C MET C 661 -6.73 -9.91 24.85
N TRP C 662 -7.63 -9.75 25.83
CA TRP C 662 -7.86 -10.80 26.81
C TRP C 662 -8.48 -12.04 26.17
N THR C 663 -9.31 -11.83 25.14
CA THR C 663 -9.83 -12.95 24.35
C THR C 663 -8.71 -13.72 23.68
N TYR C 664 -7.72 -12.99 23.16
CA TYR C 664 -6.55 -13.64 22.56
C TYR C 664 -5.68 -14.31 23.62
N MET C 665 -5.42 -13.61 24.73
CA MET C 665 -4.44 -14.11 25.71
C MET C 665 -5.00 -15.28 26.51
N ARG C 666 -6.33 -15.37 26.65
CA ARG C 666 -6.94 -16.51 27.31
C ARG C 666 -6.79 -17.76 26.46
N SER C 667 -7.31 -17.71 25.23
CA SER C 667 -7.38 -18.87 24.35
C SER C 667 -6.10 -19.13 23.57
N ALA C 668 -4.99 -18.46 23.89
CA ALA C 668 -3.75 -18.69 23.16
C ALA C 668 -3.14 -20.04 23.54
N GLU C 669 -2.34 -20.58 22.63
CA GLU C 669 -1.59 -21.79 22.90
C GLU C 669 -0.18 -21.63 22.35
N PRO C 670 0.85 -21.98 23.14
CA PRO C 670 0.84 -22.38 24.55
C PRO C 670 0.59 -21.20 25.50
N SER C 671 0.58 -21.47 26.80
CA SER C 671 0.29 -20.44 27.80
C SER C 671 1.32 -19.32 27.75
N VAL C 672 0.87 -18.15 27.31
CA VAL C 672 1.79 -17.02 27.10
C VAL C 672 2.14 -16.36 28.42
N PHE C 673 1.38 -16.63 29.47
CA PHE C 673 1.65 -16.06 30.78
C PHE C 673 2.93 -16.63 31.37
N VAL C 674 3.79 -15.74 31.87
CA VAL C 674 5.11 -16.10 32.35
C VAL C 674 5.22 -15.70 33.82
N ARG C 675 5.73 -16.61 34.64
CA ARG C 675 5.72 -16.41 36.10
C ARG C 675 6.76 -15.42 36.60
N THR C 676 7.71 -15.00 35.77
CA THR C 676 8.70 -14.01 36.18
C THR C 676 9.00 -13.08 35.02
N THR C 677 9.40 -11.85 35.36
CA THR C 677 9.63 -10.84 34.33
C THR C 677 10.87 -11.15 33.50
N ALA C 678 11.90 -11.74 34.12
CA ALA C 678 13.17 -11.97 33.44
C ALA C 678 13.03 -13.01 32.32
N GLU C 679 12.23 -14.05 32.56
CA GLU C 679 11.90 -14.98 31.49
C GLU C 679 10.97 -14.32 30.48
N GLY C 680 10.10 -13.43 30.93
CA GLY C 680 9.22 -12.70 30.02
C GLY C 680 9.98 -11.72 29.14
N VAL C 681 11.08 -11.16 29.67
CA VAL C 681 12.00 -10.41 28.82
C VAL C 681 12.71 -11.36 27.86
N ALA C 682 13.04 -12.57 28.35
CA ALA C 682 13.86 -13.49 27.58
C ALA C 682 13.10 -14.09 26.39
N ARG C 683 11.78 -14.25 26.53
CA ARG C 683 10.98 -14.74 25.41
C ARG C 683 10.94 -13.74 24.26
N VAL C 684 11.01 -12.44 24.58
CA VAL C 684 11.12 -11.43 23.54
C VAL C 684 12.49 -11.51 22.88
N ARG C 685 13.52 -11.86 23.67
CA ARG C 685 14.88 -11.95 23.14
C ARG C 685 15.04 -13.13 22.19
N LYS C 686 14.45 -14.27 22.55
CA LYS C 686 14.65 -15.49 21.78
C LYS C 686 13.87 -15.44 20.46
N SER C 687 12.64 -14.94 20.51
CA SER C 687 11.70 -15.00 19.39
C SER C 687 12.10 -14.13 18.20
N LYS C 688 13.03 -13.20 18.42
CA LYS C 688 13.54 -12.26 17.41
C LYS C 688 12.41 -11.41 16.79
N GLY C 689 11.53 -10.92 17.67
CA GLY C 689 10.40 -10.12 17.24
C GLY C 689 9.12 -10.89 16.98
N LYS C 690 9.13 -12.21 17.16
CA LYS C 690 7.91 -13.00 17.04
C LYS C 690 7.01 -12.86 18.25
N TYR C 691 7.55 -12.47 19.40
CA TYR C 691 6.80 -12.40 20.65
C TYR C 691 6.95 -11.02 21.27
N ALA C 692 5.88 -10.57 21.94
CA ALA C 692 5.87 -9.30 22.63
C ALA C 692 5.37 -9.51 24.06
N TYR C 693 5.66 -8.54 24.92
CA TYR C 693 5.43 -8.67 26.35
C TYR C 693 4.81 -7.41 26.91
N LEU C 694 3.82 -7.59 27.78
CA LEU C 694 3.09 -6.48 28.39
C LEU C 694 3.53 -6.35 29.85
N LEU C 695 3.96 -5.14 30.22
CA LEU C 695 4.48 -4.91 31.57
C LEU C 695 4.35 -3.44 31.89
N GLU C 696 4.78 -3.09 33.11
CA GLU C 696 4.71 -1.71 33.57
C GLU C 696 5.76 -0.87 32.86
N SER C 697 5.54 0.46 32.89
CA SER C 697 6.41 1.37 32.16
C SER C 697 7.77 1.52 32.82
N THR C 698 7.80 1.52 34.16
CA THR C 698 9.04 1.78 34.89
C THR C 698 9.99 0.60 34.77
N MET C 699 9.45 -0.62 34.78
CA MET C 699 10.28 -1.80 34.54
C MET C 699 10.77 -1.84 33.09
N ASN C 700 9.96 -1.33 32.17
CA ASN C 700 10.34 -1.34 30.75
C ASN C 700 11.49 -0.38 30.49
N GLU C 701 11.54 0.74 31.21
CA GLU C 701 12.60 1.72 30.98
C GLU C 701 13.93 1.23 31.55
N TYR C 702 13.90 0.55 32.71
CA TYR C 702 15.13 0.11 33.33
C TYR C 702 15.78 -1.02 32.55
N ILE C 703 14.98 -1.95 32.02
CA ILE C 703 15.51 -3.04 31.21
C ILE C 703 16.07 -2.49 29.89
N GLU C 704 15.49 -1.40 29.40
CA GLU C 704 15.99 -0.74 28.19
C GLU C 704 17.39 -0.16 28.42
N GLN C 705 17.59 0.58 29.52
CA GLN C 705 18.86 1.24 29.74
C GLN C 705 19.95 0.31 30.28
N ARG C 706 19.62 -0.90 30.70
CA ARG C 706 20.66 -1.90 30.87
C ARG C 706 21.12 -2.36 29.49
N LYS C 707 22.36 -2.84 29.40
CA LYS C 707 22.96 -2.92 28.08
C LYS C 707 22.99 -4.35 27.53
N PRO C 708 21.85 -4.86 27.05
CA PRO C 708 21.90 -5.55 25.76
C PRO C 708 21.32 -4.60 24.72
N CYS C 709 20.57 -3.61 25.22
CA CYS C 709 20.01 -2.48 24.48
C CYS C 709 19.11 -2.92 23.33
N ASP C 710 18.46 -4.08 23.44
CA ASP C 710 17.71 -4.67 22.35
C ASP C 710 16.19 -4.62 22.56
N THR C 711 15.73 -3.87 23.55
CA THR C 711 14.30 -3.77 23.85
C THR C 711 13.90 -2.31 23.85
N MET C 712 12.84 -1.99 23.11
CA MET C 712 12.32 -0.64 23.04
C MET C 712 10.87 -0.61 23.51
N LYS C 713 10.44 0.58 23.93
CA LYS C 713 9.06 0.80 24.33
C LYS C 713 8.30 1.47 23.20
N VAL C 714 7.11 0.96 22.90
CA VAL C 714 6.28 1.50 21.84
C VAL C 714 4.96 1.99 22.42
N GLY C 715 4.40 3.02 21.80
CA GLY C 715 3.16 3.60 22.27
C GLY C 715 3.35 4.39 23.55
N GLY C 716 2.25 4.51 24.30
CA GLY C 716 2.25 5.23 25.55
C GLY C 716 1.67 4.36 26.67
N ASN C 717 1.50 5.00 27.83
CA ASN C 717 0.85 4.36 28.96
C ASN C 717 -0.60 4.06 28.63
N LEU C 718 -0.94 2.77 28.65
CA LEU C 718 -2.30 2.36 28.31
C LEU C 718 -3.29 2.75 29.42
N ASP C 719 -2.81 2.85 30.65
CA ASP C 719 -3.55 3.41 31.77
C ASP C 719 -2.57 4.11 32.70
N SER C 720 -3.05 4.54 33.86
CA SER C 720 -2.18 5.13 34.88
C SER C 720 -2.55 4.56 36.26
N LYS C 721 -1.90 3.46 36.62
CA LYS C 721 -2.00 2.91 37.96
C LYS C 721 -0.93 3.52 38.85
N GLY C 722 -0.80 2.99 40.07
CA GLY C 722 0.17 3.52 41.01
C GLY C 722 0.77 2.43 41.88
N TYR C 723 1.98 2.72 42.35
CA TYR C 723 2.67 1.91 43.36
C TYR C 723 2.50 2.56 44.72
N GLY C 724 2.29 1.74 45.74
CA GLY C 724 2.11 2.26 47.08
C GLY C 724 2.61 1.28 48.11
N ILE C 725 3.18 1.83 49.18
CA ILE C 725 3.52 1.01 50.34
C ILE C 725 2.23 0.53 50.99
N ALA C 726 2.18 -0.75 51.32
CA ALA C 726 0.92 -1.36 51.74
C ALA C 726 1.07 -1.95 53.13
N THR C 727 -0.03 -1.88 53.87
CA THR C 727 -0.17 -2.44 55.21
C THR C 727 -1.54 -3.10 55.28
N PRO C 728 -1.72 -4.11 56.13
CA PRO C 728 -3.03 -4.73 56.24
C PRO C 728 -4.01 -3.85 57.01
N LYS C 729 -5.28 -4.27 56.98
CA LYS C 729 -6.31 -3.58 57.73
C LYS C 729 -6.07 -3.70 59.23
N GLY C 730 -5.99 -2.56 59.90
CA GLY C 730 -5.77 -2.53 61.34
C GLY C 730 -4.35 -2.21 61.75
N SER C 731 -3.47 -1.89 60.81
CA SER C 731 -2.10 -1.56 61.16
C SER C 731 -2.04 -0.18 61.81
N SER C 732 -1.49 -0.13 63.02
CA SER C 732 -1.31 1.14 63.70
C SER C 732 -0.22 1.99 63.05
N LEU C 733 0.71 1.34 62.35
CA LEU C 733 1.81 2.03 61.70
C LEU C 733 1.40 2.69 60.38
N GLY C 734 0.24 2.34 59.83
CA GLY C 734 -0.08 2.69 58.44
C GLY C 734 -0.27 4.18 58.22
N THR C 735 -0.96 4.84 59.13
CA THR C 735 -1.12 6.29 59.03
C THR C 735 0.19 7.04 59.34
N PRO C 736 1.04 6.61 60.30
CA PRO C 736 2.42 7.14 60.29
C PRO C 736 3.22 6.81 59.04
N VAL C 737 2.96 5.67 58.39
CA VAL C 737 3.59 5.38 57.12
C VAL C 737 3.07 6.30 56.02
N ASN C 738 1.76 6.53 56.01
CA ASN C 738 1.10 7.25 54.91
C ASN C 738 1.55 8.71 54.84
N LEU C 739 1.66 9.36 56.00
CA LEU C 739 2.17 10.72 56.01
C LEU C 739 3.67 10.77 55.79
N ALA C 740 4.39 9.70 56.12
CA ALA C 740 5.84 9.67 55.90
C ALA C 740 6.17 9.60 54.42
N VAL C 741 5.33 8.91 53.64
CA VAL C 741 5.51 8.88 52.18
C VAL C 741 5.31 10.27 51.60
N LEU C 742 4.26 10.97 52.07
CA LEU C 742 4.03 12.33 51.64
C LEU C 742 5.06 13.29 52.22
N LYS C 743 5.66 12.96 53.36
CA LYS C 743 6.76 13.75 53.90
C LYS C 743 7.98 13.67 52.99
N LEU C 744 8.26 12.48 52.47
CA LEU C 744 9.36 12.33 51.51
C LEU C 744 8.99 12.92 50.16
N SER C 745 7.69 13.07 49.87
CA SER C 745 7.26 13.73 48.65
C SER C 745 7.53 15.22 48.69
N GLU C 746 7.26 15.85 49.84
CA GLU C 746 7.38 17.31 49.98
C GLU C 746 8.81 17.79 50.16
N GLN C 747 9.81 16.92 50.07
CA GLN C 747 11.19 17.35 49.92
C GLN C 747 11.82 16.73 48.70
N GLY C 748 11.08 15.95 47.92
CA GLY C 748 11.62 15.27 46.76
C GLY C 748 12.52 14.11 47.09
N VAL C 749 12.49 13.60 48.33
CA VAL C 749 13.36 12.50 48.72
C VAL C 749 12.90 11.20 48.05
N LEU C 750 11.58 11.07 47.84
CA LEU C 750 11.08 10.07 46.91
C LEU C 750 11.65 10.29 45.52
N ASP C 751 11.63 11.54 45.07
CA ASP C 751 11.99 11.84 43.69
C ASP C 751 13.51 11.87 43.52
N LYS C 752 14.25 12.14 44.60
CA LYS C 752 15.71 12.06 44.57
C LYS C 752 16.17 10.62 44.38
N LEU C 753 15.56 9.69 45.10
CA LEU C 753 15.86 8.27 44.91
C LEU C 753 15.32 7.78 43.57
N LYS C 754 14.22 8.37 43.10
CA LYS C 754 13.63 7.98 41.81
C LYS C 754 14.53 8.43 40.66
N ASN C 755 15.30 9.50 40.88
CA ASN C 755 16.28 9.86 39.86
C ASN C 755 17.47 8.92 39.91
N LYS C 756 17.90 8.55 41.13
CA LYS C 756 19.27 8.06 41.39
C LYS C 756 19.56 6.73 40.71
N TRP C 757 18.72 5.73 40.92
CA TRP C 757 18.94 4.43 40.30
C TRP C 757 18.69 4.49 38.80
N TRP C 758 17.92 5.48 38.35
CA TRP C 758 17.50 5.53 36.95
C TRP C 758 18.52 6.26 36.07
N TYR C 759 19.21 7.26 36.60
CA TYR C 759 20.21 7.93 35.75
C TYR C 759 21.54 7.19 35.79
N ASP C 760 21.84 6.51 36.89
CA ASP C 760 23.14 5.87 37.07
C ASP C 760 23.36 4.70 36.14
N LYS C 761 22.30 4.01 35.71
CA LYS C 761 22.43 2.93 34.74
C LYS C 761 22.27 3.50 33.33
N GLY C 762 23.29 4.26 32.94
CA GLY C 762 23.38 4.79 31.59
C GLY C 762 24.34 3.97 30.77
N GLU C 763 24.45 2.69 31.13
CA GLU C 763 25.38 1.78 30.49
C GLU C 763 25.01 1.46 29.04
N CYS C 764 23.77 1.71 28.65
CA CYS C 764 23.34 1.47 27.28
C CYS C 764 23.97 2.44 26.30
N GLY C 765 24.48 3.57 26.78
CA GLY C 765 25.15 4.52 25.91
C GLY C 765 24.23 5.32 25.02
N ALA C 766 22.93 5.38 25.36
CA ALA C 766 21.89 6.09 24.62
C ALA C 766 21.82 5.61 23.17
N LYS C 767 21.49 4.32 23.00
CA LYS C 767 21.29 3.77 21.68
C LYS C 767 20.06 4.36 21.01
N ASP C 768 19.06 4.75 21.80
CA ASP C 768 17.86 5.35 21.24
C ASP C 768 18.12 6.76 20.73
N SER C 769 19.14 7.44 21.29
CA SER C 769 19.43 8.81 20.89
C SER C 769 20.03 8.86 19.48
N GLY C 770 20.84 7.88 19.12
CA GLY C 770 21.54 7.90 17.85
C GLY C 770 21.05 6.97 16.78
N SER C 771 19.95 6.25 17.00
CA SER C 771 19.48 5.26 16.03
C SER C 771 18.01 5.45 15.65
N LYS C 772 17.44 6.63 15.88
CA LYS C 772 16.05 6.88 15.51
C LYS C 772 15.93 8.06 14.55
N GLU C 773 17.04 8.46 13.94
CA GLU C 773 16.98 9.41 12.83
C GLU C 773 16.36 8.68 11.65
N LYS C 774 15.06 8.94 11.42
CA LYS C 774 14.28 8.14 10.48
C LYS C 774 14.76 8.37 9.06
N THR C 775 15.40 7.35 8.50
CA THR C 775 16.08 7.48 7.23
C THR C 775 15.78 6.24 6.40
N SER C 776 15.32 6.46 5.18
CA SER C 776 15.00 5.39 4.26
C SER C 776 15.85 5.39 3.01
N ALA C 777 16.88 6.23 2.97
CA ALA C 777 17.87 6.16 1.89
C ALA C 777 18.63 4.85 1.96
N LEU C 778 19.15 4.41 0.82
CA LEU C 778 20.04 3.26 0.81
C LEU C 778 21.33 3.58 1.54
N SER C 779 21.86 2.59 2.24
CA SER C 779 23.18 2.68 2.83
C SER C 779 24.21 2.10 1.87
N LEU C 780 25.48 2.19 2.27
CA LEU C 780 26.52 1.52 1.50
C LEU C 780 26.44 0.01 1.66
N SER C 781 25.78 -0.47 2.72
CA SER C 781 25.57 -1.90 2.89
C SER C 781 24.58 -2.47 1.89
N ASN C 782 23.80 -1.62 1.23
CA ASN C 782 22.85 -2.10 0.23
C ASN C 782 23.54 -2.39 -1.10
N VAL C 783 24.41 -1.48 -1.55
CA VAL C 783 25.01 -1.56 -2.87
C VAL C 783 26.50 -1.87 -2.77
N ALA C 784 26.90 -2.60 -1.72
CA ALA C 784 28.32 -2.81 -1.39
C ALA C 784 29.06 -3.59 -2.46
N GLY C 785 28.44 -4.64 -3.00
CA GLY C 785 29.15 -5.52 -3.93
C GLY C 785 29.38 -4.88 -5.28
N VAL C 786 28.58 -3.87 -5.62
CA VAL C 786 28.78 -3.15 -6.88
C VAL C 786 30.10 -2.39 -6.82
N PHE C 787 30.43 -1.83 -5.66
CA PHE C 787 31.77 -1.30 -5.44
C PHE C 787 32.81 -2.42 -5.45
N TYR C 788 32.46 -3.58 -4.89
CA TYR C 788 33.41 -4.68 -4.79
C TYR C 788 33.71 -5.29 -6.15
N ILE C 789 32.70 -5.36 -7.03
CA ILE C 789 32.93 -5.77 -8.41
C ILE C 789 33.76 -4.71 -9.13
N LEU C 790 33.53 -3.44 -8.80
CA LEU C 790 34.27 -2.34 -9.41
C LEU C 790 35.74 -2.37 -9.01
N VAL C 791 36.03 -2.65 -7.73
CA VAL C 791 37.41 -2.79 -7.28
C VAL C 791 38.06 -4.01 -7.90
N GLY C 792 37.32 -5.12 -7.96
CA GLY C 792 37.87 -6.34 -8.54
C GLY C 792 38.09 -6.24 -10.04
N GLY C 793 37.33 -5.38 -10.71
CA GLY C 793 37.57 -5.15 -12.12
C GLY C 793 38.83 -4.37 -12.39
N LEU C 794 39.14 -3.41 -11.52
CA LEU C 794 40.32 -2.55 -11.74
C LEU C 794 41.61 -3.33 -11.49
N GLY C 795 41.65 -4.12 -10.41
CA GLY C 795 42.84 -4.92 -10.14
C GLY C 795 43.06 -6.01 -11.17
N LEU C 796 41.97 -6.55 -11.73
CA LEU C 796 42.10 -7.51 -12.82
C LEU C 796 42.64 -6.84 -14.08
N ALA C 797 42.20 -5.62 -14.36
CA ALA C 797 42.62 -4.93 -15.57
C ALA C 797 44.08 -4.52 -15.51
N MET C 798 44.58 -4.21 -14.30
CA MET C 798 46.02 -4.00 -14.13
C MET C 798 46.78 -5.30 -14.35
N LEU C 799 46.19 -6.43 -13.93
CA LEU C 799 46.84 -7.73 -14.14
C LEU C 799 46.87 -8.10 -15.60
N VAL C 800 45.86 -7.69 -16.37
CA VAL C 800 45.90 -7.88 -17.82
C VAL C 800 46.91 -6.91 -18.44
N ALA C 801 47.08 -5.73 -17.84
CA ALA C 801 48.00 -4.74 -18.38
C ALA C 801 49.46 -5.20 -18.22
N LEU C 802 49.78 -5.85 -17.11
CA LEU C 802 51.15 -6.32 -16.89
C LEU C 802 51.51 -7.48 -17.82
N ILE C 803 50.57 -8.41 -18.05
CA ILE C 803 50.88 -9.55 -18.91
C ILE C 803 50.89 -9.13 -20.36
N GLU C 804 50.12 -8.10 -20.71
CA GLU C 804 50.15 -7.59 -22.08
C GLU C 804 51.44 -6.82 -22.33
N PHE C 805 51.98 -6.19 -21.30
CA PHE C 805 53.25 -5.48 -21.44
C PHE C 805 54.41 -6.43 -21.66
N CYS C 806 54.38 -7.59 -21.00
CA CYS C 806 55.46 -8.56 -21.15
C CYS C 806 55.33 -9.32 -22.48
N TYR C 807 54.10 -9.72 -22.83
CA TYR C 807 53.88 -10.53 -24.03
C TYR C 807 54.16 -9.74 -25.30
N LYS C 808 53.94 -8.42 -25.28
CA LYS C 808 54.18 -7.61 -26.47
C LYS C 808 55.66 -7.39 -26.70
N SER C 809 56.44 -7.28 -25.62
CA SER C 809 57.88 -7.07 -25.75
C SER C 809 58.56 -8.32 -26.30
N ARG C 810 58.08 -9.50 -25.91
CA ARG C 810 58.66 -10.75 -26.41
C ARG C 810 58.26 -11.01 -27.86
N ALA C 811 57.02 -10.68 -28.22
CA ALA C 811 56.50 -11.00 -29.55
C ALA C 811 57.11 -10.09 -30.61
N GLU C 812 57.31 -8.82 -30.29
CA GLU C 812 57.93 -7.90 -31.24
C GLU C 812 59.42 -8.18 -31.41
N ALA C 813 60.05 -8.75 -30.38
CA ALA C 813 61.46 -9.09 -30.44
C ALA C 813 61.68 -10.32 -31.32
N ALA C 822 52.57 -20.35 -38.18
CA ALA C 822 52.85 -21.74 -37.83
C ALA C 822 52.45 -22.03 -36.39
N CYS C 823 52.77 -21.10 -35.49
CA CYS C 823 52.40 -21.25 -34.10
C CYS C 823 50.89 -21.12 -33.90
N GLY C 824 50.25 -20.28 -34.71
CA GLY C 824 48.81 -20.10 -34.58
C GLY C 824 48.03 -21.28 -35.09
N ARG C 825 48.49 -21.91 -36.17
CA ARG C 825 47.74 -23.01 -36.77
C ARG C 825 47.83 -24.28 -35.93
N LYS C 826 49.01 -24.57 -35.39
CA LYS C 826 49.23 -25.84 -34.70
C LYS C 826 48.52 -25.87 -33.35
N ALA C 827 48.67 -24.80 -32.56
CA ALA C 827 48.13 -24.80 -31.20
C ALA C 827 46.60 -24.71 -31.20
N LEU C 828 46.04 -23.85 -32.06
CA LEU C 828 44.61 -23.62 -32.06
C LEU C 828 43.84 -24.84 -32.55
N THR C 829 44.43 -25.62 -33.47
CA THR C 829 43.78 -26.83 -33.96
C THR C 829 43.68 -27.87 -32.85
N LEU C 830 44.74 -28.03 -32.06
CA LEU C 830 44.74 -29.03 -30.99
C LEU C 830 43.90 -28.58 -29.81
N LEU C 831 43.93 -27.28 -29.48
CA LEU C 831 43.19 -26.79 -28.32
C LEU C 831 41.69 -26.85 -28.56
N SER C 832 41.25 -26.58 -29.79
CA SER C 832 39.84 -26.75 -30.13
C SER C 832 39.47 -28.23 -30.13
N SER C 833 40.42 -29.11 -30.44
CA SER C 833 40.18 -30.54 -30.41
C SER C 833 40.00 -31.04 -28.98
N VAL C 834 40.78 -30.48 -28.04
CA VAL C 834 40.63 -30.84 -26.64
C VAL C 834 39.31 -30.31 -26.10
N PHE C 835 38.93 -29.10 -26.54
CA PHE C 835 37.69 -28.49 -26.05
C PHE C 835 36.47 -29.22 -26.59
N ALA C 836 36.60 -29.87 -27.74
CA ALA C 836 35.47 -30.58 -28.34
C ALA C 836 35.17 -31.86 -27.59
N VAL C 837 36.21 -32.62 -27.22
CA VAL C 837 36.03 -33.87 -26.48
C VAL C 837 35.51 -33.57 -25.07
N CYS C 838 36.03 -32.53 -24.43
CA CYS C 838 35.60 -32.16 -23.10
C CYS C 838 34.17 -31.62 -23.10
N GLY C 839 33.77 -30.96 -24.20
CA GLY C 839 32.41 -30.50 -24.32
C GLY C 839 31.42 -31.65 -24.52
N LEU C 840 31.77 -32.60 -25.39
CA LEU C 840 30.89 -33.73 -25.64
C LEU C 840 30.86 -34.68 -24.45
N GLY C 841 32.01 -34.87 -23.78
CA GLY C 841 32.09 -35.86 -22.72
C GLY C 841 31.35 -35.43 -21.46
N LEU C 842 31.47 -34.15 -21.10
CA LEU C 842 30.85 -33.66 -19.87
C LEU C 842 29.32 -33.61 -19.99
N LEU C 843 28.81 -33.39 -21.20
CA LEU C 843 27.36 -33.45 -21.40
C LEU C 843 26.88 -34.89 -21.41
N GLY C 844 27.66 -35.80 -22.01
CA GLY C 844 27.28 -37.20 -22.06
C GLY C 844 27.27 -37.85 -20.68
N ILE C 845 28.16 -37.40 -19.80
CA ILE C 845 28.07 -37.80 -18.39
C ILE C 845 26.82 -37.20 -17.76
N ALA C 846 26.50 -35.95 -18.10
CA ALA C 846 25.42 -35.22 -17.45
C ALA C 846 24.06 -35.81 -17.79
N VAL C 847 23.86 -36.24 -19.04
CA VAL C 847 22.58 -36.85 -19.41
C VAL C 847 22.45 -38.21 -18.74
N SER C 848 23.56 -38.94 -18.61
CA SER C 848 23.54 -40.25 -17.95
C SER C 848 23.32 -40.11 -16.44
N THR C 849 24.01 -39.15 -15.81
CA THR C 849 23.92 -38.95 -14.38
C THR C 849 22.53 -38.46 -13.99
N ASP C 850 22.04 -38.95 -12.85
CA ASP C 850 20.72 -38.62 -12.35
C ASP C 850 20.82 -37.81 -11.05
N TYR C 851 21.77 -36.88 -11.01
CA TYR C 851 21.92 -35.93 -9.92
C TYR C 851 21.67 -34.51 -10.40
N TRP C 852 20.63 -34.31 -11.22
CA TRP C 852 20.36 -32.99 -11.77
C TRP C 852 19.83 -32.03 -10.72
N LEU C 853 18.80 -32.43 -9.99
CA LEU C 853 18.10 -31.53 -9.09
C LEU C 853 17.79 -32.23 -7.77
N TYR C 854 18.00 -31.49 -6.67
CA TYR C 854 17.67 -31.97 -5.34
C TYR C 854 16.36 -31.33 -4.88
N LEU C 855 15.61 -32.07 -4.07
CA LEU C 855 14.46 -31.53 -3.38
C LEU C 855 14.47 -32.04 -1.95
N GLU C 856 14.14 -31.16 -0.99
CA GLU C 856 13.96 -31.55 0.40
C GLU C 856 12.66 -30.95 0.94
N GLU C 857 11.56 -31.67 0.72
CA GLU C 857 10.30 -31.31 1.35
C GLU C 857 10.34 -31.65 2.84
N GLY C 858 9.79 -30.76 3.65
CA GLY C 858 9.75 -30.99 5.08
C GLY C 858 8.76 -30.07 5.76
N ILE C 859 8.73 -30.18 7.09
CA ILE C 859 7.81 -29.43 7.93
C ILE C 859 8.61 -28.60 8.94
N ILE C 860 8.20 -27.34 9.14
CA ILE C 860 8.95 -26.48 10.05
C ILE C 860 8.59 -26.83 11.49
N LEU C 861 9.36 -26.27 12.41
CA LEU C 861 9.11 -26.36 13.83
C LEU C 861 9.39 -25.00 14.47
N PRO C 862 8.43 -24.43 15.21
CA PRO C 862 8.52 -23.00 15.57
C PRO C 862 9.51 -22.57 16.65
N GLN C 863 9.51 -23.19 17.83
CA GLN C 863 10.18 -22.62 19.00
C GLN C 863 10.65 -23.72 19.94
N ASN C 864 11.91 -23.60 20.41
CA ASN C 864 12.73 -24.66 21.00
C ASN C 864 12.85 -25.84 20.05
N GLN C 865 12.83 -25.55 18.75
CA GLN C 865 12.37 -26.40 17.68
C GLN C 865 12.69 -25.66 16.39
N SER C 866 13.35 -26.32 15.44
CA SER C 866 13.71 -25.58 14.23
C SER C 866 13.13 -26.14 12.93
N THR C 867 13.46 -27.39 12.59
CA THR C 867 13.22 -27.95 11.27
C THR C 867 13.12 -29.46 11.36
N GLU C 868 12.41 -30.05 10.40
CA GLU C 868 12.39 -31.51 10.22
C GLU C 868 12.17 -31.84 8.76
N VAL C 869 13.10 -32.60 8.17
CA VAL C 869 12.90 -33.08 6.81
C VAL C 869 11.87 -34.20 6.81
N LYS C 870 11.23 -34.42 5.66
CA LYS C 870 10.30 -35.52 5.50
C LYS C 870 10.56 -36.34 4.24
N MET C 871 11.11 -35.73 3.18
CA MET C 871 11.27 -36.40 1.91
C MET C 871 12.49 -35.80 1.22
N SER C 872 13.15 -36.61 0.40
CA SER C 872 14.30 -36.15 -0.36
C SER C 872 14.48 -37.04 -1.58
N LEU C 873 14.82 -36.41 -2.72
CA LEU C 873 15.13 -37.15 -3.94
C LEU C 873 16.03 -36.30 -4.82
N HIS C 874 17.12 -36.90 -5.29
CA HIS C 874 17.78 -36.34 -6.46
C HIS C 874 17.11 -36.91 -7.71
N SER C 875 17.35 -36.26 -8.84
CA SER C 875 16.56 -36.58 -10.02
C SER C 875 17.39 -36.44 -11.27
N GLY C 876 16.89 -37.06 -12.35
CA GLY C 876 17.56 -37.04 -13.62
C GLY C 876 16.59 -36.75 -14.74
N LEU C 877 17.15 -36.53 -15.93
CA LEU C 877 16.34 -36.23 -17.09
C LEU C 877 15.68 -37.48 -17.64
N TRP C 878 16.44 -38.59 -17.72
CA TRP C 878 15.85 -39.86 -18.12
C TRP C 878 14.97 -40.44 -17.04
N ARG C 879 15.52 -40.60 -15.83
CA ARG C 879 14.82 -41.32 -14.77
C ARG C 879 15.20 -40.73 -13.42
N VAL C 880 14.27 -40.86 -12.48
CA VAL C 880 14.45 -40.39 -11.11
C VAL C 880 15.32 -41.42 -10.39
N CYS C 881 16.05 -41.00 -9.37
CA CYS C 881 16.66 -41.95 -8.43
C CYS C 881 16.42 -41.42 -7.02
N PHE C 882 15.52 -42.06 -6.29
CA PHE C 882 14.96 -41.56 -5.05
C PHE C 882 16.01 -41.63 -3.92
N LEU C 883 15.74 -40.93 -2.82
CA LEU C 883 16.77 -40.69 -1.80
C LEU C 883 16.14 -40.83 -0.40
N ALA C 884 16.80 -40.26 0.63
CA ALA C 884 16.70 -40.74 2.01
C ALA C 884 15.33 -40.54 2.66
N GLY C 885 14.36 -39.96 1.95
CA GLY C 885 12.98 -40.05 2.40
C GLY C 885 12.56 -41.51 2.43
N GLU C 886 12.26 -42.03 3.63
CA GLU C 886 11.97 -43.42 4.01
C GLU C 886 13.01 -44.43 3.50
N GLU C 887 14.21 -43.99 3.11
CA GLU C 887 15.36 -44.84 2.75
C GLU C 887 15.05 -45.82 1.63
N ARG C 888 14.22 -45.40 0.67
CA ARG C 888 13.80 -46.28 -0.42
C ARG C 888 14.66 -45.98 -1.64
N GLY C 889 15.56 -46.90 -1.96
CA GLY C 889 16.44 -46.72 -3.10
C GLY C 889 15.81 -47.09 -4.42
N ARG C 890 14.86 -46.27 -4.88
CA ARG C 890 14.23 -46.44 -6.19
C ARG C 890 14.96 -45.57 -7.20
N CYS C 891 15.57 -46.20 -8.20
CA CYS C 891 15.84 -45.50 -9.46
C CYS C 891 14.65 -45.70 -10.41
N PHE C 892 13.56 -45.09 -10.01
CA PHE C 892 12.25 -45.39 -10.57
C PHE C 892 11.97 -44.43 -11.72
N THR C 893 11.68 -44.99 -12.89
CA THR C 893 11.60 -44.24 -14.14
C THR C 893 10.42 -43.26 -14.10
N ILE C 894 10.53 -42.16 -14.87
CA ILE C 894 9.54 -41.08 -14.85
C ILE C 894 8.19 -41.58 -15.38
N GLU C 895 8.22 -42.54 -16.30
CA GLU C 895 6.98 -43.18 -16.76
C GLU C 895 6.26 -43.90 -15.63
N TYR C 896 7.01 -44.40 -14.65
CA TYR C 896 6.47 -45.10 -13.49
C TYR C 896 6.21 -44.09 -12.37
N VAL C 897 4.93 -43.87 -12.08
CA VAL C 897 4.53 -42.86 -11.09
C VAL C 897 4.96 -43.31 -9.69
N MET C 898 5.50 -42.36 -8.92
CA MET C 898 5.97 -42.52 -7.54
C MET C 898 7.07 -43.58 -7.41
N GLU C 907 1.57 -36.75 -6.07
CA GLU C 907 1.58 -35.49 -5.34
C GLU C 907 2.27 -34.38 -6.12
N SER C 908 2.63 -33.30 -5.42
CA SER C 908 3.26 -32.16 -6.08
C SER C 908 4.67 -32.49 -6.57
N THR C 909 5.36 -33.39 -5.88
CA THR C 909 6.74 -33.70 -6.24
C THR C 909 6.79 -34.57 -7.50
N VAL C 910 5.82 -35.46 -7.68
CA VAL C 910 5.71 -36.20 -8.92
C VAL C 910 5.26 -35.26 -10.04
N ASN C 911 4.47 -34.24 -9.70
CA ASN C 911 4.06 -33.24 -10.67
C ASN C 911 5.26 -32.41 -11.14
N VAL C 912 6.27 -32.25 -10.29
CA VAL C 912 7.55 -31.71 -10.75
C VAL C 912 8.19 -32.66 -11.75
N LEU C 913 8.14 -33.97 -11.46
CA LEU C 913 8.88 -34.96 -12.22
C LEU C 913 8.32 -35.14 -13.63
N LYS C 914 7.00 -34.95 -13.78
CA LYS C 914 6.41 -34.90 -15.12
C LYS C 914 6.87 -33.65 -15.87
N MET C 915 7.00 -32.53 -15.16
CA MET C 915 7.36 -31.28 -15.82
C MET C 915 8.86 -31.20 -16.10
N ILE C 916 9.67 -32.02 -15.42
CA ILE C 916 11.08 -32.15 -15.78
C ILE C 916 11.21 -32.81 -17.15
N ARG C 917 10.31 -33.74 -17.46
CA ARG C 917 10.32 -34.46 -18.73
C ARG C 917 9.99 -33.54 -19.91
N SER C 918 9.38 -32.37 -19.67
CA SER C 918 9.01 -31.46 -20.75
C SER C 918 10.22 -30.89 -21.47
N ALA C 919 11.37 -30.83 -20.79
CA ALA C 919 12.59 -30.29 -21.39
C ALA C 919 13.56 -31.38 -21.85
N THR C 920 13.05 -32.60 -22.08
CA THR C 920 13.91 -33.73 -22.43
C THR C 920 14.66 -33.62 -23.77
N PRO C 921 14.04 -33.27 -24.93
CA PRO C 921 14.80 -33.44 -26.20
C PRO C 921 15.96 -32.49 -26.40
N PHE C 922 15.88 -31.25 -25.89
CA PHE C 922 16.88 -30.23 -26.18
C PHE C 922 18.30 -30.55 -25.73
N PRO C 923 18.56 -31.19 -24.56
CA PRO C 923 19.93 -31.69 -24.35
C PRO C 923 20.29 -32.84 -25.27
N LEU C 924 19.35 -33.73 -25.57
CA LEU C 924 19.62 -34.82 -26.51
C LEU C 924 19.81 -34.31 -27.93
N VAL C 925 19.10 -33.24 -28.30
CA VAL C 925 19.37 -32.55 -29.55
C VAL C 925 20.76 -31.92 -29.52
N SER C 926 21.13 -31.32 -28.39
CA SER C 926 22.46 -30.73 -28.25
C SER C 926 23.56 -31.79 -28.22
N LEU C 927 23.23 -32.99 -27.73
CA LEU C 927 24.20 -34.07 -27.71
C LEU C 927 24.49 -34.57 -29.12
N PHE C 928 23.50 -34.53 -30.01
CA PHE C 928 23.68 -34.98 -31.38
C PHE C 928 24.53 -34.00 -32.17
N PHE C 929 24.36 -32.70 -31.90
CA PHE C 929 25.00 -31.69 -32.73
C PHE C 929 26.49 -31.58 -32.43
N MET C 930 26.90 -31.85 -31.18
CA MET C 930 28.34 -31.98 -30.94
C MET C 930 28.87 -33.31 -31.45
N PHE C 931 28.01 -34.33 -31.52
CA PHE C 931 28.41 -35.62 -32.05
C PHE C 931 28.67 -35.52 -33.55
N ILE C 932 27.83 -34.78 -34.26
CA ILE C 932 28.12 -34.48 -35.66
C ILE C 932 29.18 -33.40 -35.76
N GLY C 933 29.37 -32.64 -34.67
CA GLY C 933 30.38 -31.58 -34.69
C GLY C 933 31.79 -32.11 -34.59
N PHE C 934 32.03 -33.03 -33.66
CA PHE C 934 33.38 -33.54 -33.44
C PHE C 934 33.81 -34.49 -34.54
N ILE C 935 32.88 -35.28 -35.09
CA ILE C 935 33.23 -36.22 -36.15
C ILE C 935 33.59 -35.49 -37.43
N LEU C 936 32.86 -34.42 -37.76
CA LEU C 936 33.26 -33.57 -38.88
C LEU C 936 34.56 -32.81 -38.57
N SER C 937 34.85 -32.58 -37.28
CA SER C 937 36.15 -32.05 -36.91
C SER C 937 37.26 -33.07 -37.12
N ASN C 938 36.94 -34.37 -36.94
CA ASN C 938 37.94 -35.42 -37.14
C ASN C 938 38.33 -35.55 -38.62
N ILE C 939 37.40 -35.22 -39.53
CA ILE C 939 37.67 -35.39 -40.96
C ILE C 939 38.72 -34.39 -41.43
N GLY C 940 38.62 -33.14 -40.97
CA GLY C 940 39.56 -32.12 -41.40
C GLY C 940 40.94 -32.30 -40.79
N HIS C 941 41.04 -33.05 -39.70
CA HIS C 941 42.32 -33.25 -39.03
C HIS C 941 43.24 -34.14 -39.86
N ILE C 942 42.66 -35.08 -40.62
CA ILE C 942 43.45 -35.95 -41.48
C ILE C 942 43.85 -35.20 -42.73
N ARG C 943 42.85 -34.72 -43.49
CA ARG C 943 43.11 -34.04 -44.76
C ARG C 943 42.70 -32.57 -44.66
N PRO C 944 43.65 -31.63 -44.65
CA PRO C 944 43.29 -30.22 -44.49
C PRO C 944 42.68 -29.60 -45.74
N HIS C 945 42.97 -30.13 -46.92
CA HIS C 945 42.61 -29.49 -48.18
C HIS C 945 41.09 -29.51 -48.40
N ARG C 946 40.64 -28.59 -49.27
CA ARG C 946 39.23 -28.36 -49.60
C ARG C 946 38.44 -28.03 -48.34
N THR C 947 38.72 -26.86 -47.78
CA THR C 947 38.57 -26.55 -46.37
C THR C 947 37.15 -26.18 -45.94
N ILE C 948 36.14 -26.53 -46.75
CA ILE C 948 34.78 -26.09 -46.49
C ILE C 948 34.20 -26.75 -45.24
N LEU C 949 34.58 -28.01 -44.98
CA LEU C 949 33.90 -28.82 -43.97
C LEU C 949 34.19 -28.33 -42.54
N ALA C 950 35.33 -27.67 -42.33
CA ALA C 950 35.65 -27.15 -41.01
C ALA C 950 34.73 -26.00 -40.63
N PHE C 951 34.41 -25.13 -41.60
CA PHE C 951 33.47 -24.04 -41.36
C PHE C 951 32.07 -24.56 -41.12
N VAL C 952 31.71 -25.65 -41.80
CA VAL C 952 30.40 -26.26 -41.61
C VAL C 952 30.31 -26.89 -40.23
N SER C 953 31.39 -27.53 -39.79
CA SER C 953 31.42 -28.18 -38.48
C SER C 953 31.33 -27.17 -37.36
N GLY C 954 31.95 -26.00 -37.55
CA GLY C 954 31.88 -24.96 -36.52
C GLY C 954 30.49 -24.40 -36.33
N ILE C 955 29.68 -24.39 -37.39
CA ILE C 955 28.28 -23.98 -37.28
C ILE C 955 27.50 -24.97 -36.42
N PHE C 956 27.83 -26.26 -36.53
CA PHE C 956 27.16 -27.27 -35.69
C PHE C 956 27.57 -27.15 -34.23
N PHE C 957 28.78 -26.64 -33.95
CA PHE C 957 29.12 -26.35 -32.57
C PHE C 957 28.31 -25.16 -32.04
N ILE C 958 28.21 -24.08 -32.84
CA ILE C 958 27.55 -22.87 -32.38
C ILE C 958 26.05 -23.10 -32.23
N LEU C 959 25.45 -23.87 -33.14
CA LEU C 959 24.02 -24.13 -33.04
C LEU C 959 23.71 -25.12 -31.92
N SER C 960 24.70 -25.92 -31.51
CA SER C 960 24.52 -26.86 -30.41
C SER C 960 24.31 -26.15 -29.08
N GLY C 961 25.12 -25.13 -28.81
CA GLY C 961 25.00 -24.41 -27.55
C GLY C 961 23.73 -23.59 -27.46
N LEU C 962 23.23 -23.11 -28.62
CA LEU C 962 21.97 -22.38 -28.65
C LEU C 962 20.80 -23.27 -28.27
N SER C 963 20.85 -24.54 -28.67
CA SER C 963 19.81 -25.49 -28.27
C SER C 963 19.89 -25.79 -26.78
N LEU C 964 21.11 -25.82 -26.23
CA LEU C 964 21.27 -26.09 -24.80
C LEU C 964 20.88 -24.87 -23.96
N VAL C 965 20.98 -23.66 -24.53
CA VAL C 965 20.40 -22.48 -23.89
C VAL C 965 18.90 -22.63 -23.79
N VAL C 966 18.26 -23.07 -24.87
CA VAL C 966 16.84 -23.39 -24.86
C VAL C 966 16.56 -24.55 -23.90
N GLY C 967 17.50 -25.49 -23.82
CA GLY C 967 17.34 -26.62 -22.91
C GLY C 967 17.34 -26.23 -21.45
N LEU C 968 18.24 -25.32 -21.08
CA LEU C 968 18.30 -24.87 -19.69
C LEU C 968 17.12 -23.96 -19.35
N VAL C 969 16.75 -23.07 -20.27
CA VAL C 969 15.64 -22.14 -20.04
C VAL C 969 14.31 -22.90 -19.95
N LEU C 970 14.15 -23.94 -20.77
CA LEU C 970 13.02 -24.85 -20.62
C LEU C 970 13.06 -25.57 -19.28
N TYR C 971 14.25 -25.99 -18.84
CA TYR C 971 14.36 -26.75 -17.61
C TYR C 971 14.10 -25.89 -16.38
N ILE C 972 14.71 -24.71 -16.33
CA ILE C 972 14.65 -23.86 -15.14
C ILE C 972 13.25 -23.27 -14.96
N SER C 973 12.61 -22.87 -16.06
CA SER C 973 11.24 -22.34 -15.98
C SER C 973 10.25 -23.42 -15.57
N SER C 974 10.53 -24.67 -15.97
CA SER C 974 9.66 -25.77 -15.60
C SER C 974 9.83 -26.17 -14.13
N ILE C 975 10.92 -25.73 -13.50
CA ILE C 975 11.07 -25.94 -12.06
C ILE C 975 10.40 -24.81 -11.28
N ASN C 976 10.56 -23.56 -11.75
CA ASN C 976 10.13 -22.40 -10.98
C ASN C 976 8.62 -22.30 -10.85
N ASP C 977 7.88 -22.70 -11.89
CA ASP C 977 6.43 -22.69 -11.78
C ASP C 977 5.92 -23.78 -10.85
N GLU C 978 6.61 -24.92 -10.82
CA GLU C 978 6.23 -25.99 -9.91
C GLU C 978 6.62 -25.66 -8.48
N MET C 979 7.68 -24.88 -8.31
CA MET C 979 7.92 -24.20 -7.03
C MET C 979 6.74 -23.30 -6.65
N LEU C 980 6.22 -22.55 -7.63
CA LEU C 980 5.10 -21.65 -7.38
C LEU C 980 3.81 -22.44 -7.25
N ASN C 981 3.73 -23.63 -7.85
CA ASN C 981 2.50 -24.41 -7.86
C ASN C 981 2.17 -25.02 -6.50
N ARG C 982 3.10 -25.01 -5.55
CA ARG C 982 2.79 -25.48 -4.21
C ARG C 982 1.80 -24.55 -3.52
N THR C 983 0.81 -25.14 -2.88
CA THR C 983 -0.05 -24.38 -1.98
C THR C 983 0.77 -23.89 -0.80
N LYS C 984 0.84 -22.57 -0.65
CA LYS C 984 1.80 -21.93 0.24
C LYS C 984 1.33 -22.05 1.67
N ASP C 985 1.84 -23.06 2.37
CA ASP C 985 1.65 -23.20 3.81
C ASP C 985 2.97 -22.84 4.47
N ALA C 986 2.90 -22.03 5.53
CA ALA C 986 4.12 -21.61 6.22
C ALA C 986 4.76 -22.78 6.96
N GLU C 987 3.98 -23.78 7.33
CA GLU C 987 4.53 -24.88 8.11
C GLU C 987 5.32 -25.87 7.24
N THR C 988 5.07 -25.90 5.93
CA THR C 988 5.74 -26.86 5.04
C THR C 988 6.82 -26.14 4.24
N TYR C 989 8.04 -26.14 4.78
CA TYR C 989 9.14 -25.48 4.10
C TYR C 989 9.62 -26.33 2.92
N PHE C 990 10.42 -25.70 2.07
CA PHE C 990 10.82 -26.31 0.81
C PHE C 990 12.28 -25.97 0.53
N ASN C 991 12.94 -26.87 -0.21
CA ASN C 991 14.29 -26.65 -0.69
C ASN C 991 14.42 -27.20 -2.09
N TYR C 992 15.23 -26.54 -2.91
CA TYR C 992 15.60 -27.08 -4.21
C TYR C 992 16.97 -26.54 -4.57
N LYS C 993 17.68 -27.30 -5.38
CA LYS C 993 19.07 -27.01 -5.71
C LYS C 993 19.43 -27.79 -6.97
N TYR C 994 20.25 -27.17 -7.82
CA TYR C 994 20.75 -27.84 -9.00
C TYR C 994 21.96 -28.68 -8.61
N GLY C 995 22.40 -29.56 -9.51
CA GLY C 995 23.37 -30.59 -9.17
C GLY C 995 24.63 -30.47 -10.00
N TRP C 996 25.49 -31.49 -9.84
CA TRP C 996 26.76 -31.54 -10.55
C TRP C 996 26.57 -31.70 -12.04
N SER C 997 25.56 -32.48 -12.47
CA SER C 997 25.30 -32.65 -13.89
C SER C 997 24.76 -31.37 -14.51
N PHE C 998 24.05 -30.56 -13.73
CA PHE C 998 23.67 -29.23 -14.20
C PHE C 998 24.90 -28.36 -14.43
N ALA C 999 25.90 -28.49 -13.56
CA ALA C 999 27.17 -27.83 -13.79
C ALA C 999 27.92 -28.46 -14.96
N PHE C 1000 27.75 -29.77 -15.15
CA PHE C 1000 28.40 -30.45 -16.27
C PHE C 1000 27.84 -29.98 -17.60
N ALA C 1001 26.54 -29.69 -17.64
CA ALA C 1001 25.94 -29.16 -18.86
C ALA C 1001 26.31 -27.70 -19.07
N ALA C 1002 26.40 -26.92 -17.99
CA ALA C 1002 26.68 -25.50 -18.10
C ALA C 1002 28.12 -25.24 -18.52
N ILE C 1003 29.06 -26.05 -18.01
CA ILE C 1003 30.45 -25.97 -18.47
C ILE C 1003 30.56 -26.41 -19.92
N SER C 1004 29.76 -27.42 -20.32
CA SER C 1004 29.80 -27.92 -21.69
C SER C 1004 29.30 -26.89 -22.70
N PHE C 1005 28.46 -25.95 -22.25
CA PHE C 1005 28.07 -24.83 -23.10
C PHE C 1005 29.25 -23.93 -23.42
N LEU C 1006 30.11 -23.68 -22.43
CA LEU C 1006 31.24 -22.79 -22.64
C LEU C 1006 32.27 -23.39 -23.58
N LEU C 1007 32.54 -24.69 -23.46
CA LEU C 1007 33.52 -25.33 -24.32
C LEU C 1007 33.00 -25.48 -25.74
N THR C 1008 31.67 -25.61 -25.91
CA THR C 1008 31.12 -25.84 -27.23
C THR C 1008 31.13 -24.57 -28.07
N GLU C 1009 30.76 -23.43 -27.46
CA GLU C 1009 30.76 -22.17 -28.19
C GLU C 1009 32.18 -21.71 -28.48
N SER C 1010 33.12 -21.95 -27.55
CA SER C 1010 34.50 -21.58 -27.76
C SER C 1010 35.14 -22.39 -28.89
N ALA C 1011 34.81 -23.69 -28.96
CA ALA C 1011 35.26 -24.50 -30.08
C ALA C 1011 34.58 -24.09 -31.38
N GLY C 1012 33.37 -23.53 -31.28
CA GLY C 1012 32.72 -22.97 -32.46
C GLY C 1012 33.44 -21.75 -32.99
N VAL C 1013 33.99 -20.93 -32.09
CA VAL C 1013 34.76 -19.77 -32.51
C VAL C 1013 36.08 -20.19 -33.14
N MET C 1014 36.75 -21.17 -32.51
CA MET C 1014 38.09 -21.57 -32.95
C MET C 1014 38.04 -22.29 -34.29
N SER C 1015 36.98 -23.07 -34.54
CA SER C 1015 36.85 -23.76 -35.81
C SER C 1015 36.55 -22.80 -36.96
N VAL C 1016 35.99 -21.63 -36.68
CA VAL C 1016 35.87 -20.60 -37.71
C VAL C 1016 37.23 -19.97 -37.98
N TYR C 1017 38.00 -19.74 -36.90
CA TYR C 1017 39.38 -19.27 -37.07
C TYR C 1017 40.26 -20.34 -37.71
N LEU C 1018 39.92 -21.62 -37.51
CA LEU C 1018 40.57 -22.68 -38.27
C LEU C 1018 40.25 -22.56 -39.75
N PHE C 1019 39.02 -22.17 -40.08
CA PHE C 1019 38.66 -21.95 -41.47
C PHE C 1019 39.31 -20.69 -42.03
N MET C 1020 39.41 -19.64 -41.21
CA MET C 1020 39.98 -18.38 -41.68
C MET C 1020 41.47 -18.52 -41.99
N LYS C 1021 42.19 -19.29 -41.17
CA LYS C 1021 43.60 -19.52 -41.44
C LYS C 1021 43.81 -20.43 -42.64
N ARG C 1022 42.96 -21.45 -42.79
CA ARG C 1022 43.23 -22.46 -43.79
C ARG C 1022 42.65 -22.11 -45.16
N TYR C 1023 41.67 -21.20 -45.22
CA TYR C 1023 41.28 -20.63 -46.51
C TYR C 1023 42.37 -19.71 -47.04
N THR C 1024 43.11 -19.06 -46.14
CA THR C 1024 44.28 -18.29 -46.55
C THR C 1024 45.39 -19.23 -47.04
N ALA C 1025 45.46 -20.43 -46.47
CA ALA C 1025 46.43 -21.43 -46.92
C ALA C 1025 46.11 -21.92 -48.33
N GLU C 1026 44.84 -21.87 -48.73
CA GLU C 1026 44.46 -22.20 -50.09
C GLU C 1026 44.82 -21.07 -51.05
N THR D 385 -35.82 -39.50 28.46
CA THR D 385 -36.63 -38.35 28.06
C THR D 385 -36.53 -38.12 26.56
N VAL D 386 -35.57 -37.31 26.13
CA VAL D 386 -35.40 -37.00 24.71
C VAL D 386 -34.07 -37.61 24.25
N VAL D 387 -34.04 -38.08 23.00
CA VAL D 387 -32.84 -38.62 22.38
C VAL D 387 -32.50 -37.72 21.20
N VAL D 388 -31.33 -37.11 21.24
CA VAL D 388 -30.92 -36.13 20.23
C VAL D 388 -30.28 -36.87 19.07
N THR D 389 -30.97 -36.91 17.93
CA THR D 389 -30.39 -37.45 16.71
C THR D 389 -29.78 -36.30 15.89
N THR D 390 -28.49 -36.42 15.61
CA THR D 390 -27.73 -35.35 14.98
C THR D 390 -26.47 -35.94 14.37
N ILE D 391 -25.70 -35.08 13.71
CA ILE D 391 -24.40 -35.42 13.15
C ILE D 391 -23.41 -34.36 13.61
N LEU D 392 -22.15 -34.75 13.72
CA LEU D 392 -21.08 -33.81 14.04
C LEU D 392 -20.51 -33.24 12.75
N GLU D 393 -20.60 -31.92 12.61
CA GLU D 393 -19.97 -31.17 11.54
C GLU D 393 -19.42 -29.89 12.15
N SER D 394 -18.19 -29.55 11.80
CA SER D 394 -17.61 -28.32 12.31
C SER D 394 -18.30 -27.11 11.68
N PRO D 395 -18.77 -26.14 12.49
CA PRO D 395 -18.63 -26.04 13.94
C PRO D 395 -19.91 -26.38 14.71
N TYR D 396 -20.83 -27.14 14.12
CA TYR D 396 -22.11 -27.42 14.77
C TYR D 396 -21.91 -28.30 15.99
N VAL D 397 -21.45 -29.53 15.78
CA VAL D 397 -21.07 -30.43 16.85
C VAL D 397 -19.65 -30.89 16.55
N MET D 398 -18.80 -30.88 17.56
CA MET D 398 -17.39 -31.20 17.38
C MET D 398 -16.96 -32.23 18.40
N MET D 399 -15.87 -32.92 18.09
CA MET D 399 -15.31 -33.91 19.00
C MET D 399 -14.18 -33.27 19.80
N LYS D 400 -14.34 -33.22 21.11
CA LYS D 400 -13.35 -32.58 21.98
C LYS D 400 -12.14 -33.49 22.12
N LYS D 401 -10.99 -32.87 22.44
CA LYS D 401 -9.78 -33.63 22.76
C LYS D 401 -9.95 -34.42 24.06
N ASN D 402 -10.87 -33.99 24.94
CA ASN D 402 -11.17 -34.70 26.17
C ASN D 402 -12.21 -35.80 25.90
N HIS D 403 -11.81 -36.75 25.06
CA HIS D 403 -12.72 -37.84 24.69
C HIS D 403 -12.71 -38.93 25.75
N GLU D 404 -11.55 -39.55 25.98
CA GLU D 404 -11.46 -40.59 27.02
C GLU D 404 -11.32 -39.98 28.41
N MET D 405 -10.87 -38.73 28.49
CA MET D 405 -10.65 -38.12 29.80
C MET D 405 -11.96 -37.66 30.43
N LEU D 406 -12.72 -36.83 29.72
CA LEU D 406 -13.98 -36.28 30.22
C LEU D 406 -15.10 -37.22 29.81
N GLU D 407 -15.77 -37.81 30.81
CA GLU D 407 -16.92 -38.65 30.58
C GLU D 407 -18.20 -37.84 30.83
N GLY D 408 -19.34 -38.47 30.55
CA GLY D 408 -20.60 -37.76 30.59
C GLY D 408 -21.02 -37.29 29.22
N ASN D 409 -21.87 -36.26 29.21
CA ASN D 409 -22.47 -35.76 27.98
C ASN D 409 -21.82 -34.48 27.46
N GLU D 410 -20.70 -34.04 28.04
CA GLU D 410 -20.00 -32.87 27.56
C GLU D 410 -18.77 -33.26 26.73
N ARG D 411 -18.73 -34.50 26.25
CA ARG D 411 -17.62 -34.94 25.40
C ARG D 411 -17.71 -34.38 24.00
N TYR D 412 -18.88 -33.93 23.57
CA TYR D 412 -19.05 -33.24 22.29
C TYR D 412 -19.51 -31.81 22.53
N GLU D 413 -19.00 -30.88 21.72
CA GLU D 413 -19.24 -29.45 21.94
C GLU D 413 -19.49 -28.79 20.59
N GLY D 414 -20.01 -27.58 20.64
CA GLY D 414 -20.18 -26.81 19.42
C GLY D 414 -21.36 -25.86 19.53
N TYR D 415 -21.58 -25.15 18.42
CA TYR D 415 -22.71 -24.23 18.29
C TYR D 415 -24.04 -24.96 18.43
N CYS D 416 -24.15 -26.13 17.80
CA CYS D 416 -25.40 -26.88 17.86
C CYS D 416 -25.58 -27.49 19.24
N VAL D 417 -24.49 -27.73 19.97
CA VAL D 417 -24.56 -28.35 21.29
C VAL D 417 -25.10 -27.37 22.31
N ASP D 418 -24.69 -26.10 22.23
CA ASP D 418 -25.23 -25.08 23.12
C ASP D 418 -26.71 -24.83 22.84
N LEU D 419 -27.07 -24.71 21.55
CA LEU D 419 -28.46 -24.39 21.21
C LEU D 419 -29.38 -25.57 21.51
N ALA D 420 -28.87 -26.80 21.45
CA ALA D 420 -29.61 -27.94 21.98
C ALA D 420 -29.74 -27.85 23.49
N ALA D 421 -28.68 -27.41 24.17
CA ALA D 421 -28.74 -27.26 25.62
C ALA D 421 -29.62 -26.08 26.02
N GLU D 422 -29.69 -25.04 25.18
CA GLU D 422 -30.57 -23.92 25.46
C GLU D 422 -32.03 -24.31 25.27
N ILE D 423 -32.32 -25.07 24.21
CA ILE D 423 -33.72 -25.38 23.89
C ILE D 423 -34.27 -26.43 24.85
N ALA D 424 -33.38 -27.24 25.44
CA ALA D 424 -33.84 -28.30 26.34
C ALA D 424 -34.13 -27.76 27.74
N LYS D 425 -33.29 -26.85 28.23
CA LYS D 425 -33.44 -26.39 29.62
C LYS D 425 -34.56 -25.37 29.75
N HIS D 426 -34.76 -24.53 28.73
CA HIS D 426 -35.90 -23.61 28.76
C HIS D 426 -37.22 -24.37 28.62
N CYS D 427 -37.21 -25.51 27.92
CA CYS D 427 -38.39 -26.37 27.93
C CYS D 427 -38.45 -27.25 29.17
N GLY D 428 -37.30 -27.68 29.69
CA GLY D 428 -37.21 -28.39 30.96
C GLY D 428 -36.54 -29.75 30.86
N PHE D 429 -36.57 -30.37 29.68
CA PHE D 429 -36.05 -31.72 29.51
C PHE D 429 -34.52 -31.70 29.40
N LYS D 430 -33.93 -32.88 29.44
CA LYS D 430 -32.48 -33.05 29.39
C LYS D 430 -32.11 -34.02 28.27
N TYR D 431 -30.94 -33.78 27.69
CA TYR D 431 -30.57 -34.28 26.37
C TYR D 431 -29.79 -35.58 26.47
N LYS D 432 -30.05 -36.48 25.50
CA LYS D 432 -29.19 -37.64 25.28
C LYS D 432 -28.68 -37.62 23.83
N LEU D 433 -27.51 -37.00 23.67
CA LEU D 433 -26.88 -36.95 22.35
C LEU D 433 -26.35 -38.31 21.92
N THR D 434 -26.65 -38.68 20.68
CA THR D 434 -26.10 -39.86 20.04
C THR D 434 -26.11 -39.59 18.54
N ILE D 435 -24.98 -39.89 17.89
CA ILE D 435 -24.78 -39.60 16.49
C ILE D 435 -24.74 -40.93 15.75
N VAL D 436 -25.77 -41.20 14.94
CA VAL D 436 -25.71 -42.36 14.06
C VAL D 436 -24.69 -42.09 12.96
N GLY D 437 -23.61 -42.86 12.98
CA GLY D 437 -22.41 -42.58 12.22
C GLY D 437 -22.43 -42.96 10.75
N ASP D 438 -23.61 -43.22 10.18
CA ASP D 438 -23.68 -43.49 8.75
C ASP D 438 -23.34 -42.26 7.92
N GLY D 439 -23.57 -41.07 8.45
CA GLY D 439 -23.14 -39.84 7.82
C GLY D 439 -24.15 -39.18 6.91
N LYS D 440 -25.23 -39.87 6.56
CA LYS D 440 -26.18 -39.36 5.58
C LYS D 440 -27.12 -38.36 6.23
N TYR D 441 -27.22 -37.16 5.64
CA TYR D 441 -28.28 -36.23 6.01
C TYR D 441 -29.65 -36.83 5.70
N GLY D 442 -29.80 -37.38 4.51
CA GLY D 442 -30.94 -38.20 4.19
C GLY D 442 -32.04 -37.45 3.46
N ALA D 443 -32.54 -38.10 2.41
CA ALA D 443 -33.77 -37.70 1.73
C ALA D 443 -34.56 -38.97 1.47
N ARG D 444 -35.83 -38.80 1.14
CA ARG D 444 -36.65 -39.95 0.79
C ARG D 444 -36.19 -40.52 -0.55
N ASP D 445 -35.62 -41.73 -0.51
CA ASP D 445 -34.74 -42.20 -1.57
C ASP D 445 -35.51 -42.56 -2.84
N ALA D 446 -34.74 -42.77 -3.91
CA ALA D 446 -35.28 -43.19 -5.19
C ALA D 446 -35.53 -44.69 -5.16
N ASP D 447 -36.71 -45.11 -5.65
CA ASP D 447 -37.12 -46.47 -5.96
C ASP D 447 -37.40 -47.31 -4.71
N THR D 448 -37.09 -46.78 -3.52
CA THR D 448 -37.35 -47.49 -2.27
C THR D 448 -37.97 -46.59 -1.20
N LYS D 449 -37.72 -45.27 -1.26
CA LYS D 449 -38.31 -44.25 -0.38
C LYS D 449 -37.95 -44.50 1.09
N ILE D 450 -36.66 -44.64 1.36
CA ILE D 450 -36.16 -44.85 2.72
C ILE D 450 -35.49 -43.56 3.19
N TRP D 451 -35.88 -43.11 4.39
CA TRP D 451 -35.17 -42.00 5.02
C TRP D 451 -33.86 -42.50 5.60
N ASN D 452 -32.75 -41.94 5.10
CA ASN D 452 -31.43 -42.54 5.27
C ASN D 452 -30.86 -42.48 6.69
N GLY D 453 -30.60 -41.29 7.19
CA GLY D 453 -29.77 -41.14 8.37
C GLY D 453 -30.47 -40.56 9.58
N MET D 454 -30.26 -39.26 9.81
CA MET D 454 -30.89 -38.56 10.92
C MET D 454 -32.40 -38.52 10.75
N VAL D 455 -32.85 -38.40 9.50
CA VAL D 455 -34.28 -38.42 9.21
C VAL D 455 -34.86 -39.80 9.46
N GLY D 456 -34.07 -40.85 9.23
CA GLY D 456 -34.55 -42.21 9.46
C GLY D 456 -34.79 -42.50 10.92
N GLU D 457 -33.92 -41.97 11.79
CA GLU D 457 -34.16 -42.07 13.23
C GLU D 457 -35.34 -41.22 13.65
N LEU D 458 -35.57 -40.11 12.94
CA LEU D 458 -36.61 -39.17 13.34
C LEU D 458 -37.98 -39.61 12.81
N VAL D 459 -38.01 -40.27 11.64
CA VAL D 459 -39.27 -40.76 11.09
C VAL D 459 -39.70 -42.02 11.84
N TYR D 460 -38.82 -43.01 11.94
CA TYR D 460 -39.18 -44.28 12.56
C TYR D 460 -39.24 -44.24 14.08
N GLY D 461 -39.03 -43.06 14.68
CA GLY D 461 -39.35 -42.85 16.08
C GLY D 461 -38.38 -43.44 17.08
N LYS D 462 -37.20 -43.88 16.65
CA LYS D 462 -36.22 -44.37 17.61
C LYS D 462 -35.50 -43.25 18.34
N ALA D 463 -35.62 -42.01 17.87
CA ALA D 463 -35.16 -40.83 18.60
C ALA D 463 -36.29 -39.80 18.58
N ASP D 464 -36.20 -38.82 19.47
CA ASP D 464 -37.34 -37.93 19.66
C ASP D 464 -37.03 -36.52 19.16
N ILE D 465 -36.00 -35.89 19.71
CA ILE D 465 -35.69 -34.52 19.30
C ILE D 465 -34.49 -34.53 18.35
N ALA D 466 -34.47 -33.58 17.42
CA ALA D 466 -33.41 -33.50 16.43
C ALA D 466 -32.95 -32.05 16.31
N ILE D 467 -31.93 -31.70 17.10
CA ILE D 467 -31.25 -30.42 16.94
C ILE D 467 -30.04 -30.72 16.06
N ALA D 468 -30.11 -30.30 14.79
CA ALA D 468 -29.12 -30.67 13.79
C ALA D 468 -29.17 -29.64 12.67
N PRO D 469 -28.06 -29.46 11.94
CA PRO D 469 -28.11 -28.62 10.73
C PRO D 469 -28.87 -29.28 9.59
N LEU D 470 -30.20 -29.31 9.70
CA LEU D 470 -31.07 -30.03 8.78
C LEU D 470 -31.98 -29.04 8.07
N THR D 471 -32.16 -29.23 6.77
CA THR D 471 -32.89 -28.29 5.93
C THR D 471 -34.39 -28.60 5.96
N ILE D 472 -35.19 -27.54 6.04
CA ILE D 472 -36.65 -27.63 5.98
C ILE D 472 -37.06 -27.51 4.52
N THR D 473 -37.72 -28.54 4.00
CA THR D 473 -38.18 -28.57 2.62
C THR D 473 -39.59 -29.16 2.64
N LEU D 474 -40.24 -29.24 1.47
CA LEU D 474 -41.61 -29.74 1.39
C LEU D 474 -41.71 -31.21 1.77
N VAL D 475 -40.89 -32.06 1.14
CA VAL D 475 -40.94 -33.50 1.41
C VAL D 475 -40.43 -33.79 2.81
N ARG D 476 -39.61 -32.90 3.37
CA ARG D 476 -39.20 -33.01 4.76
C ARG D 476 -40.35 -32.65 5.70
N GLU D 477 -41.14 -31.63 5.33
CA GLU D 477 -42.19 -31.11 6.21
C GLU D 477 -43.36 -32.09 6.33
N GLU D 478 -43.67 -32.81 5.25
CA GLU D 478 -44.89 -33.61 5.21
C GLU D 478 -44.82 -34.80 6.16
N VAL D 479 -43.65 -35.43 6.28
CA VAL D 479 -43.54 -36.57 7.19
C VAL D 479 -43.43 -36.16 8.65
N ILE D 480 -42.74 -35.06 8.96
CA ILE D 480 -42.47 -34.68 10.35
C ILE D 480 -42.41 -33.16 10.49
N ASP D 481 -42.75 -32.66 11.68
CA ASP D 481 -42.85 -31.23 11.93
C ASP D 481 -41.46 -30.60 12.05
N PHE D 482 -41.39 -29.29 11.77
CA PHE D 482 -40.15 -28.54 11.90
C PHE D 482 -40.36 -27.28 12.73
N SER D 483 -39.26 -26.78 13.26
CA SER D 483 -39.25 -25.54 14.02
C SER D 483 -39.02 -24.37 13.08
N LYS D 484 -38.79 -23.20 13.66
CA LYS D 484 -38.43 -22.01 12.91
C LYS D 484 -36.92 -22.02 12.65
N PRO D 485 -36.44 -21.37 11.59
CA PRO D 485 -35.03 -21.53 11.20
C PRO D 485 -34.06 -20.90 12.19
N PHE D 486 -32.91 -21.58 12.38
CA PHE D 486 -31.82 -21.01 13.15
C PHE D 486 -31.29 -19.74 12.49
N MET D 487 -30.83 -19.87 11.26
CA MET D 487 -30.23 -18.77 10.52
C MET D 487 -30.60 -18.96 9.06
N SER D 488 -30.28 -17.97 8.24
CA SER D 488 -30.63 -17.96 6.84
C SER D 488 -29.37 -18.18 6.00
N LEU D 489 -29.45 -19.14 5.09
CA LEU D 489 -28.31 -19.56 4.29
C LEU D 489 -28.72 -19.73 2.83
N GLY D 490 -27.77 -20.19 2.03
CA GLY D 490 -28.05 -20.53 0.64
C GLY D 490 -27.05 -21.55 0.15
N ILE D 491 -27.30 -22.04 -1.07
CA ILE D 491 -26.30 -22.86 -1.75
C ILE D 491 -25.14 -21.97 -2.16
N SER D 492 -23.94 -22.32 -1.71
CA SER D 492 -22.78 -21.44 -1.83
C SER D 492 -21.66 -22.14 -2.56
N ILE D 493 -21.08 -21.45 -3.53
CA ILE D 493 -20.00 -22.03 -4.34
C ILE D 493 -18.67 -21.85 -3.60
N MET D 494 -17.90 -22.92 -3.54
CA MET D 494 -16.63 -22.95 -2.83
C MET D 494 -15.52 -23.34 -3.80
N ILE D 495 -14.47 -22.52 -3.84
CA ILE D 495 -13.34 -22.75 -4.74
C ILE D 495 -12.04 -22.66 -3.96
N LYS D 496 -10.97 -23.07 -4.63
CA LYS D 496 -9.62 -22.82 -4.15
C LYS D 496 -9.37 -21.31 -4.13
N LYS D 497 -8.69 -20.83 -3.09
CA LYS D 497 -8.27 -19.44 -3.06
C LYS D 497 -7.34 -19.17 -4.23
N PRO D 498 -7.54 -18.09 -4.99
CA PRO D 498 -6.65 -17.78 -6.11
C PRO D 498 -5.24 -17.48 -5.62
N GLN D 499 -4.27 -17.96 -6.39
CA GLN D 499 -2.86 -17.83 -6.07
C GLN D 499 -2.21 -16.93 -7.10
N LYS D 500 -0.88 -16.88 -7.06
CA LYS D 500 -0.14 -16.33 -8.18
C LYS D 500 -0.37 -17.20 -9.41
N SER D 501 -0.74 -16.58 -10.52
CA SER D 501 -0.99 -17.32 -11.74
C SER D 501 0.31 -17.82 -12.35
N LYS D 502 0.19 -18.80 -13.23
CA LYS D 502 1.31 -19.17 -14.08
C LYS D 502 1.67 -17.99 -14.97
N PRO D 503 2.92 -17.52 -14.96
CA PRO D 503 3.31 -16.43 -15.86
C PRO D 503 3.36 -16.95 -17.29
N GLY D 504 2.71 -16.21 -18.19
CA GLY D 504 2.73 -16.58 -19.59
C GLY D 504 4.11 -16.37 -20.19
N VAL D 505 4.34 -17.04 -21.32
CA VAL D 505 5.59 -16.89 -22.06
C VAL D 505 5.74 -15.43 -22.52
N PHE D 506 4.66 -14.85 -23.04
CA PHE D 506 4.68 -13.47 -23.52
C PHE D 506 4.06 -12.51 -22.53
N SER D 507 4.18 -12.80 -21.23
CA SER D 507 3.58 -11.97 -20.20
C SER D 507 4.39 -10.71 -19.89
N PHE D 508 5.55 -10.54 -20.53
CA PHE D 508 6.35 -9.32 -20.30
C PHE D 508 5.68 -8.09 -20.88
N LEU D 509 4.88 -8.24 -21.94
CA LEU D 509 4.21 -7.12 -22.59
C LEU D 509 2.81 -6.87 -22.03
N ASP D 510 2.53 -7.38 -20.84
CA ASP D 510 1.33 -7.11 -20.07
C ASP D 510 1.12 -5.64 -19.68
N PRO D 511 2.14 -4.82 -19.29
CA PRO D 511 1.83 -3.41 -18.94
C PRO D 511 1.26 -2.53 -20.04
N LEU D 512 1.44 -2.89 -21.31
CA LEU D 512 0.87 -2.11 -22.40
C LEU D 512 -0.11 -2.98 -23.18
N ALA D 513 -1.25 -2.40 -23.53
CA ALA D 513 -2.34 -3.15 -24.13
C ALA D 513 -2.04 -3.51 -25.58
N TYR D 514 -2.95 -4.27 -26.18
CA TYR D 514 -2.76 -4.77 -27.54
C TYR D 514 -2.77 -3.63 -28.56
N GLU D 515 -3.58 -2.60 -28.31
CA GLU D 515 -3.70 -1.52 -29.28
C GLU D 515 -2.45 -0.64 -29.29
N ILE D 516 -1.75 -0.55 -28.15
CA ILE D 516 -0.55 0.28 -28.12
C ILE D 516 0.60 -0.40 -28.86
N TRP D 517 0.80 -1.70 -28.63
CA TRP D 517 1.88 -2.44 -29.28
C TRP D 517 1.69 -2.50 -30.79
N MET D 518 0.44 -2.49 -31.26
CA MET D 518 0.21 -2.32 -32.69
C MET D 518 0.55 -0.90 -33.13
N CYS D 519 0.13 0.10 -32.35
CA CYS D 519 0.37 1.49 -32.74
C CYS D 519 1.82 1.90 -32.55
N ILE D 520 2.58 1.17 -31.73
CA ILE D 520 4.02 1.39 -31.68
C ILE D 520 4.68 0.90 -32.95
N VAL D 521 4.34 -0.31 -33.39
CA VAL D 521 4.93 -0.88 -34.61
C VAL D 521 4.44 -0.12 -35.84
N PHE D 522 3.17 0.31 -35.83
CA PHE D 522 2.65 1.10 -36.95
C PHE D 522 3.33 2.46 -37.04
N ALA D 523 3.59 3.10 -35.90
CA ALA D 523 4.29 4.37 -35.94
C ALA D 523 5.79 4.19 -36.16
N TYR D 524 6.32 3.01 -35.80
CA TYR D 524 7.70 2.69 -36.13
C TYR D 524 7.93 2.69 -37.63
N ILE D 525 7.01 2.08 -38.38
CA ILE D 525 7.09 2.07 -39.83
C ILE D 525 6.86 3.47 -40.37
N GLY D 526 5.91 4.20 -39.78
CA GLY D 526 5.51 5.50 -40.33
C GLY D 526 6.58 6.57 -40.19
N VAL D 527 7.19 6.65 -39.00
CA VAL D 527 8.23 7.65 -38.76
C VAL D 527 9.48 7.34 -39.59
N SER D 528 9.72 6.05 -39.84
CA SER D 528 10.85 5.67 -40.69
C SER D 528 10.62 6.08 -42.14
N VAL D 529 9.37 5.96 -42.61
CA VAL D 529 9.05 6.34 -43.99
C VAL D 529 9.13 7.85 -44.17
N VAL D 530 8.62 8.60 -43.19
CA VAL D 530 8.65 10.07 -43.27
C VAL D 530 10.09 10.57 -43.21
N LEU D 531 10.94 9.92 -42.40
CA LEU D 531 12.35 10.29 -42.36
C LEU D 531 13.05 9.91 -43.66
N PHE D 532 12.60 8.84 -44.31
CA PHE D 532 13.16 8.45 -45.61
C PHE D 532 12.78 9.44 -46.71
N LEU D 533 11.51 9.84 -46.74
CA LEU D 533 11.04 10.70 -47.82
C LEU D 533 11.59 12.11 -47.68
N VAL D 534 11.85 12.54 -46.44
CA VAL D 534 12.42 13.86 -46.21
C VAL D 534 13.86 13.93 -46.73
N SER D 535 14.67 12.92 -46.44
CA SER D 535 16.10 12.98 -46.72
C SER D 535 16.44 12.86 -48.20
N ARG D 536 15.48 12.47 -49.04
CA ARG D 536 15.76 12.37 -50.47
C ARG D 536 15.85 13.74 -51.12
N PHE D 537 14.97 14.67 -50.72
CA PHE D 537 14.83 15.93 -51.45
C PHE D 537 15.99 16.89 -51.19
N SER D 538 16.58 16.83 -49.99
CA SER D 538 17.51 17.88 -49.56
C SER D 538 18.94 17.38 -49.55
N PRO D 539 19.80 17.87 -50.46
CA PRO D 539 21.23 17.56 -50.30
C PRO D 539 21.89 18.31 -49.17
N TYR D 540 21.58 19.61 -49.03
CA TYR D 540 22.13 20.41 -47.95
C TYR D 540 21.17 20.49 -46.77
N SER D 558 26.24 14.98 -51.92
CA SER D 558 26.41 13.83 -52.78
C SER D 558 26.39 12.53 -51.98
N THR D 559 26.25 12.66 -50.65
CA THR D 559 26.25 11.51 -49.75
C THR D 559 24.94 11.55 -48.94
N ASN D 560 23.90 10.96 -49.50
CA ASN D 560 22.65 10.77 -48.78
C ASN D 560 22.72 9.41 -48.09
N GLU D 561 23.02 9.41 -46.80
CA GLU D 561 23.25 8.17 -46.05
C GLU D 561 21.97 7.51 -45.59
N PHE D 562 20.82 8.16 -45.77
CA PHE D 562 19.54 7.61 -45.31
C PHE D 562 18.86 6.89 -46.47
N GLY D 563 19.01 5.56 -46.49
CA GLY D 563 18.15 4.71 -47.26
C GLY D 563 16.94 4.30 -46.45
N ILE D 564 16.04 3.55 -47.08
CA ILE D 564 14.88 3.03 -46.35
C ILE D 564 15.31 1.97 -45.35
N PHE D 565 16.40 1.26 -45.66
CA PHE D 565 16.90 0.24 -44.75
C PHE D 565 17.60 0.86 -43.54
N ASN D 566 18.32 1.96 -43.75
CA ASN D 566 18.99 2.62 -42.63
C ASN D 566 18.02 3.43 -41.79
N SER D 567 16.94 3.96 -42.41
CA SER D 567 15.97 4.76 -41.67
C SER D 567 15.17 3.90 -40.71
N LEU D 568 14.92 2.63 -41.08
CA LEU D 568 14.39 1.67 -40.13
C LEU D 568 15.38 1.42 -38.99
N TRP D 569 16.67 1.39 -39.32
CA TRP D 569 17.68 1.11 -38.31
C TRP D 569 17.89 2.29 -37.37
N PHE D 570 17.74 3.52 -37.87
CA PHE D 570 17.90 4.70 -37.02
C PHE D 570 16.77 4.80 -36.00
N SER D 571 15.53 4.56 -36.44
CA SER D 571 14.39 4.66 -35.55
C SER D 571 14.31 3.48 -34.59
N LEU D 572 14.83 2.31 -34.99
CA LEU D 572 14.84 1.15 -34.10
C LEU D 572 15.81 1.34 -32.95
N GLY D 573 17.02 1.86 -33.25
CA GLY D 573 17.96 2.17 -32.19
C GLY D 573 17.49 3.30 -31.29
N ALA D 574 16.70 4.21 -31.84
CA ALA D 574 16.11 5.27 -31.03
C ALA D 574 15.04 4.70 -30.11
N PHE D 575 14.36 3.63 -30.54
CA PHE D 575 13.33 3.05 -29.69
C PHE D 575 13.94 2.22 -28.56
N MET D 576 15.06 1.56 -28.83
CA MET D 576 15.68 0.66 -27.86
C MET D 576 16.68 1.37 -26.95
N GLN D 577 16.63 2.70 -26.88
CA GLN D 577 17.45 3.57 -26.03
C GLN D 577 18.94 3.51 -26.38
N GLN D 578 19.28 2.93 -27.53
CA GLN D 578 20.66 2.81 -27.96
C GLN D 578 21.05 4.03 -28.79
N GLY D 579 22.36 4.18 -28.97
CA GLY D 579 22.91 5.27 -29.77
C GLY D 579 23.16 4.80 -31.18
N CYS D 580 22.71 5.60 -32.15
CA CYS D 580 22.92 5.31 -33.56
C CYS D 580 24.00 6.23 -34.11
N ASP D 581 24.80 5.67 -35.02
CA ASP D 581 25.93 6.40 -35.58
C ASP D 581 25.49 7.52 -36.52
N ILE D 582 24.44 7.28 -37.29
CA ILE D 582 23.96 8.27 -38.26
C ILE D 582 23.13 9.30 -37.50
N SER D 583 23.11 10.54 -37.99
CA SER D 583 22.28 11.60 -37.43
C SER D 583 21.67 12.39 -38.57
N PRO D 584 20.46 12.93 -38.39
CA PRO D 584 19.86 13.76 -39.44
C PRO D 584 20.61 15.07 -39.61
N ARG D 585 20.68 15.54 -40.85
CA ARG D 585 21.50 16.69 -41.22
C ARG D 585 20.66 17.70 -42.01
N SER D 586 19.45 17.93 -41.52
CA SER D 586 18.55 18.94 -42.10
C SER D 586 17.54 19.32 -41.03
N LEU D 587 16.99 20.53 -41.17
CA LEU D 587 15.97 20.99 -40.23
C LEU D 587 14.70 20.15 -40.37
N SER D 588 14.37 19.76 -41.60
CA SER D 588 13.22 18.88 -41.81
C SER D 588 13.49 17.47 -41.30
N GLY D 589 14.75 17.04 -41.34
CA GLY D 589 15.08 15.72 -40.83
C GLY D 589 15.16 15.66 -39.31
N ARG D 590 15.72 16.70 -38.69
CA ARG D 590 15.99 16.65 -37.25
C ARG D 590 14.71 16.79 -36.43
N ILE D 591 13.65 17.37 -37.01
CA ILE D 591 12.36 17.41 -36.35
C ILE D 591 11.78 16.00 -36.21
N VAL D 592 12.01 15.15 -37.23
CA VAL D 592 11.59 13.75 -37.16
C VAL D 592 12.35 13.03 -36.05
N GLY D 593 13.66 13.26 -35.97
CA GLY D 593 14.43 12.73 -34.85
C GLY D 593 14.06 13.37 -33.52
N GLY D 594 13.53 14.60 -33.56
CA GLY D 594 13.14 15.26 -32.33
C GLY D 594 11.91 14.65 -31.70
N VAL D 595 10.84 14.49 -32.48
CA VAL D 595 9.58 14.04 -31.91
C VAL D 595 9.58 12.54 -31.66
N TRP D 596 10.39 11.79 -32.43
CA TRP D 596 10.47 10.36 -32.21
C TRP D 596 11.24 10.05 -30.93
N TRP D 597 12.27 10.84 -30.62
CA TRP D 597 12.98 10.67 -29.36
C TRP D 597 12.09 11.01 -28.17
N PHE D 598 11.21 12.00 -28.33
CA PHE D 598 10.26 12.30 -27.26
C PHE D 598 9.16 11.24 -27.18
N PHE D 599 8.91 10.53 -28.29
CA PHE D 599 7.97 9.42 -28.27
C PHE D 599 8.49 8.27 -27.42
N THR D 600 9.78 7.95 -27.55
CA THR D 600 10.34 6.81 -26.84
C THR D 600 10.47 7.09 -25.35
N LEU D 601 10.81 8.32 -24.99
CA LEU D 601 11.10 8.67 -23.59
C LEU D 601 9.86 8.53 -22.71
N ILE D 602 8.67 8.76 -23.29
CA ILE D 602 7.44 8.58 -22.52
C ILE D 602 7.11 7.09 -22.42
N ILE D 603 7.20 6.37 -23.55
CA ILE D 603 6.70 5.00 -23.63
C ILE D 603 7.57 4.05 -22.83
N ILE D 604 8.90 4.18 -22.94
CA ILE D 604 9.81 3.33 -22.18
C ILE D 604 9.68 3.61 -20.69
N SER D 605 9.47 4.87 -20.31
CA SER D 605 9.17 5.19 -18.92
C SER D 605 7.80 4.69 -18.52
N SER D 606 6.86 4.65 -19.46
CA SER D 606 5.53 4.12 -19.16
C SER D 606 5.57 2.62 -18.94
N TYR D 607 6.42 1.91 -19.69
CA TYR D 607 6.55 0.47 -19.51
C TYR D 607 7.22 0.14 -18.18
N THR D 608 8.20 0.95 -17.79
CA THR D 608 8.90 0.74 -16.52
C THR D 608 7.97 1.06 -15.34
N ALA D 609 7.10 2.05 -15.52
CA ALA D 609 6.25 2.48 -14.42
C ALA D 609 5.16 1.46 -14.10
N ASN D 610 4.47 0.95 -15.13
CA ASN D 610 3.39 -0.01 -14.88
C ASN D 610 3.94 -1.37 -14.46
N LEU D 611 5.13 -1.75 -14.93
CA LEU D 611 5.68 -3.04 -14.51
C LEU D 611 6.12 -2.99 -13.06
N ALA D 612 6.53 -1.81 -12.59
CA ALA D 612 6.69 -1.58 -11.16
C ALA D 612 5.35 -1.61 -10.45
N ALA D 613 4.30 -1.11 -11.11
CA ALA D 613 2.98 -1.14 -10.50
C ALA D 613 2.43 -2.56 -10.42
N PHE D 614 2.79 -3.42 -11.37
CA PHE D 614 2.35 -4.81 -11.32
C PHE D 614 3.02 -5.56 -10.18
N LEU D 615 4.32 -5.34 -9.98
CA LEU D 615 5.04 -6.14 -8.99
C LEU D 615 4.76 -5.65 -7.56
N THR D 616 4.59 -4.34 -7.39
CA THR D 616 4.26 -3.79 -6.08
C THR D 616 2.87 -4.24 -5.61
N VAL D 617 1.83 -3.86 -6.34
CA VAL D 617 0.48 -4.25 -5.96
C VAL D 617 0.11 -5.53 -6.68
N GLU D 618 -0.22 -6.57 -5.92
CA GLU D 618 -0.66 -7.83 -6.48
C GLU D 618 -2.17 -7.86 -6.47
N ARG D 619 -2.76 -8.29 -7.59
CA ARG D 619 -4.20 -8.37 -7.73
C ARG D 619 -4.53 -9.68 -8.43
N MET D 620 -5.25 -10.55 -7.74
CA MET D 620 -5.52 -11.89 -8.21
C MET D 620 -6.95 -11.99 -8.72
N VAL D 621 -7.13 -12.77 -9.80
CA VAL D 621 -8.42 -12.82 -10.48
C VAL D 621 -9.43 -13.60 -9.65
N SER D 622 -10.67 -13.15 -9.69
CA SER D 622 -11.79 -13.97 -9.25
C SER D 622 -12.27 -14.72 -10.48
N PRO D 623 -12.02 -16.03 -10.57
CA PRO D 623 -12.26 -16.75 -11.85
C PRO D 623 -13.73 -16.87 -12.23
N ILE D 624 -14.60 -17.07 -11.24
CA ILE D 624 -16.00 -17.35 -11.47
C ILE D 624 -16.83 -16.60 -10.43
N GLU D 625 -17.74 -15.75 -10.90
CA GLU D 625 -18.43 -14.79 -10.04
C GLU D 625 -19.95 -14.87 -10.24
N SER D 626 -20.65 -15.26 -9.16
CA SER D 626 -22.09 -15.04 -8.96
C SER D 626 -22.95 -15.74 -10.01
N ALA D 627 -22.51 -16.95 -10.36
CA ALA D 627 -23.31 -18.00 -10.99
C ALA D 627 -23.79 -17.72 -12.42
N GLU D 628 -23.56 -16.51 -12.94
CA GLU D 628 -23.70 -16.32 -14.38
C GLU D 628 -22.38 -16.61 -15.07
N ASP D 629 -21.28 -16.29 -14.39
CA ASP D 629 -19.96 -16.66 -14.88
C ASP D 629 -19.73 -18.16 -14.75
N LEU D 630 -20.43 -18.82 -13.82
CA LEU D 630 -20.45 -20.27 -13.81
C LEU D 630 -21.12 -20.83 -15.05
N SER D 631 -22.23 -20.20 -15.48
CA SER D 631 -23.04 -20.73 -16.57
C SER D 631 -22.31 -20.67 -17.91
N LYS D 632 -21.35 -19.77 -18.05
CA LYS D 632 -20.59 -19.66 -19.29
C LYS D 632 -19.28 -20.45 -19.25
N GLN D 633 -18.54 -20.37 -18.14
CA GLN D 633 -17.30 -21.11 -18.01
C GLN D 633 -17.59 -22.60 -17.85
N THR D 634 -17.00 -23.42 -18.72
CA THR D 634 -17.21 -24.86 -18.71
C THR D 634 -15.86 -25.58 -18.79
N GLU D 635 -14.92 -25.15 -17.95
CA GLU D 635 -13.70 -25.89 -17.69
C GLU D 635 -13.72 -26.41 -16.26
N ILE D 636 -14.59 -25.89 -15.42
CA ILE D 636 -14.73 -26.28 -14.03
C ILE D 636 -15.81 -27.33 -13.92
N ALA D 637 -15.70 -28.19 -12.92
CA ALA D 637 -16.68 -29.23 -12.64
C ALA D 637 -17.42 -28.85 -11.35
N TYR D 638 -18.73 -28.67 -11.45
CA TYR D 638 -19.49 -28.34 -10.25
C TYR D 638 -19.65 -29.59 -9.39
N GLY D 639 -19.78 -29.39 -8.09
CA GLY D 639 -19.92 -30.50 -7.18
C GLY D 639 -20.87 -30.18 -6.05
N THR D 640 -21.65 -31.18 -5.68
CA THR D 640 -22.58 -31.08 -4.56
C THR D 640 -22.55 -32.40 -3.80
N LEU D 641 -23.23 -32.42 -2.65
CA LEU D 641 -23.33 -33.62 -1.86
C LEU D 641 -24.60 -34.39 -2.21
N ASP D 642 -24.51 -35.72 -2.20
CA ASP D 642 -25.69 -36.54 -2.40
C ASP D 642 -26.43 -36.72 -1.07
N SER D 643 -27.61 -37.33 -1.14
CA SER D 643 -28.47 -37.64 0.02
C SER D 643 -28.79 -36.39 0.84
N GLY D 644 -29.11 -35.30 0.14
CA GLY D 644 -29.26 -34.01 0.80
C GLY D 644 -30.04 -33.05 -0.06
N SER D 645 -30.18 -31.83 0.47
CA SER D 645 -31.05 -30.83 -0.13
C SER D 645 -30.43 -30.24 -1.40
N THR D 646 -29.11 -30.08 -1.42
CA THR D 646 -28.44 -29.48 -2.57
C THR D 646 -28.53 -30.37 -3.80
N LYS D 647 -28.64 -31.69 -3.58
CA LYS D 647 -28.93 -32.61 -4.67
C LYS D 647 -30.31 -32.35 -5.27
N GLU D 648 -31.34 -32.27 -4.41
CA GLU D 648 -32.71 -32.31 -4.90
C GLU D 648 -33.16 -30.94 -5.43
N PHE D 649 -32.55 -29.85 -4.93
CA PHE D 649 -32.95 -28.53 -5.41
C PHE D 649 -32.53 -28.30 -6.86
N PHE D 650 -31.32 -28.74 -7.22
CA PHE D 650 -30.92 -28.67 -8.62
C PHE D 650 -31.66 -29.70 -9.46
N ARG D 651 -32.15 -30.77 -8.85
CA ARG D 651 -33.07 -31.66 -9.54
C ARG D 651 -34.40 -30.96 -9.82
N ARG D 652 -34.79 -30.04 -8.93
CA ARG D 652 -35.96 -29.19 -9.05
C ARG D 652 -35.63 -27.86 -9.80
N SER D 653 -34.68 -27.89 -10.72
CA SER D 653 -34.31 -26.69 -11.47
C SER D 653 -35.42 -26.29 -12.45
N LYS D 654 -35.81 -25.03 -12.39
CA LYS D 654 -36.74 -24.42 -13.35
C LYS D 654 -36.21 -23.14 -13.94
N ILE D 655 -35.35 -22.40 -13.23
CA ILE D 655 -34.71 -21.22 -13.80
C ILE D 655 -33.74 -21.68 -14.89
N ALA D 656 -33.63 -20.87 -15.95
CA ALA D 656 -32.80 -21.21 -17.11
C ALA D 656 -31.32 -21.31 -16.73
N VAL D 657 -30.85 -20.44 -15.84
CA VAL D 657 -29.46 -20.54 -15.38
C VAL D 657 -29.29 -21.76 -14.48
N PHE D 658 -30.35 -22.18 -13.78
CA PHE D 658 -30.28 -23.40 -12.98
C PHE D 658 -30.45 -24.64 -13.85
N ASP D 659 -31.16 -24.50 -14.97
CA ASP D 659 -31.34 -25.64 -15.87
C ASP D 659 -30.04 -25.99 -16.59
N LYS D 660 -29.17 -24.99 -16.77
CA LYS D 660 -27.84 -25.24 -17.33
C LYS D 660 -27.00 -26.10 -16.40
N MET D 661 -27.23 -25.97 -15.09
CA MET D 661 -26.38 -26.65 -14.11
C MET D 661 -26.67 -28.15 -14.06
N TRP D 662 -27.96 -28.53 -13.93
CA TRP D 662 -28.33 -29.91 -13.65
C TRP D 662 -28.07 -30.82 -14.84
N THR D 663 -28.06 -30.26 -16.05
CA THR D 663 -27.60 -31.01 -17.23
C THR D 663 -26.13 -31.39 -17.08
N TYR D 664 -25.30 -30.44 -16.64
CA TYR D 664 -23.89 -30.74 -16.46
C TYR D 664 -23.64 -31.58 -15.21
N MET D 665 -24.49 -31.40 -14.19
CA MET D 665 -24.32 -32.15 -12.94
C MET D 665 -24.56 -33.63 -13.12
N ARG D 666 -25.52 -34.00 -13.98
CA ARG D 666 -25.69 -35.40 -14.32
C ARG D 666 -24.64 -35.86 -15.31
N SER D 667 -24.48 -35.13 -16.41
CA SER D 667 -23.52 -35.50 -17.46
C SER D 667 -22.16 -34.94 -17.10
N ALA D 668 -21.38 -35.72 -16.34
CA ALA D 668 -20.03 -35.33 -15.95
C ALA D 668 -19.22 -36.57 -15.61
N GLU D 669 -17.95 -36.38 -15.25
CA GLU D 669 -17.08 -37.50 -14.90
C GLU D 669 -15.96 -36.98 -14.01
N PRO D 670 -15.69 -37.63 -12.87
CA PRO D 670 -16.52 -38.68 -12.27
C PRO D 670 -17.42 -38.16 -11.16
N SER D 671 -17.16 -36.94 -10.70
CA SER D 671 -17.81 -36.40 -9.51
C SER D 671 -19.19 -35.84 -9.84
N VAL D 672 -20.12 -36.75 -10.07
CA VAL D 672 -21.53 -36.38 -10.05
C VAL D 672 -21.93 -35.92 -8.65
N PHE D 673 -21.53 -36.69 -7.64
CA PHE D 673 -21.64 -36.30 -6.24
C PHE D 673 -20.43 -36.84 -5.49
N VAL D 674 -20.26 -36.38 -4.25
CA VAL D 674 -19.29 -36.96 -3.33
C VAL D 674 -20.04 -37.33 -2.06
N ARG D 675 -19.33 -37.84 -1.05
CA ARG D 675 -19.98 -38.46 0.10
C ARG D 675 -19.74 -37.76 1.44
N THR D 676 -18.78 -36.83 1.53
CA THR D 676 -18.54 -36.09 2.76
C THR D 676 -18.16 -34.66 2.41
N THR D 677 -18.64 -33.71 3.22
CA THR D 677 -18.22 -32.31 3.08
C THR D 677 -16.72 -32.16 3.32
N ALA D 678 -16.17 -32.89 4.29
CA ALA D 678 -14.72 -32.89 4.51
C ALA D 678 -13.99 -33.52 3.34
N GLU D 679 -14.60 -34.50 2.69
CA GLU D 679 -14.09 -34.99 1.41
C GLU D 679 -14.22 -33.92 0.34
N GLY D 680 -15.31 -33.17 0.37
CA GLY D 680 -15.49 -32.09 -0.60
C GLY D 680 -14.56 -30.92 -0.35
N VAL D 681 -14.25 -30.65 0.92
CA VAL D 681 -13.21 -29.66 1.25
C VAL D 681 -11.86 -30.13 0.74
N ALA D 682 -11.56 -31.42 0.91
CA ALA D 682 -10.27 -31.95 0.47
C ALA D 682 -10.19 -32.03 -1.05
N ARG D 683 -11.33 -32.27 -1.72
CA ARG D 683 -11.32 -32.37 -3.17
C ARG D 683 -11.07 -31.01 -3.82
N VAL D 684 -11.56 -29.93 -3.20
CA VAL D 684 -11.26 -28.58 -3.67
C VAL D 684 -9.78 -28.28 -3.50
N ARG D 685 -9.20 -28.68 -2.37
CA ARG D 685 -7.80 -28.39 -2.11
C ARG D 685 -6.85 -29.22 -2.96
N LYS D 686 -7.33 -30.32 -3.54
CA LYS D 686 -6.55 -31.05 -4.54
C LYS D 686 -6.87 -30.61 -5.96
N SER D 687 -7.87 -29.74 -6.14
CA SER D 687 -8.33 -29.40 -7.48
C SER D 687 -7.40 -28.40 -8.16
N LYS D 688 -6.96 -27.38 -7.40
CA LYS D 688 -6.14 -26.26 -7.89
C LYS D 688 -6.80 -25.54 -9.06
N GLY D 689 -8.12 -25.33 -8.96
CA GLY D 689 -8.87 -24.57 -9.93
C GLY D 689 -9.74 -25.38 -10.88
N LYS D 690 -9.61 -26.71 -10.86
CA LYS D 690 -10.37 -27.54 -11.81
C LYS D 690 -11.80 -27.77 -11.33
N TYR D 691 -12.06 -27.66 -10.03
CA TYR D 691 -13.28 -28.20 -9.46
C TYR D 691 -13.81 -27.27 -8.38
N ALA D 692 -15.13 -27.17 -8.29
CA ALA D 692 -15.81 -26.40 -7.26
C ALA D 692 -16.84 -27.27 -6.57
N TYR D 693 -17.06 -27.01 -5.28
CA TYR D 693 -17.98 -27.80 -4.46
C TYR D 693 -19.05 -26.89 -3.87
N LEU D 694 -20.26 -26.97 -4.41
CA LEU D 694 -21.37 -26.18 -3.89
C LEU D 694 -21.88 -26.81 -2.60
N LEU D 695 -22.15 -25.97 -1.60
CA LEU D 695 -22.50 -26.49 -0.28
C LEU D 695 -23.25 -25.43 0.50
N GLU D 696 -23.56 -25.77 1.76
CA GLU D 696 -24.23 -24.87 2.68
C GLU D 696 -23.39 -23.63 2.94
N SER D 697 -24.07 -22.48 3.11
CA SER D 697 -23.36 -21.20 3.18
C SER D 697 -22.60 -21.02 4.47
N THR D 698 -23.26 -21.28 5.61
CA THR D 698 -22.60 -21.13 6.90
C THR D 698 -21.55 -22.21 7.13
N MET D 699 -21.68 -23.35 6.45
CA MET D 699 -20.56 -24.28 6.40
C MET D 699 -19.41 -23.71 5.57
N ASN D 700 -19.74 -23.02 4.47
CA ASN D 700 -18.71 -22.45 3.61
C ASN D 700 -17.99 -21.30 4.30
N GLU D 701 -18.71 -20.56 5.15
CA GLU D 701 -18.10 -19.43 5.84
C GLU D 701 -17.11 -19.89 6.90
N TYR D 702 -17.38 -21.04 7.52
CA TYR D 702 -16.53 -21.53 8.61
C TYR D 702 -15.17 -22.00 8.10
N ILE D 703 -15.16 -22.73 6.97
CA ILE D 703 -13.92 -23.32 6.47
C ILE D 703 -12.98 -22.23 5.98
N GLU D 704 -13.54 -21.13 5.50
CA GLU D 704 -12.76 -19.97 5.10
C GLU D 704 -12.16 -19.23 6.31
N GLN D 705 -12.68 -19.45 7.51
CA GLN D 705 -12.16 -18.80 8.71
C GLN D 705 -11.19 -19.68 9.48
N ARG D 706 -11.43 -21.00 9.50
CA ARG D 706 -10.45 -21.95 9.98
C ARG D 706 -9.27 -21.92 9.01
N LYS D 707 -8.03 -22.08 9.51
CA LYS D 707 -6.92 -21.53 8.74
C LYS D 707 -6.00 -22.56 8.05
N PRO D 708 -6.52 -23.32 7.07
CA PRO D 708 -5.60 -23.63 5.98
C PRO D 708 -5.59 -22.50 4.96
N CYS D 709 -6.66 -21.70 4.97
CA CYS D 709 -6.83 -20.40 4.30
C CYS D 709 -6.91 -20.48 2.79
N ASP D 710 -6.97 -21.67 2.20
CA ASP D 710 -6.94 -21.83 0.76
C ASP D 710 -8.32 -21.97 0.13
N THR D 711 -9.37 -21.54 0.82
CA THR D 711 -10.73 -21.61 0.31
C THR D 711 -11.33 -20.20 0.25
N MET D 712 -12.24 -19.99 -0.70
CA MET D 712 -12.88 -18.70 -0.88
C MET D 712 -14.33 -18.86 -1.30
N LYS D 713 -15.24 -18.32 -0.50
CA LYS D 713 -16.63 -18.17 -0.93
C LYS D 713 -16.74 -17.05 -1.96
N VAL D 714 -17.44 -17.32 -3.05
CA VAL D 714 -17.55 -16.40 -4.17
C VAL D 714 -18.99 -15.93 -4.32
N GLY D 715 -19.15 -14.65 -4.65
CA GLY D 715 -20.45 -14.08 -4.98
C GLY D 715 -21.38 -14.03 -3.78
N GLY D 716 -22.53 -14.67 -3.93
CA GLY D 716 -23.53 -14.70 -2.87
C GLY D 716 -24.30 -16.00 -2.93
N ASN D 717 -25.30 -16.09 -2.05
CA ASN D 717 -26.14 -17.27 -1.98
C ASN D 717 -27.02 -17.39 -3.23
N LEU D 718 -27.23 -18.63 -3.68
CA LEU D 718 -28.05 -18.90 -4.84
C LEU D 718 -29.42 -19.47 -4.47
N ASP D 719 -29.72 -19.57 -3.18
CA ASP D 719 -30.99 -20.12 -2.72
C ASP D 719 -31.24 -19.57 -1.32
N SER D 720 -32.37 -19.95 -0.74
CA SER D 720 -32.65 -19.70 0.67
C SER D 720 -33.19 -20.96 1.31
N LYS D 721 -32.55 -21.37 2.40
CA LYS D 721 -32.93 -22.57 3.13
C LYS D 721 -32.77 -22.30 4.61
N GLY D 722 -33.34 -23.16 5.43
CA GLY D 722 -33.39 -22.94 6.86
C GLY D 722 -33.02 -24.16 7.67
N TYR D 723 -32.18 -23.94 8.69
CA TYR D 723 -31.87 -24.95 9.69
C TYR D 723 -32.83 -24.85 10.86
N GLY D 724 -33.65 -25.87 11.05
CA GLY D 724 -34.57 -25.91 12.17
C GLY D 724 -34.44 -27.19 12.94
N ILE D 725 -34.86 -27.13 14.21
CA ILE D 725 -34.95 -28.34 15.02
C ILE D 725 -36.03 -29.23 14.45
N ALA D 726 -35.64 -30.42 13.98
CA ALA D 726 -36.63 -31.35 13.50
C ALA D 726 -37.30 -32.05 14.68
N THR D 727 -38.60 -32.28 14.53
CA THR D 727 -39.47 -32.80 15.56
C THR D 727 -40.39 -33.83 14.90
N PRO D 728 -40.91 -34.80 15.64
CA PRO D 728 -41.92 -35.69 15.05
C PRO D 728 -43.22 -34.95 14.75
N LYS D 729 -43.98 -35.50 13.82
CA LYS D 729 -45.24 -34.89 13.41
C LYS D 729 -46.25 -34.94 14.56
N GLY D 730 -46.63 -33.77 15.06
CA GLY D 730 -47.35 -33.69 16.31
C GLY D 730 -46.46 -34.08 17.47
N SER D 731 -45.40 -33.31 17.68
CA SER D 731 -44.36 -33.68 18.63
C SER D 731 -44.83 -33.56 20.07
N SER D 732 -44.17 -34.30 20.95
CA SER D 732 -44.38 -34.15 22.38
C SER D 732 -43.80 -32.84 22.89
N LEU D 733 -42.87 -32.25 22.13
CA LEU D 733 -42.11 -31.09 22.59
C LEU D 733 -42.10 -29.94 21.59
N GLY D 734 -42.79 -30.08 20.45
CA GLY D 734 -42.54 -29.20 19.32
C GLY D 734 -42.95 -27.76 19.54
N THR D 735 -44.19 -27.54 19.97
CA THR D 735 -44.71 -26.21 20.24
C THR D 735 -44.00 -25.52 21.41
N PRO D 736 -43.60 -26.20 22.51
CA PRO D 736 -42.65 -25.54 23.43
C PRO D 736 -41.30 -25.22 22.83
N VAL D 737 -40.80 -26.06 21.92
CA VAL D 737 -39.57 -25.74 21.20
C VAL D 737 -39.80 -24.56 20.25
N ASN D 738 -40.98 -24.53 19.60
CA ASN D 738 -41.28 -23.52 18.58
C ASN D 738 -41.27 -22.10 19.15
N LEU D 739 -41.85 -21.92 20.34
CA LEU D 739 -41.85 -20.60 20.97
C LEU D 739 -40.47 -20.28 21.52
N ALA D 740 -39.76 -21.27 22.05
CA ALA D 740 -38.49 -21.00 22.70
C ALA D 740 -37.36 -20.81 21.68
N VAL D 741 -37.50 -21.36 20.47
CA VAL D 741 -36.63 -20.96 19.37
C VAL D 741 -36.86 -19.49 19.03
N LEU D 742 -38.13 -19.09 18.94
CA LEU D 742 -38.45 -17.69 18.68
C LEU D 742 -38.08 -16.81 19.88
N LYS D 743 -38.08 -17.38 21.09
CA LYS D 743 -37.71 -16.60 22.26
C LYS D 743 -36.21 -16.30 22.28
N LEU D 744 -35.39 -17.26 21.87
CA LEU D 744 -33.94 -17.03 21.82
C LEU D 744 -33.58 -16.08 20.69
N SER D 745 -34.38 -16.05 19.62
CA SER D 745 -34.11 -15.15 18.51
C SER D 745 -34.48 -13.71 18.86
N GLU D 746 -35.63 -13.52 19.51
CA GLU D 746 -36.15 -12.17 19.74
C GLU D 746 -35.35 -11.38 20.79
N GLN D 747 -34.58 -12.06 21.64
CA GLN D 747 -33.70 -11.39 22.58
C GLN D 747 -32.23 -11.53 22.20
N GLY D 748 -31.96 -12.01 20.99
CA GLY D 748 -30.61 -12.09 20.44
C GLY D 748 -29.62 -12.99 21.14
N VAL D 749 -30.11 -13.97 21.91
CA VAL D 749 -29.21 -14.99 22.47
C VAL D 749 -28.67 -15.89 21.37
N LEU D 750 -29.53 -16.24 20.40
CA LEU D 750 -29.12 -17.08 19.28
C LEU D 750 -28.09 -16.37 18.40
N ASP D 751 -28.31 -15.09 18.11
CA ASP D 751 -27.34 -14.32 17.34
C ASP D 751 -26.06 -14.08 18.13
N LYS D 752 -26.16 -14.04 19.46
CA LYS D 752 -24.97 -14.02 20.30
C LYS D 752 -24.22 -15.35 20.20
N LEU D 753 -24.96 -16.46 20.12
CA LEU D 753 -24.33 -17.76 19.91
C LEU D 753 -23.71 -17.85 18.52
N LYS D 754 -24.32 -17.17 17.54
CA LYS D 754 -23.71 -17.06 16.22
C LYS D 754 -22.44 -16.21 16.27
N ASN D 755 -22.45 -15.16 17.09
CA ASN D 755 -21.25 -14.37 17.30
C ASN D 755 -20.18 -15.16 18.04
N LYS D 756 -20.60 -16.05 18.94
CA LYS D 756 -19.68 -16.80 19.77
C LYS D 756 -18.80 -17.75 18.97
N TRP D 757 -19.43 -18.72 18.29
CA TRP D 757 -18.70 -19.90 17.85
C TRP D 757 -17.84 -19.63 16.61
N TRP D 758 -18.33 -18.82 15.69
CA TRP D 758 -17.58 -18.59 14.45
C TRP D 758 -16.42 -17.61 14.66
N TYR D 759 -16.55 -16.70 15.63
CA TYR D 759 -15.49 -15.72 15.82
C TYR D 759 -14.33 -16.29 16.64
N ASP D 760 -14.62 -17.19 17.58
CA ASP D 760 -13.62 -17.59 18.57
C ASP D 760 -12.59 -18.56 18.01
N LYS D 761 -12.89 -19.18 16.85
CA LYS D 761 -12.00 -20.17 16.26
C LYS D 761 -10.71 -19.59 15.71
N GLY D 762 -10.66 -18.27 15.57
CA GLY D 762 -9.58 -17.63 14.86
C GLY D 762 -9.95 -17.30 13.43
N GLU D 763 -9.31 -16.27 12.91
CA GLU D 763 -9.68 -15.71 11.63
C GLU D 763 -8.52 -15.80 10.65
N CYS D 764 -8.85 -15.73 9.37
CA CYS D 764 -7.87 -15.65 8.28
C CYS D 764 -8.42 -14.59 7.33
N GLY D 765 -8.05 -13.34 7.58
CA GLY D 765 -8.64 -12.21 6.90
C GLY D 765 -7.61 -11.22 6.41
N ALA D 766 -7.71 -9.97 6.89
CA ALA D 766 -6.72 -8.95 6.57
C ALA D 766 -5.42 -9.15 7.35
N LYS D 767 -5.38 -10.11 8.28
CA LYS D 767 -4.22 -10.27 9.14
C LYS D 767 -3.02 -10.86 8.37
N ASP D 768 -3.26 -11.82 7.48
CA ASP D 768 -2.16 -12.39 6.71
C ASP D 768 -1.92 -11.62 5.41
N SER D 769 -2.99 -11.04 4.85
CA SER D 769 -2.83 -10.21 3.65
C SER D 769 -2.12 -8.91 3.97
N GLY D 770 -2.14 -8.49 5.24
CA GLY D 770 -1.53 -7.22 5.61
C GLY D 770 -0.02 -7.23 5.56
N SER D 771 0.62 -8.14 6.30
CA SER D 771 2.06 -8.07 6.50
C SER D 771 2.77 -9.42 6.39
N LYS D 772 2.14 -10.42 5.77
CA LYS D 772 2.83 -11.66 5.44
C LYS D 772 3.19 -11.72 3.96
N GLU D 773 3.61 -10.58 3.40
CA GLU D 773 4.12 -10.57 2.03
C GLU D 773 5.55 -10.05 2.04
N LYS D 774 6.42 -10.77 1.35
CA LYS D 774 7.64 -10.20 0.79
C LYS D 774 7.51 -10.41 -0.71
N THR D 775 7.80 -9.36 -1.48
CA THR D 775 7.71 -9.52 -2.92
C THR D 775 8.89 -10.34 -3.43
N SER D 776 8.59 -11.30 -4.28
CA SER D 776 9.59 -12.25 -4.71
C SER D 776 10.48 -11.64 -5.77
N ALA D 777 11.63 -12.28 -5.97
CA ALA D 777 12.42 -11.99 -7.15
C ALA D 777 11.69 -12.48 -8.39
N LEU D 778 11.98 -11.87 -9.53
CA LEU D 778 11.47 -12.39 -10.78
C LEU D 778 12.07 -13.76 -11.05
N SER D 779 11.23 -14.68 -11.49
CA SER D 779 11.68 -16.00 -11.91
C SER D 779 12.11 -15.91 -13.36
N LEU D 780 12.59 -17.03 -13.89
CA LEU D 780 12.88 -17.07 -15.31
C LEU D 780 11.59 -17.07 -16.12
N SER D 781 10.49 -17.54 -15.54
CA SER D 781 9.22 -17.63 -16.26
C SER D 781 8.64 -16.26 -16.55
N ASN D 782 8.89 -15.28 -15.67
CA ASN D 782 8.33 -13.95 -15.83
C ASN D 782 8.90 -13.21 -17.04
N VAL D 783 10.12 -13.55 -17.43
CA VAL D 783 10.80 -12.90 -18.55
C VAL D 783 11.26 -13.96 -19.55
N ALA D 784 10.52 -15.08 -19.62
CA ALA D 784 10.96 -16.21 -20.43
C ALA D 784 10.89 -15.92 -21.93
N GLY D 785 9.83 -15.26 -22.38
CA GLY D 785 9.62 -15.07 -23.80
C GLY D 785 10.63 -14.13 -24.43
N VAL D 786 11.25 -13.27 -23.62
CA VAL D 786 12.30 -12.39 -24.12
C VAL D 786 13.52 -13.23 -24.54
N PHE D 787 13.77 -14.33 -23.83
CA PHE D 787 14.80 -15.27 -24.25
C PHE D 787 14.40 -16.00 -25.54
N TYR D 788 13.11 -16.34 -25.67
CA TYR D 788 12.67 -17.07 -26.87
C TYR D 788 12.70 -16.18 -28.10
N ILE D 789 12.32 -14.91 -27.95
CA ILE D 789 12.44 -13.94 -29.04
C ILE D 789 13.91 -13.73 -29.40
N LEU D 790 14.79 -13.76 -28.39
CA LEU D 790 16.21 -13.58 -28.63
C LEU D 790 16.80 -14.73 -29.42
N VAL D 791 16.64 -15.96 -28.93
CA VAL D 791 17.21 -17.12 -29.61
C VAL D 791 16.45 -17.39 -30.91
N GLY D 792 15.16 -17.08 -30.94
CA GLY D 792 14.43 -17.10 -32.21
C GLY D 792 14.95 -16.06 -33.18
N GLY D 793 15.41 -14.92 -32.68
CA GLY D 793 16.11 -13.97 -33.52
C GLY D 793 17.50 -14.46 -33.91
N LEU D 794 18.12 -15.26 -33.04
CA LEU D 794 19.45 -15.80 -33.34
C LEU D 794 19.39 -16.81 -34.49
N GLY D 795 18.37 -17.65 -34.50
CA GLY D 795 18.22 -18.59 -35.60
C GLY D 795 17.78 -17.91 -36.88
N LEU D 796 16.90 -16.90 -36.77
CA LEU D 796 16.40 -16.21 -37.97
C LEU D 796 17.49 -15.39 -38.62
N ALA D 797 18.44 -14.87 -37.83
CA ALA D 797 19.58 -14.15 -38.40
C ALA D 797 20.48 -15.08 -39.20
N MET D 798 20.63 -16.33 -38.75
CA MET D 798 21.45 -17.29 -39.47
C MET D 798 20.78 -17.72 -40.77
N LEU D 799 19.44 -17.70 -40.81
CA LEU D 799 18.72 -18.03 -42.04
C LEU D 799 18.91 -16.97 -43.11
N VAL D 800 18.91 -15.69 -42.72
CA VAL D 800 19.10 -14.62 -43.69
C VAL D 800 20.56 -14.54 -44.12
N ALA D 801 21.46 -15.07 -43.29
CA ALA D 801 22.86 -15.19 -43.67
C ALA D 801 23.03 -16.15 -44.84
N LEU D 802 22.21 -17.21 -44.89
CA LEU D 802 22.29 -18.15 -46.00
C LEU D 802 21.67 -17.56 -47.27
N ILE D 803 20.57 -16.82 -47.14
CA ILE D 803 19.92 -16.25 -48.32
C ILE D 803 20.74 -15.07 -48.86
N GLU D 804 21.62 -14.49 -48.02
CA GLU D 804 22.57 -13.51 -48.52
C GLU D 804 23.63 -14.18 -49.38
N PHE D 805 24.03 -15.40 -49.02
CA PHE D 805 25.05 -16.12 -49.78
C PHE D 805 24.55 -16.51 -51.15
N CYS D 806 23.25 -16.73 -51.28
CA CYS D 806 22.67 -17.03 -52.59
C CYS D 806 22.71 -15.82 -53.50
N TYR D 807 22.26 -14.66 -52.99
CA TYR D 807 22.19 -13.47 -53.82
C TYR D 807 23.58 -12.88 -54.08
N LYS D 808 24.53 -13.12 -53.18
CA LYS D 808 25.89 -12.66 -53.41
C LYS D 808 26.59 -13.50 -54.48
N SER D 809 26.34 -14.81 -54.47
CA SER D 809 26.96 -15.68 -55.47
C SER D 809 26.35 -15.52 -56.85
N ARG D 810 25.13 -14.98 -56.95
CA ARG D 810 24.51 -14.72 -58.23
C ARG D 810 24.80 -13.30 -58.75
N ALA D 811 25.86 -12.75 -58.18
CA ALA D 811 26.35 -11.53 -58.81
C ALA D 811 27.00 -12.16 -60.03
N GLU D 812 27.01 -13.51 -60.05
CA GLU D 812 27.71 -14.35 -61.06
C GLU D 812 27.29 -13.93 -62.46
N ALA D 813 28.10 -14.27 -63.46
CA ALA D 813 27.81 -13.76 -64.82
C ALA D 813 27.74 -12.25 -64.67
N LYS D 814 28.79 -11.64 -64.13
CA LYS D 814 28.82 -10.18 -63.93
C LYS D 814 29.56 -9.54 -65.11
C1 PCW E . 0.58 20.61 -23.89
C2 PCW E . 1.41 20.72 -25.16
C3 PCW E . 2.55 19.69 -25.11
C4 PCW E . -4.14 19.78 -22.24
C5 PCW E . -4.30 20.64 -20.95
C6 PCW E . -6.28 19.48 -20.22
C7 PCW E . -4.23 18.56 -19.42
C8 PCW E . -4.90 20.71 -18.64
C11 PCW E . 4.50 20.10 -23.80
C12 PCW E . 5.77 19.20 -23.85
C13 PCW E . 7.07 20.02 -24.13
C14 PCW E . 7.69 19.67 -25.52
C15 PCW E . 6.62 19.48 -26.64
C16 PCW E . 7.10 18.67 -27.88
C17 PCW E . 8.53 18.05 -27.76
C18 PCW E . 9.40 18.32 -29.01
C19 PCW E . 9.16 19.74 -29.61
C20 PCW E . 9.79 20.14 -30.73
C21 PCW E . 10.78 19.21 -31.47
C22 PCW E . 12.21 19.82 -31.54
C23 PCW E . 12.20 21.37 -31.71
C24 PCW E . 13.63 21.97 -31.73
C25 PCW E . 14.59 21.16 -32.64
C26 PCW E . 14.58 21.68 -34.10
C27 PCW E . 15.76 22.65 -34.36
C28 PCW E . 17.12 22.01 -34.08
C31 PCW E . 0.11 21.59 -26.99
C32 PCW E . 0.23 21.64 -28.54
C33 PCW E . -0.23 20.29 -29.20
C34 PCW E . 0.66 19.88 -30.42
C35 PCW E . 2.17 20.24 -30.20
C36 PCW E . 3.12 19.38 -31.10
C37 PCW E . 2.98 19.75 -32.62
C38 PCW E . 4.36 20.07 -33.29
C39 PCW E . 5.57 19.42 -32.56
C40 PCW E . 6.66 20.13 -32.26
C41 PCW E . 6.79 21.62 -32.66
C42 PCW E . 7.08 22.55 -31.46
C43 PCW E . 7.12 24.05 -31.88
C44 PCW E . 8.19 24.32 -32.97
C45 PCW E . 7.77 25.45 -33.94
N PCW E . -4.89 19.83 -19.83
O2 PCW E . 0.57 20.44 -26.27
O3 PCW E . 3.79 20.40 -24.98
O11 PCW E . 4.15 20.55 -22.75
O31 PCW E . -0.35 22.52 -26.41
O1P PCW E . -1.62 21.98 -22.70
O2P PCW E . -3.01 21.20 -24.58
O3P PCW E . -0.69 20.10 -24.24
O4P PCW E . -2.75 19.65 -22.51
P PCW E . -2.04 20.78 -23.51
C1 PCW F . -1.88 26.27 -18.55
C2 PCW F . -0.53 26.77 -19.05
C3 PCW F . 0.02 27.82 -18.07
C4 PCW F . -4.62 24.35 -15.27
C5 PCW F . -5.05 25.34 -14.15
C6 PCW F . -6.79 26.04 -12.66
C7 PCW F . -7.56 24.89 -14.60
C8 PCW F . -6.33 23.67 -12.95
C11 PCW F . -1.06 29.93 -18.29
C12 PCW F . 0.15 30.89 -18.09
C13 PCW F . 0.07 32.12 -19.04
C14 PCW F . 1.19 32.10 -20.13
C15 PCW F . 0.94 31.05 -21.24
C16 PCW F . 2.16 30.11 -21.50
C17 PCW F . 3.55 30.68 -21.03
C18 PCW F . 4.28 31.53 -22.13
C19 PCW F . 3.81 31.20 -23.56
C20 PCW F . 4.59 31.55 -24.61
C31 PCW F . 0.88 25.50 -20.45
C32 PCW F . 0.55 24.20 -21.24
C33 PCW F . 1.73 23.76 -22.16
C34 PCW F . 2.98 23.30 -21.34
C35 PCW F . 4.29 24.07 -21.75
C36 PCW F . 4.45 24.19 -23.31
C37 PCW F . 4.43 25.66 -23.86
C38 PCW F . 4.38 26.77 -22.75
C39 PCW F . 5.27 27.98 -23.12
C40 PCW F . 6.47 27.77 -23.69
C41 PCW F . 7.36 28.97 -24.06
C42 PCW F . 8.36 28.63 -25.19
C43 PCW F . 7.68 27.90 -26.38
C44 PCW F . 8.63 27.68 -27.57
C45 PCW F . 8.96 26.18 -27.80
N PCW F . -6.43 24.99 -13.63
O2 PCW F . 0.36 25.68 -19.14
O3 PCW F . -1.06 28.65 -17.66
O11 PCW F . -1.97 30.27 -18.96
O31 PCW F . 1.56 26.34 -20.94
O1P PCW F . -4.15 24.22 -18.42
O2P PCW F . -2.67 22.74 -17.11
O3P PCW F . -1.69 24.98 -18.01
O4P PCW F . -3.53 24.93 -16.00
P PCW F . -3.03 24.18 -17.40
C1 PCW G . 21.93 29.55 -39.31
C2 PCW G . 20.77 30.32 -38.67
C3 PCW G . 19.96 29.40 -37.73
C4 PCW G . 25.63 29.28 -39.48
C5 PCW G . 26.15 30.75 -39.39
C6 PCW G . 28.14 29.89 -40.63
C7 PCW G . 27.34 32.03 -41.30
C8 PCW G . 28.27 31.79 -39.14
C11 PCW G . 18.73 27.37 -38.06
C12 PCW G . 17.81 27.16 -36.83
C13 PCW G . 16.56 28.10 -36.83
C14 PCW G . 15.21 27.33 -36.93
C15 PCW G . 14.96 26.40 -35.71
C16 PCW G . 13.78 26.88 -34.84
C17 PCW G . 12.50 27.23 -35.68
C18 PCW G . 11.40 26.11 -35.61
C19 PCW G . 11.47 25.29 -34.30
C31 PCW G . 20.87 32.69 -38.40
C32 PCW G . 19.99 33.60 -37.49
C33 PCW G . 19.58 32.89 -36.16
C34 PCW G . 18.35 33.56 -35.48
C35 PCW G . 17.11 32.61 -35.40
C36 PCW G . 17.31 31.47 -34.36
C37 PCW G . 17.54 32.03 -32.90
C38 PCW G . 17.06 31.03 -31.80
C39 PCW G . 15.79 31.54 -31.05
C40 PCW G . 14.60 30.94 -31.24
C41 PCW G . 14.46 29.72 -32.19
C42 PCW G . 14.05 28.44 -31.44
C43 PCW G . 12.81 28.67 -30.55
C44 PCW G . 12.27 27.36 -29.93
N PCW G . 27.42 31.10 -40.14
O2 PCW G . 21.28 31.40 -37.94
O3 PCW G . 19.00 28.69 -38.52
O11 PCW G . 19.20 26.44 -38.63
O31 PCW G . 21.20 33.08 -39.47
O1P PCW G . 23.80 27.06 -37.06
O2P PCW G . 24.08 26.84 -39.51
O3P PCW G . 22.14 28.33 -38.62
O4P PCW G . 24.75 29.08 -38.38
P PCW G . 23.70 27.78 -38.39
C13 PCW H . -7.63 18.33 -28.14
C14 PCW H . -7.62 17.42 -29.39
C15 PCW H . -6.20 17.33 -30.04
C16 PCW H . -6.21 17.73 -31.54
C17 PCW H . -6.22 16.48 -32.49
C18 PCW H . -5.23 16.67 -33.68
C19 PCW H . -3.88 17.27 -33.23
C20 PCW H . -3.11 17.96 -34.09
C21 PCW H . -3.56 18.16 -35.56
C22 PCW H . -2.39 17.98 -36.58
C23 PCW H . -2.71 16.92 -37.66
C12 PCW I . -6.98 7.29 -31.67
C13 PCW I . -5.56 6.89 -32.23
C14 PCW I . -4.92 8.04 -33.07
C15 PCW I . -3.38 7.90 -33.16
C16 PCW I . -2.95 6.47 -33.56
C17 PCW I . -2.43 6.40 -35.03
C18 PCW I . -1.25 7.39 -35.27
C19 PCW I . -0.75 7.36 -36.74
C20 PCW I . -0.52 6.18 -37.33
C21 PCW I . -0.02 6.13 -38.80
C22 PCW I . 0.65 7.45 -39.25
C23 PCW I . 0.85 7.51 -40.79
C24 PCW I . 2.09 8.33 -41.20
C01 QUS J . -41.05 -4.51 2.69
C02 QUS J . -39.97 -4.34 1.48
C03 QUS J . -39.55 -2.87 1.42
C04 QUS J . -37.04 -2.72 1.61
C05 QUS J . -36.55 -2.52 -0.47
NP3 QUS J . -40.54 -4.73 0.27
N14 QUS J . -38.15 -2.74 0.88
N15 QUS J . -36.00 -2.58 0.76
O16 QUS J . -41.13 -3.64 3.57
O17 QUS J . -41.79 -5.50 2.73
O18 QUS J . -36.98 -2.82 3.02
O19 QUS J . -35.82 -2.38 -1.70
O20 QUS J . -37.83 -2.62 -0.38
C1 PCW K . 42.15 25.58 -21.78
C2 PCW K . 42.90 25.68 -20.45
C3 PCW K . 42.17 26.63 -19.49
C4 PCW K . 42.42 21.00 -23.58
C5 PCW K . 43.79 20.31 -23.88
C6 PCW K . 45.06 18.31 -24.19
C7 PCW K . 43.76 18.33 -22.20
C8 PCW K . 42.64 18.21 -24.30
C11 PCW K . 42.20 26.04 -17.17
C12 PCW K . 41.59 25.34 -15.92
C13 PCW K . 41.84 26.16 -14.61
C14 PCW K . 40.55 26.86 -14.11
C15 PCW K . 39.90 26.12 -12.90
C16 PCW K . 38.87 25.06 -13.34
C17 PCW K . 39.16 23.66 -12.72
C18 PCW K . 38.26 22.54 -13.32
C19 PCW K . 36.92 22.38 -12.55
C31 PCW K . 44.29 23.98 -19.55
C32 PCW K . 44.81 22.60 -20.06
C33 PCW K . 43.69 21.51 -20.04
C34 PCW K . 43.13 21.28 -18.60
C35 PCW K . 42.64 19.81 -18.38
C36 PCW K . 42.28 19.52 -16.89
C37 PCW K . 40.97 20.26 -16.42
C38 PCW K . 40.21 19.50 -15.28
C39 PCW K . 41.16 18.99 -14.17
C40 PCW K . 41.30 17.68 -13.96
C41 PCW K . 42.26 17.17 -12.86
C42 PCW K . 41.69 17.39 -11.43
C43 PCW K . 40.37 16.61 -11.20
C44 PCW K . 39.29 17.48 -10.52
N PCW K . 43.79 18.82 -23.60
O2 PCW K . 42.96 24.40 -19.87
O3 PCW K . 41.60 25.83 -18.45
O11 PCW K . 43.15 26.74 -17.06
O31 PCW K . 44.99 24.67 -18.90
O1P PCW K . 40.90 24.37 -24.40
O2P PCW K . 40.65 22.89 -22.44
O3P PCW K . 42.68 24.49 -22.50
O4P PCW K . 42.47 22.31 -24.15
P PCW K . 41.64 23.52 -23.38
C15 PCW L . 20.26 39.85 -3.71
C16 PCW L . 20.84 39.60 -5.13
C17 PCW L . 22.02 38.57 -5.11
C18 PCW L . 22.84 38.59 -6.43
C19 PCW L . 21.95 38.90 -7.68
C20 PCW L . 22.41 38.70 -8.93
C21 PCW L . 23.84 38.15 -9.18
C22 PCW L . 24.04 37.67 -10.64
C23 PCW L . 25.14 38.48 -11.38
C1 PCW M . 31.33 16.05 3.42
C2 PCW M . 30.56 16.40 2.14
C3 PCW M . 31.37 16.00 0.88
C4 PCW M . 36.06 14.05 3.60
C5 PCW M . 37.14 13.98 2.49
C6 PCW M . 39.05 13.18 3.71
C7 PCW M . 37.48 11.49 3.12
C8 PCW M . 38.72 12.56 1.39
C11 PCW M . 31.75 16.94 -1.28
C12 PCW M . 32.16 18.42 -1.54
C13 PCW M . 30.91 19.31 -1.84
C14 PCW M . 30.93 19.91 -3.29
C15 PCW M . 29.82 19.29 -4.19
C16 PCW M . 30.35 18.94 -5.60
C17 PCW M . 31.73 18.20 -5.56
C18 PCW M . 32.55 18.36 -6.88
C19 PCW M . 31.66 18.61 -8.13
C20 PCW M . 31.94 18.02 -9.31
C21 PCW M . 33.17 17.09 -9.46
C22 PCW M . 33.22 16.37 -10.83
C23 PCW M . 34.19 17.07 -11.82
C24 PCW M . 33.76 16.89 -13.30
C25 PCW M . 34.36 17.99 -14.22
C26 PCW M . 33.70 18.00 -15.62
C27 PCW M . 34.68 17.60 -16.74
C28 PCW M . 35.74 18.69 -16.99
C31 PCW M . 28.25 16.49 1.55
C32 PCW M . 27.23 15.79 0.60
C33 PCW M . 26.52 16.81 -0.35
C34 PCW M . 25.84 16.11 -1.58
C35 PCW M . 26.87 15.28 -2.43
C36 PCW M . 27.67 16.17 -3.45
C37 PCW M . 27.79 15.49 -4.86
C38 PCW M . 26.54 15.80 -5.75
C39 PCW M . 26.69 15.28 -7.21
C40 PCW M . 27.21 14.07 -7.44
C41 PCW M . 27.33 13.58 -8.90
C42 PCW M . 28.31 14.46 -9.72
C43 PCW M . 29.45 13.63 -10.33
C44 PCW M . 28.91 12.42 -11.11
C45 PCW M . 30.01 11.39 -11.45
N PCW M . 38.06 12.80 2.68
O2 PCW M . 29.31 15.73 2.14
O3 PCW M . 30.81 16.64 -0.25
O11 PCW M . 32.22 16.07 -1.94
O31 PCW M . 28.14 17.64 1.78
O1P PCW M . 33.77 16.59 4.98
O2P PCW M . 33.63 14.13 5.12
O3P PCW M . 32.50 15.32 3.11
O4P PCW M . 35.21 15.18 3.35
P PCW M . 33.78 15.31 4.18
C1 PCW N . 24.52 21.74 1.69
C2 PCW N . 25.42 21.45 0.51
C3 PCW N . 26.73 20.80 1.02
C4 PCW N . 21.02 19.06 4.22
C5 PCW N . 19.61 18.92 3.57
C6 PCW N . 18.86 20.66 5.16
C7 PCW N . 18.54 21.18 2.85
C8 PCW N . 17.29 19.42 3.80
C11 PCW N . 28.81 21.50 1.94
C12 PCW N . 29.74 21.81 0.74
C13 PCW N . 30.29 23.28 0.77
C14 PCW N . 29.36 24.26 -0.02
C15 PCW N . 29.00 23.71 -1.42
C16 PCW N . 29.24 24.75 -2.55
C17 PCW N . 30.75 24.90 -2.90
C18 PCW N . 30.97 25.62 -4.28
C19 PCW N . 31.24 24.61 -5.41
C20 PCW N . 32.01 23.52 -5.18
C31 PCW N . 25.22 20.58 -1.72
C32 PCW N . 24.72 19.48 -2.71
C33 PCW N . 24.45 20.06 -4.13
C34 PCW N . 25.06 19.15 -5.23
C35 PCW N . 26.46 19.66 -5.73
C36 PCW N . 26.35 20.74 -6.85
C37 PCW N . 27.04 20.29 -8.19
C38 PCW N . 26.82 18.78 -8.51
C39 PCW N . 27.58 18.36 -9.80
C40 PCW N . 26.93 17.97 -10.90
C41 PCW N . 27.76 17.58 -12.15
C42 PCW N . 28.97 18.54 -12.29
C43 PCW N . 29.49 18.67 -13.75
C44 PCW N . 30.79 19.48 -13.81
C45 PCW N . 30.68 20.86 -13.12
N PCW N . 18.63 20.05 3.82
O2 PCW N . 24.78 20.54 -0.36
O3 PCW N . 27.41 21.75 1.84
O11 PCW N . 29.27 21.07 2.96
O31 PCW N . 25.94 21.43 -2.10
O1P PCW N . 21.83 21.56 3.08
O2P PCW N . 21.70 20.26 0.99
O3P PCW N . 24.02 20.50 2.14
O4P PCW N . 22.01 18.97 3.21
P PCW N . 22.36 20.36 2.34
C1 PCW O . 18.98 29.78 -2.36
C2 PCW O . 20.50 29.71 -2.56
C3 PCW O . 20.95 28.25 -2.78
C4 PCW O . 17.82 33.81 -0.90
C5 PCW O . 18.24 34.66 -2.13
C6 PCW O . 17.80 37.01 -1.85
C7 PCW O . 19.48 36.15 -0.39
C8 PCW O . 19.95 36.24 -2.72
C11 PCW O . 23.14 27.23 -2.60
C12 PCW O . 23.37 27.31 -4.14
C13 PCW O . 24.87 27.55 -4.51
C14 PCW O . 25.18 27.24 -6.01
C15 PCW O . 25.21 25.71 -6.29
C16 PCW O . 26.62 25.19 -6.67
C17 PCW O . 27.22 25.93 -7.91
C18 PCW O . 26.72 25.34 -9.27
C19 PCW O . 27.89 24.97 -10.22
C20 PCW O . 28.14 23.67 -10.51
C31 PCW O . 20.18 30.68 -4.82
C32 PCW O . 19.84 32.10 -5.35
C33 PCW O . 20.73 32.52 -6.56
C34 PCW O . 22.16 31.88 -6.52
C35 PCW O . 22.34 30.74 -7.58
C36 PCW O . 21.71 31.11 -8.96
C37 PCW O . 22.79 31.32 -10.07
C38 PCW O . 23.23 32.81 -10.23
C39 PCW O . 24.37 33.21 -9.24
C40 PCW O . 25.66 33.15 -9.61
C41 PCW O . 26.08 32.71 -11.03
C42 PCW O . 26.96 31.43 -11.01
C43 PCW O . 28.14 31.55 -10.01
C44 PCW O . 29.46 31.95 -10.71
C45 PCW O . 30.67 31.87 -9.74
N PCW O . 18.86 35.98 -1.75
O2 PCW O . 20.95 30.54 -3.62
O3 PCW O . 22.11 28.02 -1.98
O11 PCW O . 23.84 26.55 -1.93
O31 PCW O . 19.85 29.73 -5.47
O1P PCW O . 17.01 32.02 -3.69
O2P PCW O . 16.10 30.53 -1.95
O3P PCW O . 18.64 31.07 -1.91
O4P PCW O . 16.75 32.94 -1.28
P PCW O . 17.09 31.63 -2.23
C01 QUS P . -8.93 21.50 38.00
C02 QUS P . -8.13 21.14 36.63
C03 QUS P . -7.24 22.32 36.22
C04 QUS P . -5.72 22.37 34.20
C05 QUS P . -7.21 22.08 32.66
NP3 QUS P . -9.04 20.85 35.61
N14 QUS P . -6.94 22.26 34.75
N15 QUS P . -5.89 22.25 32.86
O16 QUS P . -8.44 21.20 39.10
O17 QUS P . -10.03 22.07 37.92
O18 QUS P . -4.50 22.56 34.88
O19 QUS P . -7.86 21.91 31.38
O20 QUS P . -7.82 22.09 33.80
C13 PCW Q . 31.78 4.48 5.91
C14 PCW Q . 33.11 5.22 5.58
C15 PCW Q . 32.93 6.32 4.50
C16 PCW Q . 33.60 5.98 3.13
C17 PCW Q . 34.78 4.94 3.24
C18 PCW Q . 36.08 5.44 2.53
C19 PCW Q . 36.22 6.99 2.54
C20 PCW Q . 37.13 7.60 1.76
C21 PCW Q . 38.06 6.78 0.84
C22 PCW Q . 38.41 7.53 -0.48
C23 PCW Q . 39.84 7.20 -0.98
C1 PCW R . 27.55 -12.83 -7.75
C2 PCW R . 28.71 -12.40 -8.64
C3 PCW R . 28.26 -11.17 -9.47
C4 PCW R . 26.39 -13.83 -2.97
C5 PCW R . 25.34 -14.95 -2.77
C6 PCW R . 24.67 -14.27 -0.57
C7 PCW R . 23.49 -13.20 -2.33
C8 PCW R . 23.14 -15.53 -1.99
C11 PCW R . 26.83 -11.43 -11.37
C12 PCW R . 26.51 -10.28 -12.36
C13 PCW R . 26.79 -10.68 -13.85
C14 PCW R . 27.96 -9.86 -14.47
C15 PCW R . 29.14 -9.65 -13.48
C16 PCW R . 30.09 -8.46 -13.83
C17 PCW R . 29.64 -7.58 -15.04
C18 PCW R . 30.80 -7.29 -16.03
C19 PCW R . 31.77 -8.50 -16.20
C20 PCW R . 32.84 -8.44 -17.02
C21 PCW R . 33.16 -7.15 -17.82
C22 PCW R . 33.17 -7.39 -19.35
C23 PCW R . 33.75 -8.79 -19.74
C24 PCW R . 33.71 -9.05 -21.26
C25 PCW R . 34.24 -7.83 -22.08
C26 PCW R . 35.77 -7.86 -22.24
C27 PCW R . 36.20 -8.47 -23.60
C28 PCW R . 35.62 -7.69 -24.79
C31 PCW R . 30.83 -13.05 -7.77
C32 PCW R . 32.31 -12.67 -8.09
C33 PCW R . 32.78 -11.41 -7.30
C34 PCW R . 33.67 -10.44 -8.14
C35 PCW R . 33.34 -10.50 -9.68
C36 PCW R . 33.88 -9.25 -10.45
C37 PCW R . 35.46 -9.18 -10.49
C38 PCW R . 35.99 -9.08 -11.95
C39 PCW R . 35.04 -8.28 -12.89
C40 PCW R . 34.84 -8.67 -14.16
C41 PCW R . 35.55 -9.91 -14.74
C42 PCW R . 34.57 -11.07 -15.05
C43 PCW R . 35.32 -12.38 -15.45
C44 PCW R . 36.18 -12.21 -16.72
C45 PCW R . 37.46 -13.09 -16.69
N PCW R . 24.17 -14.47 -1.95
O2 PCW R . 29.82 -12.05 -7.84
O3 PCW R . 28.14 -11.57 -10.84
O11 PCW R . 25.98 -12.21 -11.06
O31 PCW R . 30.57 -14.16 -7.47
O1P PCW R . 27.33 -15.12 -6.05
O2P PCW R . 28.88 -14.04 -4.45
O3P PCW R . 27.92 -12.62 -6.42
O4P PCW R . 26.36 -13.44 -4.35
P PCW R . 27.64 -13.85 -5.31
C1 PCW S . 23.97 -20.14 -6.46
C2 PCW S . 24.53 -20.11 -7.87
C3 PCW S . 23.95 -21.26 -8.70
C4 PCW S . 20.82 -19.76 -3.09
C5 PCW S . 20.03 -21.08 -2.84
C6 PCW S . 18.99 -22.54 -1.24
C7 PCW S . 20.69 -21.13 -0.34
C8 PCW S . 18.66 -20.13 -1.10
C11 PCW S . 24.59 -23.49 -8.17
C12 PCW S . 24.51 -24.11 -9.60
C13 PCW S . 25.70 -25.09 -9.87
C14 PCW S . 26.72 -24.52 -10.91
C15 PCW S . 27.28 -23.13 -10.52
C16 PCW S . 27.32 -22.09 -11.68
C17 PCW S . 26.91 -22.67 -13.07
C18 PCW S . 27.97 -22.43 -14.19
C19 PCW S . 29.42 -22.26 -13.62
C20 PCW S . 30.42 -21.88 -14.43
C31 PCW S . 25.33 -18.22 -9.06
C32 PCW S . 25.81 -16.86 -8.48
C33 PCW S . 26.44 -15.95 -9.58
C34 PCW S . 25.38 -15.43 -10.60
C35 PCW S . 25.78 -15.70 -12.08
C36 PCW S . 27.29 -15.37 -12.37
C37 PCW S . 28.16 -16.61 -12.78
C38 PCW S . 27.36 -17.94 -12.95
C39 PCW S . 27.95 -18.83 -14.08
C40 PCW S . 28.30 -18.26 -15.25
C41 PCW S . 28.89 -19.14 -16.37
C42 PCW S . 29.75 -18.33 -17.37
C43 PCW S . 30.68 -17.31 -16.66
C44 PCW S . 31.64 -16.60 -17.64
C45 PCW S . 31.63 -15.06 -17.47
N PCW S . 19.64 -21.21 -1.39
O2 PCW S . 24.21 -18.87 -8.48
O3 PCW S . 23.77 -22.39 -7.82
O11 PCW S . 25.34 -23.95 -7.38
O31 PCW S . 25.89 -18.70 -9.99
O1P PCW S . 23.75 -18.70 -3.73
O2P PCW S . 21.94 -17.33 -4.70
O3P PCW S . 23.22 -18.97 -6.26
O4P PCW S . 21.50 -19.86 -4.33
P PCW S . 22.62 -18.68 -4.72
C1 PCW T . 41.71 -12.29 -31.87
C2 PCW T . 41.61 -13.40 -30.83
C3 PCW T . 40.67 -12.98 -29.67
C4 PCW T . 41.14 -11.03 -35.34
C5 PCW T . 41.40 -12.34 -36.15
C6 PCW T . 42.14 -10.80 -37.98
C7 PCW T . 43.35 -12.83 -37.76
C8 PCW T . 41.07 -12.93 -38.42
C11 PCW T . 40.82 -11.69 -27.66
C12 PCW T . 39.53 -12.24 -26.99
C13 PCW T . 39.85 -12.97 -25.64
C14 PCW T . 39.71 -12.02 -24.40
C15 PCW T . 38.23 -11.81 -23.97
C16 PCW T . 37.77 -12.83 -22.90
C17 PCW T . 38.88 -13.16 -21.84
C18 PCW T . 38.65 -12.44 -20.47
C19 PCW T . 37.18 -11.97 -20.24
C31 PCW T . 41.83 -15.76 -31.31
C32 PCW T . 41.21 -17.01 -30.61
C33 PCW T . 39.86 -16.69 -29.89
C34 PCW T . 39.40 -17.86 -28.97
C35 PCW T . 39.19 -17.38 -27.48
C36 PCW T . 37.89 -16.51 -27.33
C37 PCW T . 36.59 -17.30 -27.73
C38 PCW T . 35.33 -16.84 -26.92
C39 PCW T . 35.00 -17.79 -25.74
C40 PCW T . 35.23 -17.41 -24.47
C41 PCW T . 35.82 -16.01 -24.16
C42 PCW T . 34.83 -15.12 -23.37
C43 PCW T . 34.25 -15.85 -22.14
C44 PCW T . 33.69 -14.87 -21.07
N PCW T . 42.01 -12.21 -37.53
O2 PCW T . 41.06 -14.55 -31.43
O3 PCW T . 41.51 -12.47 -28.64
O11 PCW T . 41.24 -10.62 -27.36
O31 PCW T . 42.93 -15.81 -31.76
O1P PCW T . 38.70 -10.03 -32.68
O2P PCW T . 40.98 -9.19 -33.13
O3P PCW T . 40.71 -11.31 -31.65
O4P PCW T . 40.18 -11.35 -34.33
P PCW T . 40.13 -10.43 -32.94
C13 PCW U . 32.34 -11.57 0.47
C14 PCW U . 33.22 -10.30 0.59
C15 PCW U . 33.63 -9.73 -0.81
C16 PCW U . 35.17 -9.72 -1.01
C17 PCW U . 35.79 -8.31 -0.75
C18 PCW U . 36.84 -7.93 -1.83
C19 PCW U . 36.37 -8.30 -3.26
C20 PCW U . 37.25 -8.55 -4.24
C21 PCW U . 38.78 -8.47 -3.97
C22 PCW U . 39.56 -7.76 -5.13
C23 PCW U . 40.43 -6.60 -4.61
C12 PCW V . 33.48 0.01 2.52
C13 PCW V . 33.65 0.76 1.17
C14 PCW V . 33.78 -0.22 -0.04
C15 PCW V . 34.17 0.44 -1.39
C16 PCW V . 34.09 2.00 -1.41
C17 PCW V . 35.39 2.62 -2.01
C18 PCW V . 35.70 2.04 -3.42
C19 PCW V . 37.02 2.60 -4.00
C20 PCW V . 37.30 3.91 -3.90
C21 PCW V . 38.62 4.47 -4.47
C22 PCW V . 39.28 3.53 -5.52
C23 PCW V . 40.75 3.92 -5.84
C24 PCW V . 41.16 3.55 -7.27
C01 QUS W . 1.74 -5.86 40.81
C02 QUS W . 2.81 -5.48 39.65
C03 QUS W . 3.13 -6.76 38.87
C04 QUS W . 2.69 -6.33 36.43
C05 QUS W . 4.69 -5.94 35.77
NP3 QUS W . 3.98 -4.96 40.21
N14 QUS W . 3.53 -6.43 37.45
N15 QUS W . 3.42 -6.01 35.34
O16 QUS W . 1.08 -6.90 40.73
O17 QUS W . 1.58 -5.10 41.78
O18 QUS W . 1.29 -6.52 36.48
O19 QUS W . 5.84 -5.62 34.95
O20 QUS W . 4.74 -6.18 37.03
C1 PCW X . 21.07 -8.35 -48.93
C2 PCW X . 19.72 -8.60 -49.58
C3 PCW X . 19.12 -9.93 -49.08
C4 PCW X . 21.70 -3.52 -48.10
C5 PCW X . 21.63 -2.52 -49.29
C6 PCW X . 21.45 -0.27 -50.05
C7 PCW X . 19.57 -1.01 -48.82
C8 PCW X . 21.64 -0.68 -47.67
C11 PCW X . 16.74 -10.01 -48.79
C12 PCW X . 15.44 -9.78 -47.96
C13 PCW X . 14.34 -10.84 -48.29
C14 PCW X . 14.21 -11.90 -47.15
C15 PCW X . 12.96 -11.67 -46.27
C16 PCW X . 13.27 -10.80 -45.03
C17 PCW X . 12.30 -9.59 -44.89
C18 PCW X . 12.73 -8.59 -43.78
C19 PCW X . 12.14 -8.95 -42.39
C31 PCW X . 18.20 -6.94 -50.35
C32 PCW X . 18.18 -5.39 -50.46
C33 PCW X . 18.30 -4.69 -49.06
C34 PCW X . 17.06 -4.97 -48.14
C35 PCW X . 16.48 -3.64 -47.55
C36 PCW X . 15.02 -3.84 -46.98
C37 PCW X . 14.95 -5.00 -45.90
C38 PCW X . 13.72 -4.85 -44.95
C39 PCW X . 12.45 -4.38 -45.69
C40 PCW X . 11.87 -3.20 -45.39
C41 PCW X . 10.60 -2.74 -46.14
C42 PCW X . 9.32 -3.44 -45.61
C43 PCW X . 9.02 -3.08 -44.13
C44 PCW X . 8.73 -4.34 -43.27
N PCW X . 21.04 -1.17 -48.94
O2 PCW X . 18.83 -7.57 -49.24
O3 PCW X . 18.00 -9.61 -48.25
O11 PCW X . 16.67 -10.52 -49.86
O31 PCW X . 17.70 -7.61 -51.20
O1P PCW X . 23.48 -6.85 -47.58
O2P PCW X . 21.31 -6.03 -46.75
O3P PCW X . 21.42 -7.00 -49.17
O4P PCW X . 22.54 -4.60 -48.49
P PCW X . 22.20 -6.13 -47.96
C15 PCW Y . 9.94 -31.49 -30.22
C16 PCW Y . 11.16 -30.76 -30.83
C17 PCW Y . 10.76 -29.51 -31.70
C18 PCW Y . 11.93 -29.01 -32.59
C19 PCW Y . 13.31 -29.19 -31.91
C20 PCW Y . 14.41 -28.57 -32.38
C21 PCW Y . 14.33 -27.66 -33.64
C22 PCW Y . 15.60 -26.78 -33.81
C23 PCW Y . 16.35 -27.09 -35.14
C13 PCW Z . -9.10 1.84 -31.48
C14 PCW Z . -8.76 1.53 -32.97
C15 PCW Z . -7.41 0.78 -33.14
C16 PCW Z . -6.29 1.62 -33.78
C17 PCW Z . -6.79 2.82 -34.64
C18 PCW Z . -6.20 2.82 -36.09
C19 PCW Z . -5.89 1.39 -36.61
C20 PCW Z . -5.11 1.22 -37.70
C21 PCW Z . -4.54 2.44 -38.46
C22 PCW Z . -3.14 2.14 -39.08
C23 PCW Z . -2.91 2.93 -40.40
C1 PCW AA . -3.98 -8.40 -34.12
C2 PCW AA . -2.56 -8.59 -33.62
C3 PCW AA . -1.57 -7.75 -34.46
C4 PCW AA . -5.23 -5.54 -38.22
C5 PCW AA . -4.31 -4.93 -39.33
C6 PCW AA . -5.91 -4.04 -40.90
C7 PCW AA . -5.56 -2.69 -38.96
C8 PCW AA . -3.77 -2.92 -40.52
C11 PCW AA . 0.71 -7.98 -35.20
C12 PCW AA . 1.25 -9.21 -35.96
C13 PCW AA . 1.94 -10.24 -35.00
C14 PCW AA . 3.47 -10.42 -35.30
C15 PCW AA . 4.36 -9.88 -34.14
C16 PCW AA . 5.55 -9.05 -34.67
C17 PCW AA . 5.14 -8.06 -35.83
C18 PCW AA . 6.34 -7.63 -36.72
C19 PCW AA . 7.72 -7.78 -36.01
C20 PCW AA . 8.70 -6.88 -36.22
C21 PCW AA . 8.48 -5.66 -37.17
C22 PCW AA . 9.66 -4.65 -37.12
C23 PCW AA . 10.60 -4.79 -38.35
C24 PCW AA . 12.07 -4.40 -38.02
C25 PCW AA . 13.08 -5.01 -39.03
C26 PCW AA . 14.54 -4.91 -38.54
C27 PCW AA . 15.37 -3.88 -39.37
C28 PCW AA . 15.82 -4.48 -40.72
C31 PCW AA . -1.61 -9.08 -31.49
C32 PCW AA . -0.72 -8.46 -30.37
C33 PCW AA . 0.51 -9.36 -30.03
C34 PCW AA . 1.65 -8.59 -29.31
C35 PCW AA . 2.11 -7.32 -30.12
C36 PCW AA . 3.18 -7.66 -31.21
C37 PCW AA . 4.37 -6.61 -31.21
C38 PCW AA . 5.50 -7.04 -30.22
C39 PCW AA . 6.75 -6.12 -30.28
C40 PCW AA . 6.60 -4.80 -30.52
C41 PCW AA . 7.86 -3.89 -30.58
C42 PCW AA . 8.74 -4.22 -31.80
C43 PCW AA . 8.98 -2.97 -32.68
C44 PCW AA . 9.45 -1.77 -31.81
C45 PCW AA . 9.95 -0.59 -32.66
N PCW AA . -4.90 -3.65 -39.89
O2 PCW AA . -2.47 -8.22 -32.27
O3 PCW AA . -0.23 -8.16 -34.15
O11 PCW AA . 1.09 -6.88 -35.48
O31 PCW AA . -1.59 -10.24 -31.69
O1P PCW AA . -5.57 -8.74 -36.54
O2P PCW AA . -6.41 -6.54 -35.83
O3P PCW AA . -4.05 -7.30 -35.00
O4P PCW AA . -4.52 -6.61 -37.60
P PCW AA . -5.18 -7.31 -36.25
C1 PCW BA . -0.02 -14.91 -29.31
C2 PCW BA . 1.00 -14.14 -30.14
C3 PCW BA . 0.26 -13.34 -31.24
C4 PCW BA . -2.39 -13.92 -25.03
C5 PCW BA . -1.88 -13.90 -23.55
C6 PCW BA . -2.89 -16.12 -23.26
C7 PCW BA . -0.51 -16.08 -23.22
C8 PCW BA . -1.69 -15.04 -21.46
C11 PCW BA . -0.91 -13.76 -33.28
C12 PCW BA . 0.18 -13.53 -34.35
C13 PCW BA . 0.41 -14.79 -35.26
C14 PCW BA . 1.53 -15.72 -34.69
C15 PCW BA . 2.81 -14.93 -34.30
C16 PCW BA . 4.10 -15.56 -34.87
C17 PCW BA . 4.27 -15.26 -36.40
C18 PCW BA . 5.73 -15.52 -36.90
C19 PCW BA . 6.55 -14.21 -36.98
C20 PCW BA . 5.97 -13.07 -37.43
C31 PCW BA . 3.00 -12.89 -29.79
C32 PCW BA . 3.75 -11.68 -29.15
C33 PCW BA . 5.29 -11.92 -29.10
C34 PCW BA . 6.09 -10.64 -29.47
C35 PCW BA . 6.47 -10.61 -30.99
C36 PCW BA . 7.81 -11.37 -31.27
C37 PCW BA . 8.92 -10.45 -31.89
C38 PCW BA . 8.85 -8.97 -31.39
C39 PCW BA . 9.86 -8.07 -32.15
C40 PCW BA . 10.91 -7.56 -31.52
C41 PCW BA . 11.89 -6.67 -32.32
C42 PCW BA . 12.10 -7.27 -33.74
C43 PCW BA . 13.44 -6.86 -34.38
C44 PCW BA . 13.52 -7.28 -35.87
C45 PCW BA . 13.20 -8.78 -36.08
N PCW BA . -1.72 -15.27 -22.92
O2 PCW BA . 1.70 -13.24 -29.31
O3 PCW BA . -0.55 -14.26 -31.99
O11 PCW BA . -2.06 -13.53 -33.54
O31 PCW BA . 3.51 -13.51 -30.66
O1P PCW BA . -0.81 -15.77 -26.51
O2P PCW BA . 1.00 -14.08 -26.35
O3P PCW BA . -0.62 -14.00 -28.40
O4P PCW BA . -1.42 -13.32 -25.87
P PCW BA . -0.43 -14.32 -26.77
C1 PCW CA . 6.50 -22.72 -26.28
C2 PCW CA . 6.46 -22.25 -27.72
C3 PCW CA . 6.24 -20.72 -27.81
C4 PCW CA . 6.21 -27.12 -26.06
C5 PCW CA . 7.52 -27.46 -26.82
C6 PCW CA . 7.85 -29.83 -26.95
C7 PCW CA . 6.02 -29.03 -28.25
C8 PCW CA . 8.22 -28.42 -28.89
C11 PCW CA . 5.58 -19.32 -29.66
C12 PCW CA . 7.04 -18.95 -30.03
C13 PCW CA . 7.20 -18.62 -31.55
C14 PCW CA . 8.55 -17.91 -31.87
C15 PCW CA . 8.51 -16.40 -31.51
C16 PCW CA . 8.69 -15.48 -32.76
C17 PCW CA . 9.96 -15.85 -33.59
C18 PCW CA . 11.26 -15.21 -33.00
C19 PCW CA . 11.98 -14.27 -34.00
C20 PCW CA . 11.66 -12.96 -34.07
C31 PCW CA . 8.91 -22.59 -27.82
C32 PCW CA . 9.79 -23.87 -27.84
C33 PCW CA . 10.92 -23.79 -28.92
C34 PCW CA . 10.53 -22.90 -30.15
C35 PCW CA . 11.26 -21.51 -30.15
C36 PCW CA . 12.76 -21.64 -29.74
C37 PCW CA . 13.74 -21.28 -30.92
C38 PCW CA . 14.19 -22.53 -31.75
C39 PCW CA . 13.18 -22.89 -32.88
C40 PCW CA . 13.34 -22.44 -34.13
C41 PCW CA . 14.55 -21.55 -34.52
C42 PCW CA . 14.10 -20.16 -35.03
C43 PCW CA . 13.02 -20.25 -36.13
C44 PCW CA . 13.60 -20.14 -37.55
C45 PCW CA . 12.49 -20.03 -38.63
N PCW CA . 7.36 -28.66 -27.71
O2 PCW CA . 7.62 -22.63 -28.45
O3 PCW CA . 5.30 -20.46 -28.85
O11 PCW CA . 4.67 -18.65 -30.07
O31 PCW CA . 9.35 -21.61 -27.32
O1P PCW CA . 8.64 -24.95 -24.94
O2P PCW CA . 6.68 -24.15 -23.67
O3P PCW CA . 6.55 -24.13 -26.26
O4P PCW CA . 6.53 -26.46 -24.84
P PCW CA . 7.13 -24.90 -24.90
C01 QUS DA . -30.46 -31.73 5.64
C02 QUS DA . -29.35 -30.85 4.84
C03 QUS DA . -28.85 -31.65 3.63
C04 QUS DA . -27.01 -30.87 2.05
C05 QUS DA . -25.42 -30.66 3.50
NP3 QUS DA . -28.29 -30.57 5.68
N14 QUS DA . -27.44 -31.20 3.28
N15 QUS DA . -25.71 -30.52 2.20
O16 QUS DA . -30.09 -32.56 6.49
O17 QUS DA . -31.66 -31.54 5.44
O18 QUS DA . -27.76 -30.88 0.86
O19 QUS DA . -24.14 -30.40 4.12
O20 QUS DA . -26.47 -31.07 4.13
#